data_6UME
#
_entry.id   6UME
#
_cell.length_a   100.872
_cell.length_b   139.088
_cell.length_c   178.237
_cell.angle_alpha   90.000
_cell.angle_beta   90.000
_cell.angle_gamma   90.000
#
_symmetry.space_group_name_H-M   'P 21 21 21'
#
loop_
_entity.id
_entity.type
_entity.pdbx_description
1 polymer 'Glutaminase kidney isoform, mitochondrial'
2 non-polymer 2-(pyridin-3-yl)-N-(5-{4-[(5-{[(pyridin-3-yl)acetyl]amino}-1,3,4-thiadiazol-2-yl)amino]piperidin-1-yl}-1,3,4-thiadiazol-2-yl)acetamide
#
_entity_poly.entity_id   1
_entity_poly.type   'polypeptide(L)'
_entity_poly.pdbx_seq_one_letter_code
;LSSSPSEILQELGKGSTHPQPGVSPPAAPAAPGPKDGPGETDAFGNSEGKELVASGENKIKQGLLPSLEDLLFYTIAEGQ
EKIPVHKFITALKSTGLRTSDPRLKECMDMLRLTLQTTSDGVMLDKDLFKKCVQSNIVLLTQAFRRKFVIPDFMSFTSHI
DELYESAKKQSGGKVADYIPQLAKFSPDLWGVSVCTADGQRHSTGDTKVPFCLQSCVKPLKYAIAVNDLGTEYVHRYVGK
EPSGLRFNKLFLNEDDKPHNPMVNAGAIVVTSLIKQGVNNAEKFDYVMQFLNKMAGNEYVGFSNATFQSERESGDRNFAI
GYYLKEKKCFPEGTDMVGILDFYFQLCSIEVTCESASVMAATLANGGFCPITGERVLSPEAVRNTLSLMHSCGMYDFSGQ
FAFHVGLPAKSGVAGGILLVVPNVMGMMCWSPPLDKMGNSVKGIHFCHDLVSLCNFHNYDNLRHFAKKLDPRREGGDQRH
SFGPLDYESLQQELALKETVWKKVSPESNEDISTTVVYRMESLGEKS
;
_entity_poly.pdbx_strand_id   A,B,C,D
#
loop_
_chem_comp.id
_chem_comp.type
_chem_comp.name
_chem_comp.formula
QAJ non-polymer 2-(pyridin-3-yl)-N-(5-{4-[(5-{[(pyridin-3-yl)acetyl]amino}-1,3,4-thiadiazol-2-yl)amino]piperidin-1-yl}-1,3,4-thiadiazol-2-yl)acetamide 'C23 H24 N10 O2 S2'
#
# COMPACT_ATOMS: atom_id res chain seq x y z
N PRO A 66 -38.86 12.89 -23.65
CA PRO A 66 -39.03 12.34 -22.30
C PRO A 66 -38.56 13.26 -21.20
N SER A 67 -39.06 12.98 -19.99
CA SER A 67 -38.56 13.62 -18.78
C SER A 67 -39.31 13.07 -17.54
N LEU A 68 -38.58 12.91 -16.41
CA LEU A 68 -39.01 12.15 -15.21
C LEU A 68 -40.35 12.54 -14.59
N GLU A 69 -40.72 13.80 -14.67
CA GLU A 69 -41.96 14.19 -14.02
C GLU A 69 -43.15 13.49 -14.65
N ASP A 70 -43.19 13.42 -15.99
CA ASP A 70 -44.32 12.77 -16.64
C ASP A 70 -44.19 11.26 -16.65
N LEU A 71 -42.97 10.75 -16.78
CA LEU A 71 -42.78 9.31 -16.66
C LEU A 71 -43.38 8.84 -15.35
N LEU A 72 -43.11 9.58 -14.28
CA LEU A 72 -43.79 9.34 -13.01
C LEU A 72 -45.29 9.64 -13.09
N PHE A 73 -45.66 10.69 -13.84
CA PHE A 73 -47.06 11.08 -13.96
C PHE A 73 -47.89 9.97 -14.60
N TYR A 74 -47.36 9.39 -15.68
CA TYR A 74 -48.02 8.39 -16.51
C TYR A 74 -48.10 7.05 -15.77
N THR A 75 -47.13 6.77 -14.88
CA THR A 75 -47.10 5.55 -14.09
C THR A 75 -48.17 5.55 -13.00
N ILE A 76 -48.45 6.72 -12.42
CA ILE A 76 -49.56 6.84 -11.50
C ILE A 76 -50.88 7.12 -12.19
N ALA A 77 -50.87 7.87 -13.31
CA ALA A 77 -52.12 8.28 -13.93
C ALA A 77 -52.88 7.07 -14.43
N GLU A 78 -52.16 6.03 -14.86
CA GLU A 78 -52.74 4.75 -15.26
C GLU A 78 -53.43 4.86 -16.61
N GLY A 79 -52.86 5.71 -17.47
CA GLY A 79 -53.44 6.06 -18.74
C GLY A 79 -54.51 7.11 -18.68
N GLN A 80 -55.02 7.43 -17.50
CA GLN A 80 -56.08 8.42 -17.38
C GLN A 80 -55.45 9.81 -17.40
N GLU A 81 -56.28 10.84 -17.39
CA GLU A 81 -55.75 12.20 -17.51
C GLU A 81 -55.79 13.00 -16.21
N LYS A 82 -56.45 12.52 -15.16
CA LYS A 82 -56.36 13.19 -13.88
C LYS A 82 -55.75 12.25 -12.84
N ILE A 83 -55.08 12.84 -11.85
CA ILE A 83 -54.70 12.13 -10.64
C ILE A 83 -55.43 12.79 -9.48
N PRO A 84 -56.36 12.12 -8.82
CA PRO A 84 -56.79 12.62 -7.51
C PRO A 84 -55.58 12.69 -6.60
N VAL A 85 -55.55 13.69 -5.72
CA VAL A 85 -54.35 13.88 -4.90
C VAL A 85 -54.22 12.76 -3.87
N HIS A 86 -55.34 12.20 -3.42
CA HIS A 86 -55.27 11.08 -2.49
C HIS A 86 -54.71 9.84 -3.16
N LYS A 87 -55.01 9.64 -4.45
CA LYS A 87 -54.49 8.48 -5.15
C LYS A 87 -52.98 8.57 -5.30
N PHE A 88 -52.45 9.78 -5.45
CA PHE A 88 -51.00 9.95 -5.43
C PHE A 88 -50.46 9.78 -4.03
N ILE A 89 -51.21 10.25 -3.04
CA ILE A 89 -50.66 10.25 -1.68
C ILE A 89 -50.73 8.85 -1.10
N THR A 90 -51.82 8.10 -1.35
CA THR A 90 -51.86 6.72 -0.83
C THR A 90 -50.89 5.82 -1.58
N ALA A 91 -50.73 6.05 -2.89
CA ALA A 91 -49.61 5.45 -3.62
C ALA A 91 -48.27 5.76 -2.95
N LEU A 92 -48.11 6.96 -2.41
CA LEU A 92 -46.87 7.35 -1.74
C LEU A 92 -46.69 6.65 -0.41
N LYS A 93 -47.71 6.67 0.44
CA LYS A 93 -47.61 6.04 1.76
C LYS A 93 -47.36 4.54 1.61
N SER A 94 -47.88 3.93 0.54
CA SER A 94 -47.70 2.50 0.30
C SER A 94 -46.24 2.14 0.11
N THR A 95 -45.43 3.10 -0.35
CA THR A 95 -44.00 2.85 -0.37
C THR A 95 -43.41 2.89 1.03
N GLY A 96 -44.17 3.29 2.03
CA GLY A 96 -43.66 3.37 3.36
C GLY A 96 -43.16 4.73 3.75
N LEU A 97 -42.95 5.63 2.78
CA LEU A 97 -42.60 6.99 3.13
C LEU A 97 -43.78 7.63 3.86
N ARG A 98 -43.47 8.65 4.65
CA ARG A 98 -44.49 9.45 5.32
C ARG A 98 -44.51 10.82 4.70
N THR A 99 -45.71 11.41 4.60
CA THR A 99 -45.76 12.73 3.97
C THR A 99 -44.99 13.77 4.78
N SER A 100 -44.78 13.51 6.07
CA SER A 100 -43.95 14.37 6.89
C SER A 100 -42.46 14.24 6.63
N ASP A 101 -42.02 13.28 5.78
CA ASP A 101 -40.61 13.08 5.49
C ASP A 101 -39.95 14.41 5.14
N PRO A 102 -38.82 14.76 5.75
CA PRO A 102 -38.16 16.05 5.44
C PRO A 102 -37.76 16.21 3.97
N ARG A 103 -37.39 15.14 3.28
CA ARG A 103 -37.00 15.20 1.86
C ARG A 103 -38.18 15.29 0.92
N LEU A 104 -39.40 15.41 1.45
CA LEU A 104 -40.61 15.58 0.65
C LEU A 104 -41.36 16.88 0.92
N LYS A 105 -40.83 17.78 1.76
CA LYS A 105 -41.72 18.83 2.25
C LYS A 105 -41.99 19.89 1.18
N GLU A 106 -41.04 20.11 0.26
CA GLU A 106 -41.28 21.02 -0.87
C GLU A 106 -42.41 20.51 -1.74
N CYS A 107 -42.53 19.19 -1.90
CA CYS A 107 -43.59 18.65 -2.73
C CYS A 107 -44.93 18.76 -2.02
N MET A 108 -44.93 18.59 -0.70
CA MET A 108 -46.16 18.72 0.07
C MET A 108 -46.56 20.16 0.28
N ASP A 109 -45.58 21.07 0.39
CA ASP A 109 -45.92 22.49 0.50
C ASP A 109 -46.69 22.90 -0.73
N MET A 110 -46.17 22.54 -1.91
CA MET A 110 -46.81 22.92 -3.14
C MET A 110 -48.02 22.06 -3.45
N LEU A 111 -48.22 20.97 -2.71
CA LEU A 111 -49.45 20.25 -2.93
C LEU A 111 -50.65 20.93 -2.28
N ARG A 112 -50.63 21.23 -1.00
CA ARG A 112 -51.83 21.92 -0.55
C ARG A 112 -51.79 23.43 -0.86
N LEU A 113 -50.66 23.96 -1.35
CA LEU A 113 -50.76 25.28 -1.97
C LEU A 113 -51.74 25.23 -3.12
N THR A 114 -51.64 24.19 -3.94
CA THR A 114 -52.55 24.07 -5.07
C THR A 114 -53.89 23.47 -4.65
N LEU A 115 -54.00 22.87 -3.47
CA LEU A 115 -55.35 22.59 -3.01
C LEU A 115 -55.95 23.80 -2.33
N GLN A 116 -55.22 24.91 -2.35
CA GLN A 116 -55.74 26.24 -2.05
C GLN A 116 -56.02 27.06 -3.31
N THR A 117 -55.14 27.04 -4.32
CA THR A 117 -55.33 27.80 -5.55
C THR A 117 -56.69 27.57 -6.21
N THR A 118 -57.04 26.31 -6.56
CA THR A 118 -58.39 25.99 -7.02
C THR A 118 -58.76 24.77 -6.17
N SER A 119 -59.25 25.10 -4.97
CA SER A 119 -59.66 24.24 -3.86
C SER A 119 -61.08 23.60 -4.02
N ASP A 120 -61.52 23.33 -5.26
CA ASP A 120 -62.51 22.27 -5.51
C ASP A 120 -62.16 21.73 -6.88
N GLY A 121 -61.94 20.41 -6.95
CA GLY A 121 -61.29 19.84 -8.10
C GLY A 121 -59.98 19.16 -7.74
N VAL A 122 -60.03 18.09 -6.95
CA VAL A 122 -58.86 17.57 -6.25
C VAL A 122 -57.86 16.92 -7.22
N MET A 123 -57.99 17.21 -8.52
CA MET A 123 -57.28 16.47 -9.55
C MET A 123 -56.17 17.29 -10.20
N LEU A 124 -55.22 16.55 -10.79
CA LEU A 124 -53.88 17.01 -11.16
C LEU A 124 -53.64 16.81 -12.64
N ASP A 125 -53.44 17.92 -13.35
CA ASP A 125 -53.08 17.85 -14.76
C ASP A 125 -51.67 17.31 -14.88
N LYS A 126 -51.24 17.12 -16.13
CA LYS A 126 -49.87 16.70 -16.38
C LYS A 126 -48.88 17.78 -15.95
N ASP A 127 -49.24 19.04 -16.18
CA ASP A 127 -48.37 20.15 -15.81
C ASP A 127 -48.49 20.52 -14.34
N LEU A 128 -49.61 20.20 -13.71
CA LEU A 128 -49.77 20.48 -12.29
C LEU A 128 -49.05 19.43 -11.43
N PHE A 129 -49.02 18.18 -11.88
CA PHE A 129 -48.21 17.19 -11.19
C PHE A 129 -46.73 17.55 -11.29
N LYS A 130 -46.27 18.02 -12.45
CA LYS A 130 -44.83 18.27 -12.58
C LYS A 130 -44.42 19.56 -11.84
N LYS A 131 -45.36 20.48 -11.57
CA LYS A 131 -45.05 21.61 -10.67
C LYS A 131 -44.88 21.17 -9.21
N CYS A 132 -45.59 20.12 -8.76
CA CYS A 132 -45.58 19.76 -7.35
C CYS A 132 -44.42 18.85 -6.98
N VAL A 133 -44.11 17.88 -7.85
CA VAL A 133 -43.10 16.90 -7.52
C VAL A 133 -41.73 17.25 -8.07
N GLN A 134 -41.60 18.39 -8.75
CA GLN A 134 -40.39 18.67 -9.52
C GLN A 134 -39.13 18.71 -8.66
N SER A 135 -39.20 19.22 -7.44
CA SER A 135 -37.95 19.41 -6.71
C SER A 135 -37.57 18.21 -5.88
N ASN A 136 -38.46 17.23 -5.69
CA ASN A 136 -38.15 15.98 -5.00
C ASN A 136 -38.27 14.76 -5.91
N ILE A 137 -38.10 14.98 -7.22
CA ILE A 137 -38.50 13.95 -8.17
C ILE A 137 -37.61 12.71 -8.06
N VAL A 138 -36.32 12.87 -7.73
CA VAL A 138 -35.44 11.69 -7.73
C VAL A 138 -35.91 10.69 -6.67
N LEU A 139 -36.21 11.19 -5.47
CA LEU A 139 -36.64 10.30 -4.41
C LEU A 139 -38.07 9.83 -4.62
N LEU A 140 -38.83 10.55 -5.44
CA LEU A 140 -40.17 10.07 -5.72
C LEU A 140 -40.18 8.98 -6.80
N THR A 141 -39.22 9.00 -7.72
CA THR A 141 -39.18 7.91 -8.70
C THR A 141 -38.68 6.62 -8.07
N GLN A 142 -37.60 6.69 -7.29
CA GLN A 142 -37.08 5.47 -6.67
C GLN A 142 -38.13 4.84 -5.78
N ALA A 143 -38.95 5.68 -5.15
CA ALA A 143 -40.07 5.18 -4.37
C ALA A 143 -41.08 4.46 -5.25
N PHE A 144 -41.35 5.01 -6.43
CA PHE A 144 -42.41 4.49 -7.27
C PHE A 144 -41.91 3.45 -8.27
N ARG A 145 -40.65 3.53 -8.70
CA ARG A 145 -40.02 2.47 -9.48
C ARG A 145 -39.55 1.31 -8.61
N ARG A 146 -40.14 1.21 -7.42
CA ARG A 146 -39.85 0.15 -6.46
C ARG A 146 -38.35 -0.08 -6.29
N LYS A 147 -37.58 1.01 -6.13
CA LYS A 147 -36.14 0.88 -6.02
C LYS A 147 -35.63 1.14 -4.60
N PHE A 148 -36.50 1.09 -3.60
CA PHE A 148 -36.03 1.16 -2.23
C PHE A 148 -35.57 -0.22 -1.74
N VAL A 149 -34.76 -0.20 -0.68
CA VAL A 149 -34.09 -1.43 -0.27
C VAL A 149 -35.09 -2.55 0.03
N ILE A 150 -36.27 -2.20 0.52
CA ILE A 150 -37.37 -3.15 0.71
C ILE A 150 -38.51 -2.79 -0.25
N PRO A 151 -38.65 -3.46 -1.40
CA PRO A 151 -39.61 -2.98 -2.39
C PRO A 151 -41.07 -3.21 -2.02
N ASP A 152 -41.42 -4.37 -1.47
CA ASP A 152 -42.81 -4.62 -1.06
C ASP A 152 -42.92 -4.30 0.42
N PHE A 153 -42.99 -3.02 0.72
CA PHE A 153 -42.99 -2.64 2.11
C PHE A 153 -44.28 -3.04 2.80
N MET A 154 -45.37 -3.26 2.08
CA MET A 154 -46.59 -3.41 2.84
C MET A 154 -46.78 -4.84 3.34
N SER A 155 -46.24 -5.82 2.61
CA SER A 155 -46.19 -7.17 3.14
C SER A 155 -45.19 -7.27 4.28
N PHE A 156 -44.03 -6.62 4.13
CA PHE A 156 -43.03 -6.67 5.19
C PHE A 156 -43.61 -6.20 6.51
N THR A 157 -44.35 -5.09 6.49
CA THR A 157 -44.96 -4.59 7.71
C THR A 157 -46.04 -5.55 8.21
N SER A 158 -46.75 -6.21 7.30
CA SER A 158 -47.64 -7.28 7.73
C SER A 158 -46.87 -8.30 8.56
N HIS A 159 -45.66 -8.68 8.13
CA HIS A 159 -44.84 -9.62 8.88
C HIS A 159 -44.39 -9.04 10.21
N ILE A 160 -43.92 -7.79 10.19
CA ILE A 160 -43.57 -7.08 11.41
C ILE A 160 -44.72 -7.14 12.40
N ASP A 161 -45.96 -7.08 11.88
CA ASP A 161 -47.13 -7.05 12.76
C ASP A 161 -47.29 -8.38 13.51
N GLU A 162 -47.18 -9.53 12.82
CA GLU A 162 -47.32 -10.75 13.59
C GLU A 162 -46.08 -11.04 14.43
N LEU A 163 -44.89 -10.63 13.96
CA LEU A 163 -43.71 -10.73 14.81
C LEU A 163 -43.93 -9.95 16.10
N TYR A 164 -44.42 -8.72 16.00
CA TYR A 164 -44.80 -7.96 17.19
C TYR A 164 -45.90 -8.67 17.96
N GLU A 165 -46.86 -9.26 17.24
CA GLU A 165 -48.01 -9.75 17.98
C GLU A 165 -47.76 -11.09 18.64
N SER A 166 -46.82 -11.90 18.17
CA SER A 166 -46.51 -13.12 18.91
C SER A 166 -45.57 -12.84 20.09
N ALA A 167 -44.70 -11.83 19.98
CA ALA A 167 -43.95 -11.40 21.15
C ALA A 167 -44.83 -10.72 22.18
N LYS A 168 -45.98 -10.14 21.76
CA LYS A 168 -46.89 -9.56 22.75
C LYS A 168 -47.29 -10.61 23.77
N LYS A 169 -47.07 -11.88 23.44
CA LYS A 169 -47.55 -13.01 24.19
C LYS A 169 -46.54 -13.52 25.24
N GLN A 170 -45.45 -12.79 25.48
CA GLN A 170 -44.56 -13.09 26.60
C GLN A 170 -45.01 -12.38 27.88
N SER A 171 -45.84 -13.08 28.66
CA SER A 171 -46.01 -12.82 30.08
C SER A 171 -44.74 -12.22 30.70
N GLY A 172 -43.64 -12.98 30.62
CA GLY A 172 -42.55 -12.88 31.58
C GLY A 172 -41.73 -11.61 31.72
N GLY A 173 -40.74 -11.66 32.62
CA GLY A 173 -39.82 -10.59 32.89
C GLY A 173 -40.23 -9.80 34.12
N LYS A 174 -39.28 -9.03 34.67
CA LYS A 174 -39.55 -8.15 35.80
C LYS A 174 -39.08 -6.76 35.45
N VAL A 175 -39.95 -5.77 35.68
CA VAL A 175 -39.64 -4.38 35.37
C VAL A 175 -38.56 -3.86 36.32
N ALA A 176 -37.62 -3.09 35.77
CA ALA A 176 -36.55 -2.53 36.59
C ALA A 176 -37.15 -1.62 37.65
N ASP A 177 -36.86 -1.91 38.92
CA ASP A 177 -37.36 -1.09 40.02
C ASP A 177 -36.22 -0.47 40.83
N TYR A 178 -35.00 -0.48 40.30
CA TYR A 178 -33.87 0.17 40.96
C TYR A 178 -34.23 1.57 41.42
N ILE A 179 -34.96 2.30 40.59
CA ILE A 179 -35.37 3.67 40.92
C ILE A 179 -36.89 3.73 40.75
N PRO A 180 -37.58 4.65 41.43
CA PRO A 180 -39.04 4.79 41.23
C PRO A 180 -39.47 5.17 39.81
N GLN A 181 -38.54 5.54 38.92
CA GLN A 181 -38.90 6.07 37.61
C GLN A 181 -39.01 5.00 36.52
N LEU A 182 -38.36 3.85 36.69
CA LEU A 182 -38.52 2.74 35.77
C LEU A 182 -39.48 1.69 36.31
N ALA A 183 -39.89 1.82 37.59
CA ALA A 183 -40.98 1.03 38.13
C ALA A 183 -42.36 1.59 37.73
N LYS A 184 -42.45 2.87 37.41
CA LYS A 184 -43.73 3.47 37.03
C LYS A 184 -44.21 3.05 35.65
N PHE A 185 -43.43 2.27 34.91
CA PHE A 185 -43.82 1.84 33.57
C PHE A 185 -44.52 0.49 33.62
N SER A 186 -45.53 0.34 32.78
CA SER A 186 -46.40 -0.83 32.76
C SER A 186 -45.72 -1.97 32.03
N PRO A 187 -45.85 -3.21 32.52
CA PRO A 187 -45.23 -4.36 31.84
C PRO A 187 -45.82 -4.64 30.47
N ASP A 188 -46.99 -4.08 30.16
CA ASP A 188 -47.69 -4.39 28.92
C ASP A 188 -47.40 -3.37 27.83
N LEU A 189 -46.63 -2.34 28.13
CA LEU A 189 -46.11 -1.49 27.08
C LEU A 189 -45.15 -2.32 26.21
N TRP A 190 -45.28 -2.18 24.90
CA TRP A 190 -44.50 -2.95 23.96
C TRP A 190 -44.65 -2.28 22.59
N GLY A 191 -43.56 -1.76 22.08
CA GLY A 191 -43.59 -1.07 20.81
C GLY A 191 -42.36 -1.44 20.02
N VAL A 192 -42.55 -1.48 18.70
CA VAL A 192 -41.46 -1.72 17.77
C VAL A 192 -41.63 -0.74 16.62
N SER A 193 -40.52 -0.17 16.15
CA SER A 193 -40.56 0.75 15.03
C SER A 193 -39.41 0.49 14.09
N VAL A 194 -39.70 0.69 12.81
CA VAL A 194 -38.81 0.38 11.70
C VAL A 194 -38.51 1.68 10.97
N CYS A 195 -37.25 1.84 10.58
CA CYS A 195 -36.90 2.84 9.59
C CYS A 195 -35.85 2.21 8.69
N THR A 196 -36.13 2.14 7.39
CA THR A 196 -35.19 1.50 6.48
C THR A 196 -34.13 2.50 6.05
N ALA A 197 -33.05 2.00 5.43
CA ALA A 197 -31.99 2.89 4.98
C ALA A 197 -32.47 3.90 3.93
N ASP A 198 -33.70 3.77 3.42
CA ASP A 198 -34.27 4.71 2.47
C ASP A 198 -35.36 5.58 3.09
N GLY A 199 -35.64 5.39 4.38
CA GLY A 199 -36.61 6.21 5.07
C GLY A 199 -38.00 5.64 5.17
N GLN A 200 -38.22 4.44 4.66
CA GLN A 200 -39.56 3.84 4.79
C GLN A 200 -39.77 3.44 6.24
N ARG A 201 -40.95 3.74 6.77
CA ARG A 201 -41.21 3.60 8.20
C ARG A 201 -42.43 2.72 8.44
N HIS A 202 -42.45 2.13 9.63
CA HIS A 202 -43.62 1.42 10.16
C HIS A 202 -43.44 1.26 11.65
N SER A 203 -44.55 1.34 12.40
CA SER A 203 -44.54 1.13 13.83
C SER A 203 -45.78 0.35 14.22
N THR A 204 -45.71 -0.30 15.37
CA THR A 204 -46.80 -1.09 15.93
C THR A 204 -46.70 -0.98 17.44
N GLY A 205 -47.82 -0.71 18.09
CA GLY A 205 -47.79 -0.64 19.55
C GLY A 205 -47.39 0.71 20.12
N ASP A 206 -46.84 0.68 21.32
CA ASP A 206 -46.62 1.89 22.14
C ASP A 206 -45.31 2.59 21.75
N THR A 207 -45.33 3.07 20.50
CA THR A 207 -44.14 3.58 19.83
C THR A 207 -43.91 5.06 20.03
N LYS A 208 -44.89 5.79 20.57
CA LYS A 208 -44.77 7.23 20.82
C LYS A 208 -44.65 7.54 22.31
N VAL A 209 -44.30 6.56 23.12
CA VAL A 209 -44.15 6.73 24.58
C VAL A 209 -42.70 6.97 24.88
N PRO A 210 -42.33 8.06 25.57
CA PRO A 210 -40.93 8.34 25.81
C PRO A 210 -40.35 7.47 26.91
N PHE A 211 -39.06 7.19 26.78
CA PHE A 211 -38.31 6.42 27.78
C PHE A 211 -36.85 6.78 27.61
N CYS A 212 -36.03 6.44 28.60
CA CYS A 212 -34.64 6.84 28.54
C CYS A 212 -33.82 5.75 27.86
N LEU A 213 -32.70 6.17 27.28
CA LEU A 213 -31.89 5.20 26.57
C LEU A 213 -31.22 4.27 27.57
N GLN A 214 -30.91 4.80 28.75
CA GLN A 214 -30.01 4.16 29.69
C GLN A 214 -28.76 3.78 28.89
N SER A 215 -28.41 2.50 28.84
CA SER A 215 -27.14 2.16 28.22
C SER A 215 -27.30 1.86 26.74
N CYS A 216 -28.44 2.23 26.16
CA CYS A 216 -28.55 2.35 24.71
C CYS A 216 -27.70 3.51 24.20
N VAL A 217 -27.26 4.41 25.09
CA VAL A 217 -26.48 5.56 24.68
C VAL A 217 -25.01 5.22 24.51
N LYS A 218 -24.56 4.05 24.95
CA LYS A 218 -23.14 3.76 24.86
C LYS A 218 -22.68 3.66 23.40
N PRO A 219 -23.37 2.93 22.51
CA PRO A 219 -22.94 2.94 21.10
C PRO A 219 -23.02 4.32 20.47
N LEU A 220 -24.06 5.09 20.82
CA LEU A 220 -24.19 6.43 20.25
C LEU A 220 -23.03 7.32 20.69
N LYS A 221 -22.70 7.32 21.99
CA LYS A 221 -21.62 8.20 22.41
C LYS A 221 -20.26 7.67 22.02
N TYR A 222 -20.10 6.35 21.97
CA TYR A 222 -18.89 5.78 21.40
C TYR A 222 -18.71 6.28 19.97
N ALA A 223 -19.79 6.27 19.18
CA ALA A 223 -19.69 6.75 17.81
C ALA A 223 -19.29 8.23 17.78
N ILE A 224 -19.93 9.06 18.62
CA ILE A 224 -19.58 10.48 18.66
C ILE A 224 -18.10 10.65 18.97
N ALA A 225 -17.58 9.87 19.92
CA ALA A 225 -16.17 9.99 20.25
C ALA A 225 -15.27 9.64 19.05
N VAL A 226 -15.54 8.51 18.39
CA VAL A 226 -14.72 8.07 17.25
C VAL A 226 -14.88 8.99 16.04
N ASN A 227 -16.08 9.54 15.86
CA ASN A 227 -16.29 10.54 14.81
C ASN A 227 -15.35 11.73 15.01
N ASP A 228 -15.26 12.23 16.24
CA ASP A 228 -14.40 13.38 16.52
C ASP A 228 -12.95 12.98 16.80
N LEU A 229 -12.71 11.80 17.37
CA LEU A 229 -11.37 11.46 17.84
C LEU A 229 -10.69 10.38 17.02
N GLY A 230 -11.44 9.51 16.38
CA GLY A 230 -10.73 8.53 15.59
C GLY A 230 -10.51 7.27 16.38
N THR A 231 -10.39 6.16 15.66
CA THR A 231 -10.34 4.87 16.31
C THR A 231 -9.13 4.76 17.23
N GLU A 232 -7.97 5.17 16.75
CA GLU A 232 -6.75 4.89 17.47
C GLU A 232 -6.68 5.65 18.78
N TYR A 233 -7.05 6.93 18.78
CA TYR A 233 -7.06 7.68 20.03
C TYR A 233 -8.04 7.08 21.03
N VAL A 234 -9.28 6.90 20.59
CA VAL A 234 -10.33 6.41 21.48
C VAL A 234 -9.92 5.06 22.09
N HIS A 235 -9.30 4.20 21.30
CA HIS A 235 -8.97 2.90 21.85
C HIS A 235 -7.60 2.88 22.53
N ARG A 236 -7.03 4.06 22.77
CA ARG A 236 -6.02 4.15 23.81
C ARG A 236 -6.65 3.97 25.18
N TYR A 237 -7.95 4.25 25.30
CA TYR A 237 -8.61 4.35 26.59
C TYR A 237 -9.63 3.26 26.82
N VAL A 238 -10.00 2.51 25.80
CA VAL A 238 -11.00 1.46 25.93
C VAL A 238 -10.62 0.33 25.00
N GLY A 239 -10.85 -0.89 25.44
CA GLY A 239 -10.55 -2.06 24.64
C GLY A 239 -11.59 -2.24 23.55
N LYS A 240 -11.48 -3.37 22.86
CA LYS A 240 -12.41 -3.70 21.79
C LYS A 240 -12.79 -5.18 21.78
N GLU A 241 -12.91 -5.81 22.93
CA GLU A 241 -13.29 -7.22 22.95
C GLU A 241 -14.30 -7.44 24.05
N PRO A 242 -15.14 -8.47 23.94
CA PRO A 242 -15.95 -8.88 25.08
C PRO A 242 -15.07 -9.56 26.12
N SER A 243 -15.43 -9.38 27.39
CA SER A 243 -14.52 -9.79 28.46
C SER A 243 -14.41 -11.30 28.57
N GLY A 244 -15.53 -12.01 28.44
CA GLY A 244 -15.66 -13.41 28.77
C GLY A 244 -16.61 -13.55 29.95
N LEU A 245 -17.51 -14.54 29.93
CA LEU A 245 -18.62 -14.65 30.88
C LEU A 245 -18.31 -15.40 32.16
N ARG A 246 -17.07 -15.39 32.60
CA ARG A 246 -16.86 -15.49 34.03
C ARG A 246 -16.54 -14.10 34.53
N PHE A 247 -16.29 -13.19 33.57
CA PHE A 247 -15.87 -11.80 33.81
C PHE A 247 -16.90 -10.79 33.49
N ASN A 248 -18.10 -11.04 33.86
CA ASN A 248 -18.99 -9.93 33.82
C ASN A 248 -18.66 -8.91 34.92
N LYS A 249 -17.58 -9.13 35.70
CA LYS A 249 -17.36 -8.36 36.92
C LYS A 249 -15.96 -7.75 37.08
N LEU A 250 -15.08 -7.84 36.10
CA LEU A 250 -13.83 -7.11 36.24
C LEU A 250 -13.94 -5.75 35.56
N PHE A 251 -13.20 -4.77 36.09
CA PHE A 251 -13.39 -3.42 35.55
C PHE A 251 -12.46 -3.15 34.38
N LEU A 252 -11.26 -3.70 34.42
CA LEU A 252 -10.22 -3.40 33.45
C LEU A 252 -9.70 -4.70 32.89
N ASN A 253 -9.35 -4.68 31.61
CA ASN A 253 -8.71 -5.83 30.99
C ASN A 253 -7.22 -5.79 31.31
N GLU A 254 -6.44 -6.66 30.68
CA GLU A 254 -5.05 -6.83 31.12
C GLU A 254 -4.16 -5.65 30.77
N ASP A 255 -4.57 -4.79 29.83
CA ASP A 255 -3.82 -3.57 29.52
C ASP A 255 -4.34 -2.39 30.32
N ASP A 256 -5.13 -2.68 31.37
CA ASP A 256 -5.69 -1.67 32.27
C ASP A 256 -6.62 -0.68 31.55
N LYS A 257 -7.23 -1.14 30.46
CA LYS A 257 -8.31 -0.43 29.80
C LYS A 257 -9.60 -1.20 30.02
N PRO A 258 -10.74 -0.53 30.18
CA PRO A 258 -12.00 -1.27 30.25
C PRO A 258 -12.18 -2.09 28.99
N HIS A 259 -12.87 -3.21 29.12
CA HIS A 259 -12.83 -4.24 28.07
C HIS A 259 -13.31 -3.69 26.74
N ASN A 260 -14.35 -2.88 26.74
CA ASN A 260 -14.96 -2.39 25.52
C ASN A 260 -15.92 -1.27 25.90
N PRO A 261 -16.33 -0.46 24.92
CA PRO A 261 -17.19 0.70 25.24
C PRO A 261 -18.60 0.35 25.65
N MET A 262 -18.99 -0.91 25.70
CA MET A 262 -20.38 -1.24 25.94
C MET A 262 -20.67 -1.69 27.37
N VAL A 263 -19.66 -1.72 28.23
CA VAL A 263 -19.82 -1.98 29.65
C VAL A 263 -19.58 -0.69 30.41
N ASN A 264 -20.14 -0.62 31.62
CA ASN A 264 -20.22 0.68 32.30
C ASN A 264 -18.84 1.31 32.44
N ALA A 265 -17.84 0.53 32.83
CA ALA A 265 -16.52 1.12 32.98
C ALA A 265 -16.01 1.69 31.67
N GLY A 266 -16.29 1.00 30.55
CA GLY A 266 -15.83 1.52 29.28
C GLY A 266 -16.62 2.74 28.82
N ALA A 267 -17.94 2.69 28.98
CA ALA A 267 -18.79 3.83 28.66
C ALA A 267 -18.37 5.07 29.46
N ILE A 268 -18.19 4.92 30.77
CA ILE A 268 -17.75 6.03 31.60
C ILE A 268 -16.44 6.62 31.06
N VAL A 269 -15.53 5.77 30.61
CA VAL A 269 -14.29 6.30 30.04
C VAL A 269 -14.56 7.01 28.72
N VAL A 270 -15.36 6.42 27.82
CA VAL A 270 -15.60 7.13 26.57
C VAL A 270 -16.26 8.47 26.86
N THR A 271 -17.23 8.50 27.78
CA THR A 271 -17.88 9.76 28.13
C THR A 271 -16.86 10.81 28.51
N SER A 272 -15.69 10.38 28.99
CA SER A 272 -14.65 11.32 29.39
C SER A 272 -13.83 11.87 28.22
N LEU A 273 -13.98 11.33 27.01
CA LEU A 273 -13.18 11.80 25.87
C LEU A 273 -13.94 12.76 24.95
N ILE A 274 -15.27 12.79 25.05
CA ILE A 274 -16.11 13.65 24.23
C ILE A 274 -15.93 15.10 24.66
N LYS A 275 -15.53 15.94 23.70
CA LYS A 275 -15.49 17.41 23.83
C LYS A 275 -14.88 17.82 25.17
N GLN A 276 -13.61 17.44 25.35
CA GLN A 276 -12.84 17.75 26.54
C GLN A 276 -12.59 19.25 26.67
N GLY A 277 -12.28 19.66 27.89
CA GLY A 277 -11.91 21.04 28.15
C GLY A 277 -13.04 22.04 28.29
N VAL A 278 -14.29 21.64 28.08
CA VAL A 278 -15.42 22.56 28.14
C VAL A 278 -16.38 22.11 29.25
N ASN A 279 -17.30 23.01 29.58
CA ASN A 279 -18.24 22.85 30.68
C ASN A 279 -19.22 21.71 30.37
N ASN A 280 -19.87 21.18 31.42
CA ASN A 280 -20.77 20.04 31.25
C ASN A 280 -22.06 20.41 30.53
N ALA A 281 -22.46 21.68 30.53
CA ALA A 281 -23.66 22.08 29.79
C ALA A 281 -23.40 22.04 28.29
N GLU A 282 -22.22 22.51 27.87
CA GLU A 282 -21.88 22.47 26.46
C GLU A 282 -21.70 21.05 25.99
N LYS A 283 -21.04 20.22 26.81
CA LYS A 283 -20.84 18.83 26.43
C LYS A 283 -22.17 18.17 26.18
N PHE A 284 -23.12 18.34 27.12
CA PHE A 284 -24.42 17.76 26.91
C PHE A 284 -25.07 18.27 25.64
N ASP A 285 -25.04 19.60 25.45
CA ASP A 285 -25.60 20.18 24.24
C ASP A 285 -24.95 19.60 23.00
N TYR A 286 -23.61 19.48 23.02
CA TYR A 286 -22.92 18.92 21.87
C TYR A 286 -23.41 17.50 21.58
N VAL A 287 -23.55 16.66 22.61
CA VAL A 287 -24.10 15.33 22.32
C VAL A 287 -25.57 15.42 21.91
N MET A 288 -26.32 16.37 22.47
CA MET A 288 -27.74 16.48 22.09
C MET A 288 -27.91 16.94 20.65
N GLN A 289 -27.06 17.88 20.20
CA GLN A 289 -27.10 18.26 18.80
C GLN A 289 -26.78 17.06 17.92
N PHE A 290 -25.84 16.25 18.34
CA PHE A 290 -25.46 15.09 17.56
C PHE A 290 -26.59 14.07 17.50
N LEU A 291 -27.22 13.78 18.64
CA LEU A 291 -28.32 12.85 18.63
C LEU A 291 -29.49 13.37 17.80
N ASN A 292 -29.66 14.70 17.77
CA ASN A 292 -30.75 15.29 17.00
C ASN A 292 -30.57 15.01 15.52
N LYS A 293 -29.35 15.18 15.01
CA LYS A 293 -29.10 14.90 13.62
C LYS A 293 -29.26 13.42 13.30
N MET A 294 -28.91 12.54 14.24
CA MET A 294 -29.07 11.11 14.02
C MET A 294 -30.53 10.71 13.88
N ALA A 295 -31.44 11.44 14.52
CA ALA A 295 -32.86 11.11 14.49
C ALA A 295 -33.62 11.93 13.46
N GLY A 296 -32.92 12.69 12.63
CA GLY A 296 -33.59 13.56 11.69
C GLY A 296 -34.54 14.52 12.36
N ASN A 297 -34.20 14.95 13.58
CA ASN A 297 -34.91 15.97 14.34
C ASN A 297 -36.28 15.49 14.84
N GLU A 298 -36.41 14.17 15.03
CA GLU A 298 -37.54 13.60 15.75
C GLU A 298 -37.22 13.67 17.24
N TYR A 299 -38.04 13.03 18.09
CA TYR A 299 -38.00 13.33 19.50
C TYR A 299 -36.73 12.82 20.17
N VAL A 300 -35.95 13.74 20.72
CA VAL A 300 -34.88 13.42 21.65
C VAL A 300 -35.06 14.32 22.86
N GLY A 301 -35.30 13.73 24.01
CA GLY A 301 -35.59 14.47 25.22
C GLY A 301 -34.65 14.19 26.37
N PHE A 302 -35.13 14.42 27.59
CA PHE A 302 -34.29 14.28 28.76
C PHE A 302 -35.18 14.14 29.98
N SER A 303 -34.93 13.14 30.79
CA SER A 303 -35.74 12.95 31.98
C SER A 303 -34.91 13.40 33.18
N ASN A 304 -35.24 14.58 33.71
CA ASN A 304 -34.50 15.04 34.87
C ASN A 304 -34.81 14.19 36.10
N ALA A 305 -36.01 13.58 36.14
CA ALA A 305 -36.35 12.68 37.24
C ALA A 305 -35.40 11.49 37.32
N THR A 306 -35.19 10.79 36.19
CA THR A 306 -34.31 9.61 36.17
C THR A 306 -32.85 9.99 36.38
N PHE A 307 -32.48 11.22 36.08
CA PHE A 307 -31.12 11.66 36.36
C PHE A 307 -30.87 11.76 37.85
N GLN A 308 -31.80 12.39 38.57
CA GLN A 308 -31.60 12.54 40.00
C GLN A 308 -31.52 11.18 40.70
N SER A 309 -32.26 10.18 40.22
CA SER A 309 -32.26 8.89 40.87
C SER A 309 -31.10 8.02 40.47
N GLU A 310 -30.47 8.30 39.34
CA GLU A 310 -29.27 7.57 38.99
C GLU A 310 -28.00 8.18 39.57
N ARG A 311 -28.01 9.50 39.86
CA ARG A 311 -26.89 10.07 40.61
C ARG A 311 -26.98 9.68 42.06
N GLU A 312 -28.19 9.34 42.52
CA GLU A 312 -28.46 9.02 43.91
C GLU A 312 -28.21 7.56 44.24
N SER A 313 -27.97 6.72 43.24
CA SER A 313 -27.94 5.28 43.50
C SER A 313 -26.85 4.57 42.73
N GLY A 314 -25.88 5.29 42.18
CA GLY A 314 -24.85 4.65 41.40
C GLY A 314 -23.47 4.56 42.04
N ASP A 315 -23.38 4.03 43.27
CA ASP A 315 -22.09 3.90 43.93
C ASP A 315 -21.12 3.00 43.15
N ARG A 316 -21.58 1.95 42.46
CA ARG A 316 -20.64 1.23 41.60
C ARG A 316 -20.07 2.09 40.52
N ASN A 317 -20.92 2.94 39.95
CA ASN A 317 -20.34 3.80 38.95
C ASN A 317 -19.33 4.72 39.63
N PHE A 318 -19.65 5.17 40.83
CA PHE A 318 -18.65 5.86 41.63
C PHE A 318 -17.52 4.91 41.99
N ALA A 319 -17.86 3.68 42.38
CA ALA A 319 -16.84 2.66 42.57
C ALA A 319 -16.00 2.55 41.32
N ILE A 320 -16.66 2.38 40.17
CA ILE A 320 -15.94 2.30 38.91
C ILE A 320 -15.16 3.58 38.67
N GLY A 321 -15.81 4.74 38.90
CA GLY A 321 -15.15 6.00 38.64
C GLY A 321 -13.86 6.14 39.42
N TYR A 322 -13.92 5.82 40.72
CA TYR A 322 -12.75 5.96 41.56
C TYR A 322 -11.66 4.96 41.17
N TYR A 323 -12.04 3.71 40.94
CA TYR A 323 -11.06 2.74 40.50
C TYR A 323 -10.39 3.19 39.22
N LEU A 324 -11.16 3.76 38.27
CA LEU A 324 -10.54 4.18 37.01
C LEU A 324 -9.62 5.37 37.24
N LYS A 325 -9.98 6.25 38.16
CA LYS A 325 -9.09 7.34 38.56
C LYS A 325 -7.79 6.79 39.14
N GLU A 326 -7.89 5.84 40.07
CA GLU A 326 -6.68 5.23 40.64
C GLU A 326 -5.76 4.67 39.58
N LYS A 327 -6.30 3.88 38.64
CA LYS A 327 -5.49 3.22 37.63
C LYS A 327 -5.26 4.07 36.40
N LYS A 328 -5.45 5.39 36.52
CA LYS A 328 -4.93 6.36 35.55
C LYS A 328 -5.61 6.23 34.18
N CYS A 329 -6.93 5.99 34.20
CA CYS A 329 -7.63 5.55 32.99
C CYS A 329 -8.28 6.67 32.21
N PHE A 330 -8.28 7.87 32.71
CA PHE A 330 -8.80 9.03 32.03
C PHE A 330 -7.68 9.85 31.38
N PRO A 331 -8.00 10.77 30.46
CA PRO A 331 -6.98 11.69 29.97
C PRO A 331 -6.67 12.73 31.02
N GLU A 332 -5.47 13.31 30.94
CA GLU A 332 -5.02 14.20 31.99
C GLU A 332 -5.99 15.38 32.12
N GLY A 333 -6.19 15.83 33.36
CA GLY A 333 -7.10 16.92 33.59
C GLY A 333 -8.57 16.57 33.62
N THR A 334 -8.92 15.31 33.85
CA THR A 334 -10.32 14.92 33.96
C THR A 334 -10.84 15.16 35.37
N ASP A 335 -12.01 15.77 35.48
CA ASP A 335 -12.71 15.85 36.76
C ASP A 335 -13.65 14.65 36.82
N MET A 336 -13.18 13.56 37.44
CA MET A 336 -13.92 12.30 37.36
C MET A 336 -15.35 12.43 37.88
N VAL A 337 -15.52 13.04 39.05
CA VAL A 337 -16.86 13.13 39.62
C VAL A 337 -17.77 13.89 38.69
N GLY A 338 -17.22 14.87 37.94
CA GLY A 338 -18.01 15.55 36.92
C GLY A 338 -18.32 14.66 35.72
N ILE A 339 -17.35 13.83 35.31
CA ILE A 339 -17.59 12.89 34.22
C ILE A 339 -18.70 11.91 34.59
N LEU A 340 -18.79 11.52 35.86
CA LEU A 340 -19.89 10.65 36.25
C LEU A 340 -21.23 11.35 36.12
N ASP A 341 -21.27 12.62 36.50
CA ASP A 341 -22.51 13.38 36.39
C ASP A 341 -22.93 13.51 34.93
N PHE A 342 -21.99 13.87 34.05
CA PHE A 342 -22.27 13.89 32.63
C PHE A 342 -22.72 12.51 32.14
N TYR A 343 -22.06 11.44 32.62
CA TYR A 343 -22.47 10.07 32.26
C TYR A 343 -23.89 9.79 32.73
N PHE A 344 -24.20 10.15 33.98
CA PHE A 344 -25.54 9.93 34.48
C PHE A 344 -26.58 10.68 33.64
N GLN A 345 -26.23 11.89 33.17
CA GLN A 345 -27.16 12.64 32.31
C GLN A 345 -27.39 11.92 31.00
N LEU A 346 -26.30 11.53 30.32
CA LEU A 346 -26.44 10.86 29.03
C LEU A 346 -27.29 9.61 29.14
N CYS A 347 -27.34 8.96 30.30
CA CYS A 347 -28.18 7.78 30.45
C CYS A 347 -29.66 8.12 30.61
N SER A 348 -29.99 9.35 31.02
CA SER A 348 -31.38 9.75 31.22
C SER A 348 -31.98 10.46 30.02
N ILE A 349 -31.28 10.48 28.88
CA ILE A 349 -31.80 11.07 27.65
C ILE A 349 -32.97 10.24 27.13
N GLU A 350 -34.05 10.91 26.73
CA GLU A 350 -35.30 10.26 26.36
C GLU A 350 -35.43 10.13 24.85
N VAL A 351 -36.10 9.06 24.41
CA VAL A 351 -36.47 8.81 23.03
C VAL A 351 -37.83 8.16 23.04
N THR A 352 -38.41 7.99 21.86
CA THR A 352 -39.52 7.08 21.65
C THR A 352 -39.02 6.01 20.70
N CYS A 353 -39.85 5.01 20.38
CA CYS A 353 -39.33 3.97 19.48
C CYS A 353 -39.26 4.48 18.07
N GLU A 354 -40.06 5.50 17.76
CA GLU A 354 -40.00 6.08 16.43
C GLU A 354 -38.72 6.89 16.24
N SER A 355 -38.50 7.87 17.12
CA SER A 355 -37.22 8.57 17.15
C SER A 355 -36.05 7.60 17.14
N ALA A 356 -36.04 6.64 18.07
CA ALA A 356 -34.85 5.83 18.24
C ALA A 356 -34.59 4.93 17.02
N SER A 357 -35.65 4.46 16.34
CA SER A 357 -35.45 3.62 15.15
C SER A 357 -34.72 4.37 14.04
N VAL A 358 -34.91 5.69 13.97
CA VAL A 358 -34.19 6.48 12.96
C VAL A 358 -32.73 6.64 13.36
N MET A 359 -32.47 6.78 14.67
CA MET A 359 -31.10 6.75 15.19
C MET A 359 -30.39 5.48 14.77
N ALA A 360 -31.07 4.34 14.91
CA ALA A 360 -30.49 3.06 14.52
C ALA A 360 -30.22 3.01 13.02
N ALA A 361 -31.16 3.53 12.23
CA ALA A 361 -31.00 3.48 10.78
C ALA A 361 -29.85 4.34 10.29
N THR A 362 -29.54 5.46 10.98
CA THR A 362 -28.33 6.19 10.60
C THR A 362 -27.11 5.28 10.68
N LEU A 363 -27.07 4.41 11.70
CA LEU A 363 -26.00 3.42 11.81
C LEU A 363 -26.17 2.32 10.77
N ALA A 364 -27.42 1.99 10.43
CA ALA A 364 -27.66 1.04 9.34
C ALA A 364 -27.21 1.59 8.00
N ASN A 365 -27.03 2.89 7.89
CA ASN A 365 -26.88 3.56 6.60
C ASN A 365 -25.54 4.29 6.46
N GLY A 366 -24.47 3.70 7.01
CA GLY A 366 -23.12 4.24 6.82
C GLY A 366 -22.90 5.60 7.40
N GLY A 367 -23.78 6.04 8.31
CA GLY A 367 -23.67 7.33 8.97
C GLY A 367 -24.53 8.42 8.37
N PHE A 368 -25.39 8.11 7.41
CA PHE A 368 -26.32 9.08 6.83
C PHE A 368 -27.73 8.89 7.39
N CYS A 369 -28.28 9.96 7.93
CA CYS A 369 -29.65 9.87 8.42
C CYS A 369 -30.60 9.61 7.24
N PRO A 370 -31.37 8.53 7.25
CA PRO A 370 -32.11 8.19 6.05
C PRO A 370 -33.18 9.20 5.68
N ILE A 371 -33.74 9.94 6.63
CA ILE A 371 -34.88 10.81 6.32
C ILE A 371 -34.48 12.27 6.18
N THR A 372 -33.18 12.57 6.17
CA THR A 372 -32.72 13.91 5.89
C THR A 372 -31.58 13.98 4.90
N GLY A 373 -30.86 12.88 4.68
CA GLY A 373 -29.75 12.87 3.77
C GLY A 373 -28.47 13.48 4.29
N GLU A 374 -28.41 13.87 5.58
CA GLU A 374 -27.19 14.49 6.11
C GLU A 374 -26.22 13.40 6.59
N ARG A 375 -24.93 13.66 6.41
CA ARG A 375 -23.86 12.82 6.95
C ARG A 375 -23.69 13.19 8.42
N VAL A 376 -24.01 12.27 9.34
CA VAL A 376 -23.94 12.54 10.77
C VAL A 376 -22.69 11.92 11.40
N LEU A 377 -22.38 10.66 11.07
CA LEU A 377 -21.23 9.95 11.63
C LEU A 377 -20.32 9.47 10.51
N SER A 378 -19.01 9.51 10.76
CA SER A 378 -18.03 9.03 9.79
C SER A 378 -18.21 7.52 9.60
N PRO A 379 -17.89 7.01 8.41
CA PRO A 379 -18.08 5.57 8.19
C PRO A 379 -17.25 4.72 9.12
N GLU A 380 -16.07 5.22 9.50
CA GLU A 380 -15.25 4.56 10.51
C GLU A 380 -15.98 4.44 11.85
N ALA A 381 -16.65 5.52 12.28
CA ALA A 381 -17.35 5.48 13.56
C ALA A 381 -18.49 4.47 13.51
N VAL A 382 -19.25 4.48 12.42
CA VAL A 382 -20.37 3.55 12.32
C VAL A 382 -19.86 2.12 12.31
N ARG A 383 -18.77 1.88 11.62
CA ARG A 383 -18.29 0.51 11.53
C ARG A 383 -17.90 0.01 12.91
N ASN A 384 -17.08 0.77 13.63
CA ASN A 384 -16.62 0.32 14.95
C ASN A 384 -17.79 0.13 15.90
N THR A 385 -18.75 1.05 15.89
CA THR A 385 -19.87 0.94 16.82
C THR A 385 -20.73 -0.28 16.49
N LEU A 386 -20.79 -0.68 15.21
CA LEU A 386 -21.59 -1.85 14.89
C LEU A 386 -20.83 -3.16 15.15
N SER A 387 -19.49 -3.13 15.13
CA SER A 387 -18.74 -4.33 15.46
C SER A 387 -18.84 -4.63 16.95
N LEU A 388 -18.87 -3.58 17.76
CA LEU A 388 -18.91 -3.75 19.20
C LEU A 388 -20.33 -3.98 19.70
N MET A 389 -21.34 -3.47 18.99
CA MET A 389 -22.70 -3.86 19.36
C MET A 389 -22.94 -5.31 19.00
N HIS A 390 -22.26 -5.79 17.96
CA HIS A 390 -22.37 -7.20 17.58
C HIS A 390 -21.97 -8.09 18.76
N SER A 391 -20.77 -7.85 19.30
CA SER A 391 -20.13 -8.71 20.29
C SER A 391 -20.35 -8.32 21.75
N CYS A 392 -20.61 -7.06 22.09
CA CYS A 392 -20.71 -6.75 23.52
C CYS A 392 -22.00 -6.01 23.84
N GLY A 393 -23.02 -6.17 23.02
CA GLY A 393 -24.15 -5.26 23.15
C GLY A 393 -25.27 -5.72 24.02
N MET A 394 -25.31 -7.01 24.37
CA MET A 394 -26.46 -7.56 25.07
C MET A 394 -26.02 -8.14 26.41
N TYR A 395 -25.14 -7.42 27.09
CA TYR A 395 -24.69 -7.73 28.46
C TYR A 395 -24.09 -9.13 28.42
N ASP A 396 -24.45 -10.01 29.34
CA ASP A 396 -23.94 -11.37 29.32
C ASP A 396 -24.54 -12.21 28.18
N PHE A 397 -25.66 -11.80 27.60
CA PHE A 397 -26.27 -12.54 26.50
C PHE A 397 -25.62 -12.27 25.15
N SER A 398 -24.50 -11.54 25.11
CA SER A 398 -23.99 -11.06 23.83
C SER A 398 -23.57 -12.19 22.91
N GLY A 399 -22.82 -13.15 23.44
CA GLY A 399 -22.36 -14.26 22.61
C GLY A 399 -23.49 -15.15 22.10
N GLN A 400 -24.48 -15.43 22.97
CA GLN A 400 -25.65 -16.16 22.52
C GLN A 400 -26.40 -15.37 21.47
N PHE A 401 -26.54 -14.05 21.70
CA PHE A 401 -27.21 -13.16 20.76
C PHE A 401 -26.41 -13.05 19.47
N ALA A 402 -25.09 -12.93 19.58
CA ALA A 402 -24.28 -12.84 18.38
C ALA A 402 -24.37 -14.11 17.55
N PHE A 403 -24.51 -15.25 18.23
CA PHE A 403 -24.63 -16.52 17.54
C PHE A 403 -26.00 -16.66 16.89
N HIS A 404 -27.06 -16.64 17.69
CA HIS A 404 -28.39 -16.96 17.18
C HIS A 404 -29.01 -15.81 16.40
N VAL A 405 -28.80 -14.56 16.81
CA VAL A 405 -29.41 -13.43 16.12
C VAL A 405 -28.45 -12.79 15.14
N GLY A 406 -27.19 -12.59 15.54
CA GLY A 406 -26.23 -12.04 14.61
C GLY A 406 -26.55 -10.67 14.09
N LEU A 407 -27.15 -9.82 14.92
CA LEU A 407 -27.37 -8.44 14.55
C LEU A 407 -26.73 -7.52 15.59
N PRO A 408 -26.11 -6.42 15.16
CA PRO A 408 -25.67 -5.42 16.15
C PRO A 408 -26.90 -4.86 16.86
N ALA A 409 -26.95 -5.08 18.16
CA ALA A 409 -28.03 -4.56 18.98
C ALA A 409 -27.45 -4.02 20.27
N LYS A 410 -28.23 -3.22 20.97
CA LYS A 410 -27.83 -2.71 22.26
C LYS A 410 -29.07 -2.64 23.12
N SER A 411 -28.99 -3.17 24.33
CA SER A 411 -30.11 -3.21 25.26
C SER A 411 -29.92 -2.16 26.33
N GLY A 412 -31.02 -1.83 27.00
CA GLY A 412 -30.98 -0.85 28.07
C GLY A 412 -31.99 -1.17 29.16
N VAL A 413 -31.71 -0.64 30.35
CA VAL A 413 -32.48 -1.04 31.50
C VAL A 413 -33.95 -0.63 31.44
N ALA A 414 -34.30 0.40 30.68
CA ALA A 414 -35.71 0.79 30.52
C ALA A 414 -36.50 -0.20 29.67
N GLY A 415 -35.86 -1.10 28.96
CA GLY A 415 -36.56 -2.04 28.10
C GLY A 415 -36.32 -1.85 26.62
N GLY A 416 -35.39 -0.98 26.21
CA GLY A 416 -35.16 -0.74 24.81
C GLY A 416 -34.15 -1.71 24.22
N ILE A 417 -34.28 -1.96 22.91
CA ILE A 417 -33.25 -2.65 22.14
C ILE A 417 -33.07 -1.85 20.86
N LEU A 418 -31.93 -1.18 20.75
CA LEU A 418 -31.58 -0.45 19.55
C LEU A 418 -30.95 -1.46 18.60
N LEU A 419 -31.69 -1.81 17.55
CA LEU A 419 -31.33 -2.90 16.65
C LEU A 419 -30.98 -2.32 15.29
N VAL A 420 -29.99 -2.91 14.64
CA VAL A 420 -29.55 -2.47 13.33
C VAL A 420 -29.38 -3.69 12.43
N VAL A 421 -30.10 -3.72 11.32
CA VAL A 421 -29.80 -4.67 10.26
C VAL A 421 -29.03 -3.87 9.22
N PRO A 422 -27.70 -3.97 9.19
CA PRO A 422 -26.90 -3.15 8.27
C PRO A 422 -27.44 -3.25 6.86
N ASN A 423 -27.32 -2.14 6.14
CA ASN A 423 -27.70 -1.98 4.73
C ASN A 423 -29.20 -2.12 4.51
N VAL A 424 -30.00 -2.31 5.56
CA VAL A 424 -31.43 -2.48 5.36
C VAL A 424 -32.20 -1.47 6.19
N MET A 425 -32.15 -1.58 7.51
CA MET A 425 -33.07 -0.85 8.35
C MET A 425 -32.53 -0.76 9.77
N GLY A 426 -33.10 0.18 10.51
CA GLY A 426 -32.89 0.36 11.94
C GLY A 426 -34.19 0.13 12.68
N MET A 427 -34.09 -0.20 13.96
CA MET A 427 -35.26 -0.56 14.73
C MET A 427 -35.05 -0.17 16.18
N MET A 428 -36.16 -0.01 16.89
CA MET A 428 -36.13 0.09 18.34
C MET A 428 -37.31 -0.70 18.85
N CYS A 429 -37.03 -1.75 19.62
CA CYS A 429 -38.06 -2.47 20.34
C CYS A 429 -37.99 -2.11 21.80
N TRP A 430 -39.14 -2.08 22.46
CA TRP A 430 -39.22 -1.58 23.83
C TRP A 430 -40.38 -2.26 24.56
N SER A 431 -40.05 -2.99 25.62
CA SER A 431 -41.03 -3.45 26.56
C SER A 431 -40.25 -3.55 27.87
N PRO A 432 -40.70 -2.91 28.94
CA PRO A 432 -39.85 -2.69 30.12
C PRO A 432 -39.53 -3.96 30.91
N PRO A 433 -40.35 -5.02 30.89
CA PRO A 433 -39.95 -6.26 31.60
C PRO A 433 -38.63 -6.84 31.10
N LEU A 434 -37.65 -6.91 32.02
CA LEU A 434 -36.34 -7.50 31.77
C LEU A 434 -36.30 -8.97 32.16
N ASP A 435 -35.40 -9.71 31.54
CA ASP A 435 -35.11 -11.07 31.97
C ASP A 435 -33.94 -11.05 32.96
N LYS A 436 -33.39 -12.22 33.29
CA LYS A 436 -32.40 -12.23 34.38
C LYS A 436 -31.01 -11.79 33.94
N MET A 437 -30.82 -11.44 32.67
CA MET A 437 -29.59 -10.77 32.26
C MET A 437 -29.80 -9.29 31.90
N GLY A 438 -31.00 -8.77 32.03
CA GLY A 438 -31.22 -7.36 31.83
C GLY A 438 -31.77 -6.95 30.49
N ASN A 439 -32.13 -7.90 29.62
CA ASN A 439 -32.61 -7.61 28.27
C ASN A 439 -34.12 -7.79 28.20
N SER A 440 -34.83 -6.81 27.64
CA SER A 440 -36.27 -6.92 27.45
C SER A 440 -36.63 -8.28 26.87
N VAL A 441 -37.51 -9.00 27.55
CA VAL A 441 -37.87 -10.33 27.06
C VAL A 441 -38.54 -10.21 25.70
N LYS A 442 -39.53 -9.33 25.59
CA LYS A 442 -40.22 -9.20 24.32
C LYS A 442 -39.26 -8.71 23.25
N GLY A 443 -38.28 -7.89 23.64
CA GLY A 443 -37.26 -7.48 22.71
C GLY A 443 -36.47 -8.66 22.18
N ILE A 444 -35.94 -9.48 23.09
CA ILE A 444 -35.13 -10.62 22.69
C ILE A 444 -35.94 -11.62 21.90
N HIS A 445 -37.17 -11.92 22.35
CA HIS A 445 -38.03 -12.84 21.62
C HIS A 445 -38.28 -12.34 20.19
N PHE A 446 -38.60 -11.04 20.05
CA PHE A 446 -38.85 -10.47 18.73
C PHE A 446 -37.65 -10.62 17.83
N CYS A 447 -36.45 -10.36 18.35
CA CYS A 447 -35.30 -10.43 17.47
C CYS A 447 -34.93 -11.86 17.10
N HIS A 448 -35.33 -12.85 17.88
CA HIS A 448 -35.12 -14.21 17.42
C HIS A 448 -36.04 -14.51 16.25
N ASP A 449 -37.33 -14.17 16.40
CA ASP A 449 -38.27 -14.52 15.35
C ASP A 449 -38.05 -13.67 14.11
N LEU A 450 -37.53 -12.46 14.27
CA LEU A 450 -37.21 -11.67 13.10
C LEU A 450 -36.17 -12.37 12.26
N VAL A 451 -35.10 -12.87 12.89
CA VAL A 451 -34.07 -13.54 12.12
C VAL A 451 -34.51 -14.96 11.75
N SER A 452 -35.37 -15.54 12.57
CA SER A 452 -35.94 -16.83 12.23
C SER A 452 -36.78 -16.76 10.95
N LEU A 453 -37.20 -15.56 10.53
CA LEU A 453 -38.07 -15.39 9.38
C LEU A 453 -37.41 -14.82 8.12
N CYS A 454 -36.39 -13.96 8.25
CA CYS A 454 -35.74 -13.36 7.08
C CYS A 454 -34.23 -13.50 7.20
N ASN A 455 -33.54 -13.37 6.07
CA ASN A 455 -32.10 -13.67 5.99
C ASN A 455 -31.23 -12.48 6.41
N PHE A 456 -31.60 -11.88 7.55
CA PHE A 456 -30.93 -10.70 8.07
C PHE A 456 -29.75 -10.99 8.97
N HIS A 457 -29.61 -12.24 9.45
CA HIS A 457 -28.47 -12.65 10.26
C HIS A 457 -27.15 -12.26 9.59
N ASN A 458 -26.19 -11.90 10.41
CA ASN A 458 -24.93 -11.38 9.90
C ASN A 458 -24.27 -12.33 8.92
N TYR A 459 -24.50 -13.62 9.06
CA TYR A 459 -23.82 -14.61 8.25
C TYR A 459 -24.83 -15.52 7.59
N ASP A 460 -26.04 -15.00 7.34
CA ASP A 460 -26.89 -15.64 6.36
C ASP A 460 -26.30 -15.40 4.95
N ASN A 461 -26.72 -16.23 4.00
CA ASN A 461 -26.30 -16.03 2.63
C ASN A 461 -27.41 -15.29 1.91
N LEU A 462 -27.02 -14.35 1.03
CA LEU A 462 -27.99 -13.55 0.29
C LEU A 462 -28.49 -14.24 -0.97
N ARG A 463 -27.95 -15.42 -1.29
CA ARG A 463 -28.36 -16.22 -2.44
C ARG A 463 -29.01 -17.55 -2.05
N HIS A 464 -28.40 -18.29 -1.12
CA HIS A 464 -28.95 -19.58 -0.68
C HIS A 464 -29.25 -19.50 0.82
N PHE A 465 -30.54 -19.42 1.15
CA PHE A 465 -31.01 -19.23 2.52
C PHE A 465 -32.24 -20.06 2.83
N ALA A 466 -32.38 -21.21 2.17
CA ALA A 466 -33.34 -22.24 2.59
C ALA A 466 -34.74 -21.64 2.56
N LYS A 467 -35.50 -21.70 3.65
CA LYS A 467 -36.88 -21.24 3.65
C LYS A 467 -37.06 -19.90 4.34
N LYS A 468 -35.99 -19.13 4.49
CA LYS A 468 -36.12 -17.78 5.01
C LYS A 468 -36.69 -16.84 3.94
N LEU A 469 -37.10 -15.65 4.37
CA LEU A 469 -37.60 -14.58 3.52
C LEU A 469 -36.49 -13.60 3.20
N ASP A 470 -36.60 -12.91 2.06
CA ASP A 470 -35.68 -11.83 1.72
C ASP A 470 -36.49 -10.59 1.37
N PRO A 471 -36.77 -9.73 2.34
CA PRO A 471 -37.54 -8.51 2.05
C PRO A 471 -36.82 -7.57 1.12
N ARG A 472 -35.54 -7.81 0.87
CA ARG A 472 -34.77 -7.02 -0.07
C ARG A 472 -35.08 -7.35 -1.53
N ARG A 473 -35.85 -8.41 -1.80
CA ARG A 473 -36.02 -8.97 -3.13
C ARG A 473 -37.48 -9.04 -3.52
N GLU A 474 -37.73 -9.17 -4.82
CA GLU A 474 -39.10 -9.14 -5.32
C GLU A 474 -39.71 -10.54 -5.33
N PRO B 66 4.54 31.81 -41.11
CA PRO B 66 4.29 31.09 -39.86
C PRO B 66 4.64 31.93 -38.64
N SER B 67 4.07 31.63 -37.48
CA SER B 67 4.41 32.27 -36.20
C SER B 67 3.83 31.45 -35.05
N LEU B 68 4.60 31.34 -33.97
CA LEU B 68 4.22 30.44 -32.87
C LEU B 68 2.96 30.88 -32.18
N GLU B 69 2.68 32.18 -32.22
CA GLU B 69 1.46 32.70 -31.61
C GLU B 69 0.23 32.15 -32.30
N ASP B 70 0.27 32.10 -33.63
CA ASP B 70 -0.83 31.55 -34.40
C ASP B 70 -0.79 30.04 -34.43
N LEU B 71 0.42 29.46 -34.47
CA LEU B 71 0.53 28.02 -34.34
C LEU B 71 -0.14 27.55 -33.05
N LEU B 72 0.15 28.24 -31.93
CA LEU B 72 -0.55 27.98 -30.66
C LEU B 72 -2.02 28.32 -30.78
N PHE B 73 -2.35 29.39 -31.53
CA PHE B 73 -3.73 29.81 -31.68
C PHE B 73 -4.59 28.70 -32.26
N TYR B 74 -4.10 28.04 -33.32
CA TYR B 74 -4.87 27.00 -33.98
C TYR B 74 -4.96 25.70 -33.18
N THR B 75 -3.97 25.43 -32.33
CA THR B 75 -3.94 24.20 -31.56
C THR B 75 -5.02 24.17 -30.49
N ILE B 76 -5.37 25.34 -29.95
CA ILE B 76 -6.51 25.42 -29.05
C ILE B 76 -7.79 25.70 -29.81
N ALA B 77 -7.71 26.44 -30.92
CA ALA B 77 -8.92 26.87 -31.63
C ALA B 77 -9.70 25.67 -32.16
N GLU B 78 -8.98 24.63 -32.60
CA GLU B 78 -9.58 23.33 -32.91
C GLU B 78 -10.44 23.39 -34.18
N GLY B 79 -10.05 24.23 -35.13
CA GLY B 79 -10.83 24.48 -36.34
C GLY B 79 -11.90 25.54 -36.24
N GLN B 80 -12.30 25.97 -35.05
CA GLN B 80 -13.25 27.07 -34.98
C GLN B 80 -12.45 28.37 -35.15
N GLU B 81 -13.11 29.52 -35.14
CA GLU B 81 -12.38 30.78 -35.34
C GLU B 81 -12.08 31.60 -34.10
N LYS B 82 -12.70 31.35 -32.96
CA LYS B 82 -12.17 32.06 -31.82
C LYS B 82 -12.12 31.11 -30.63
N ILE B 83 -11.37 31.52 -29.62
CA ILE B 83 -11.14 30.74 -28.39
C ILE B 83 -11.83 31.45 -27.25
N PRO B 84 -12.84 30.86 -26.60
CA PRO B 84 -13.25 31.38 -25.30
C PRO B 84 -12.06 31.37 -24.36
N VAL B 85 -11.93 32.42 -23.53
CA VAL B 85 -10.73 32.52 -22.70
C VAL B 85 -10.77 31.47 -21.59
N HIS B 86 -11.97 31.09 -21.15
CA HIS B 86 -12.07 30.03 -20.15
C HIS B 86 -11.58 28.71 -20.71
N LYS B 87 -11.83 28.49 -22.01
CA LYS B 87 -11.31 27.29 -22.65
C LYS B 87 -9.80 27.35 -22.72
N PHE B 88 -9.24 28.55 -22.83
CA PHE B 88 -7.80 28.72 -22.79
C PHE B 88 -7.23 28.49 -21.39
N ILE B 89 -7.92 28.95 -20.34
CA ILE B 89 -7.27 28.85 -19.04
C ILE B 89 -7.35 27.41 -18.54
N THR B 90 -8.46 26.69 -18.84
CA THR B 90 -8.52 25.29 -18.42
C THR B 90 -7.57 24.42 -19.23
N ALA B 91 -7.37 24.74 -20.52
CA ALA B 91 -6.24 24.17 -21.25
C ALA B 91 -4.91 24.46 -20.55
N LEU B 92 -4.74 25.68 -20.05
CA LEU B 92 -3.53 26.06 -19.33
C LEU B 92 -3.46 25.37 -17.98
N LYS B 93 -4.54 25.44 -17.20
CA LYS B 93 -4.55 24.85 -15.88
C LYS B 93 -4.35 23.33 -15.94
N SER B 94 -4.80 22.70 -17.03
CA SER B 94 -4.61 21.27 -17.25
C SER B 94 -3.15 20.90 -17.50
N THR B 95 -2.33 21.82 -18.01
CA THR B 95 -0.91 21.49 -18.09
C THR B 95 -0.25 21.47 -16.73
N GLY B 96 -0.97 21.90 -15.68
CA GLY B 96 -0.41 21.94 -14.36
C GLY B 96 0.14 23.30 -13.97
N LEU B 97 0.35 24.19 -14.94
CA LEU B 97 0.76 25.54 -14.58
C LEU B 97 -0.34 26.19 -13.76
N ARG B 98 0.04 27.19 -12.97
CA ARG B 98 -0.93 27.99 -12.24
C ARG B 98 -1.00 29.35 -12.91
N THR B 99 -2.20 29.93 -13.03
CA THR B 99 -2.30 31.22 -13.72
C THR B 99 -1.60 32.32 -12.95
N SER B 100 -1.38 32.10 -11.64
CA SER B 100 -0.58 32.98 -10.81
C SER B 100 0.91 32.87 -11.08
N ASP B 101 1.34 31.94 -11.94
CA ASP B 101 2.76 31.73 -12.25
C ASP B 101 3.42 33.06 -12.61
N PRO B 102 4.55 33.39 -11.98
CA PRO B 102 5.21 34.67 -12.28
C PRO B 102 5.62 34.85 -13.72
N ARG B 103 5.97 33.79 -14.45
CA ARG B 103 6.33 33.88 -15.87
C ARG B 103 5.12 33.95 -16.81
N LEU B 104 3.91 34.03 -16.26
CA LEU B 104 2.68 34.14 -17.04
C LEU B 104 2.00 35.47 -16.80
N LYS B 105 2.67 36.39 -16.11
CA LYS B 105 2.00 37.54 -15.51
C LYS B 105 1.63 38.60 -16.54
N GLU B 106 2.49 38.82 -17.54
CA GLU B 106 2.19 39.74 -18.64
C GLU B 106 1.01 39.24 -19.46
N CYS B 107 0.90 37.91 -19.61
CA CYS B 107 -0.21 37.35 -20.38
C CYS B 107 -1.52 37.45 -19.61
N MET B 108 -1.48 37.23 -18.29
CA MET B 108 -2.71 37.35 -17.52
C MET B 108 -3.10 38.81 -17.35
N ASP B 109 -2.10 39.70 -17.33
CA ASP B 109 -2.38 41.13 -17.28
C ASP B 109 -3.16 41.56 -18.51
N MET B 110 -2.71 41.12 -19.69
CA MET B 110 -3.34 41.54 -20.93
C MET B 110 -4.62 40.77 -21.24
N LEU B 111 -4.84 39.63 -20.58
CA LEU B 111 -6.15 38.99 -20.66
C LEU B 111 -7.18 39.70 -19.79
N ARG B 112 -6.80 40.03 -18.54
CA ARG B 112 -7.71 40.76 -17.67
C ARG B 112 -8.01 42.14 -18.23
N LEU B 113 -7.02 42.74 -18.90
CA LEU B 113 -7.23 44.03 -19.56
C LEU B 113 -8.28 43.91 -20.64
N THR B 114 -8.17 42.90 -21.48
CA THR B 114 -9.11 42.81 -22.58
C THR B 114 -10.42 42.14 -22.19
N LEU B 115 -10.50 41.45 -21.06
CA LEU B 115 -11.85 41.06 -20.67
C LEU B 115 -12.52 42.22 -19.95
N GLN B 116 -11.81 43.34 -19.84
CA GLN B 116 -12.34 44.66 -19.52
C GLN B 116 -12.59 45.49 -20.77
N THR B 117 -11.59 45.52 -21.67
CA THR B 117 -11.65 46.28 -22.92
C THR B 117 -12.96 46.02 -23.66
N THR B 118 -13.27 44.76 -23.87
CA THR B 118 -14.51 44.39 -24.53
C THR B 118 -15.14 43.34 -23.61
N SER B 119 -16.02 43.82 -22.75
CA SER B 119 -16.72 42.92 -21.86
C SER B 119 -17.84 42.21 -22.60
N ASP B 120 -17.78 42.01 -23.91
CA ASP B 120 -18.90 41.33 -24.53
C ASP B 120 -18.26 40.18 -25.30
N GLY B 121 -18.75 38.97 -25.10
CA GLY B 121 -18.03 37.81 -25.63
C GLY B 121 -16.76 37.45 -24.89
N VAL B 122 -16.73 36.25 -24.32
CA VAL B 122 -15.51 35.77 -23.65
C VAL B 122 -14.48 35.37 -24.68
N MET B 123 -14.69 35.78 -25.93
CA MET B 123 -14.04 35.15 -27.08
C MET B 123 -12.94 36.02 -27.66
N LEU B 124 -11.97 35.35 -28.27
CA LEU B 124 -10.64 35.89 -28.58
C LEU B 124 -10.31 35.55 -30.04
N ASP B 125 -10.21 36.57 -30.90
CA ASP B 125 -9.80 36.31 -32.28
C ASP B 125 -8.28 36.04 -32.35
N LYS B 126 -7.77 35.85 -33.58
CA LYS B 126 -6.38 35.41 -33.78
C LYS B 126 -5.35 36.43 -33.27
N ASP B 127 -5.58 37.75 -33.50
CA ASP B 127 -4.73 38.76 -32.84
C ASP B 127 -5.15 39.09 -31.42
N LEU B 128 -6.39 38.88 -31.05
CA LEU B 128 -6.69 39.15 -29.66
C LEU B 128 -6.00 38.11 -28.79
N PHE B 129 -5.90 36.89 -29.30
CA PHE B 129 -5.03 35.90 -28.67
C PHE B 129 -3.56 36.28 -28.78
N LYS B 130 -3.13 36.84 -29.91
CA LYS B 130 -1.69 37.01 -30.10
C LYS B 130 -1.14 38.16 -29.26
N LYS B 131 -1.93 39.23 -29.11
CA LYS B 131 -1.51 40.32 -28.26
C LYS B 131 -1.43 39.89 -26.80
N CYS B 132 -2.15 38.82 -26.42
CA CYS B 132 -2.24 38.37 -25.04
C CYS B 132 -1.11 37.42 -24.66
N VAL B 133 -0.76 36.49 -25.54
CA VAL B 133 0.25 35.50 -25.25
C VAL B 133 1.60 35.86 -25.83
N GLN B 134 1.72 37.03 -26.48
CA GLN B 134 2.93 37.36 -27.24
C GLN B 134 4.18 37.36 -26.37
N SER B 135 4.09 37.85 -25.13
CA SER B 135 5.33 38.12 -24.41
C SER B 135 5.80 36.91 -23.61
N ASN B 136 4.97 35.89 -23.45
CA ASN B 136 5.38 34.65 -22.82
C ASN B 136 5.27 33.47 -23.77
N ILE B 137 5.30 33.73 -25.08
CA ILE B 137 4.82 32.71 -25.99
C ILE B 137 5.67 31.46 -25.89
N VAL B 138 6.95 31.63 -25.62
CA VAL B 138 7.84 30.48 -25.63
C VAL B 138 7.44 29.49 -24.55
N LEU B 139 7.15 29.98 -23.33
CA LEU B 139 6.78 29.05 -22.27
C LEU B 139 5.36 28.52 -22.46
N LEU B 140 4.50 29.20 -23.22
CA LEU B 140 3.21 28.58 -23.49
C LEU B 140 3.29 27.58 -24.64
N THR B 141 4.24 27.75 -25.58
CA THR B 141 4.40 26.72 -26.60
C THR B 141 4.88 25.41 -25.96
N GLN B 142 5.86 25.49 -25.05
CA GLN B 142 6.39 24.30 -24.40
C GLN B 142 5.31 23.62 -23.56
N ALA B 143 4.41 24.42 -22.97
CA ALA B 143 3.31 23.86 -22.20
C ALA B 143 2.31 23.15 -23.10
N PHE B 144 2.00 23.72 -24.26
CA PHE B 144 0.94 23.13 -25.06
C PHE B 144 1.46 22.09 -26.04
N ARG B 145 2.71 22.23 -26.49
CA ARG B 145 3.37 21.20 -27.28
C ARG B 145 3.87 20.04 -26.43
N ARG B 146 3.26 19.84 -25.26
CA ARG B 146 3.61 18.72 -24.39
C ARG B 146 5.12 18.57 -24.20
N LYS B 147 5.81 19.67 -23.92
CA LYS B 147 7.25 19.58 -23.76
C LYS B 147 7.70 19.82 -22.31
N PHE B 148 6.78 19.72 -21.36
CA PHE B 148 7.19 19.78 -19.97
C PHE B 148 7.65 18.41 -19.48
N VAL B 149 8.47 18.44 -18.42
CA VAL B 149 9.19 17.26 -17.98
C VAL B 149 8.24 16.12 -17.64
N ILE B 150 7.06 16.43 -17.13
CA ILE B 150 6.01 15.43 -16.94
C ILE B 150 4.91 15.84 -17.91
N PRO B 151 4.81 15.22 -19.09
CA PRO B 151 3.89 15.75 -20.10
C PRO B 151 2.43 15.49 -19.77
N ASP B 152 2.11 14.30 -19.29
CA ASP B 152 0.72 14.03 -18.90
C ASP B 152 0.62 14.29 -17.41
N PHE B 153 0.58 15.58 -17.06
CA PHE B 153 0.60 15.95 -15.66
C PHE B 153 -0.68 15.56 -14.96
N MET B 154 -1.77 15.33 -15.68
CA MET B 154 -2.95 15.12 -14.87
C MET B 154 -3.10 13.66 -14.49
N SER B 155 -2.48 12.71 -15.21
CA SER B 155 -2.38 11.36 -14.67
C SER B 155 -1.49 11.37 -13.44
N PHE B 156 -0.35 12.06 -13.53
CA PHE B 156 0.59 12.09 -12.42
C PHE B 156 -0.07 12.55 -11.13
N THR B 157 -0.87 13.62 -11.19
CA THR B 157 -1.54 14.10 -9.97
C THR B 157 -2.57 13.12 -9.47
N SER B 158 -3.25 12.42 -10.38
CA SER B 158 -4.09 11.30 -9.96
C SER B 158 -3.29 10.31 -9.13
N HIS B 159 -2.08 9.96 -9.59
CA HIS B 159 -1.22 9.03 -8.85
C HIS B 159 -0.75 9.63 -7.54
N ILE B 160 -0.33 10.90 -7.58
CA ILE B 160 0.02 11.59 -6.34
C ILE B 160 -1.13 11.47 -5.35
N ASP B 161 -2.36 11.53 -5.85
CA ASP B 161 -3.53 11.53 -4.98
C ASP B 161 -3.69 10.20 -4.26
N GLU B 162 -3.52 9.06 -4.96
CA GLU B 162 -3.66 7.81 -4.22
C GLU B 162 -2.43 7.54 -3.37
N LEU B 163 -1.24 7.97 -3.81
CA LEU B 163 -0.09 7.90 -2.92
C LEU B 163 -0.33 8.71 -1.65
N TYR B 164 -0.85 9.93 -1.79
CA TYR B 164 -1.20 10.71 -0.62
C TYR B 164 -2.25 10.01 0.23
N GLU B 165 -3.25 9.43 -0.41
CA GLU B 165 -4.39 8.91 0.32
C GLU B 165 -4.11 7.53 0.89
N SER B 166 -3.12 6.83 0.34
CA SER B 166 -2.69 5.58 0.94
C SER B 166 -1.74 5.81 2.11
N ALA B 167 -0.91 6.83 2.04
CA ALA B 167 -0.14 7.19 3.22
C ALA B 167 -1.02 7.77 4.32
N LYS B 168 -2.18 8.34 3.95
CA LYS B 168 -3.04 9.01 4.93
C LYS B 168 -3.56 8.07 6.01
N LYS B 169 -3.64 6.78 5.74
CA LYS B 169 -4.19 5.84 6.70
C LYS B 169 -3.13 5.08 7.51
N GLN B 170 -1.88 5.56 7.53
CA GLN B 170 -0.88 5.05 8.47
C GLN B 170 -1.09 5.83 9.76
N SER B 171 -1.93 5.26 10.62
CA SER B 171 -2.15 5.59 12.03
C SER B 171 -0.99 6.20 12.81
N GLY B 172 0.13 5.48 12.88
CA GLY B 172 1.09 5.62 13.96
C GLY B 172 1.81 6.95 14.06
N GLY B 173 2.75 6.97 15.00
CA GLY B 173 3.64 8.09 15.25
C GLY B 173 3.23 8.87 16.47
N LYS B 174 4.17 9.66 16.98
CA LYS B 174 3.94 10.54 18.12
C LYS B 174 4.34 11.96 17.71
N VAL B 175 3.44 12.92 17.96
CA VAL B 175 3.76 14.30 17.61
C VAL B 175 4.89 14.78 18.51
N ALA B 176 5.84 15.51 17.93
CA ALA B 176 6.91 16.01 18.77
C ALA B 176 6.32 16.92 19.82
N ASP B 177 6.60 16.61 21.10
CA ASP B 177 6.08 17.37 22.22
C ASP B 177 7.21 18.01 23.01
N TYR B 178 8.40 18.08 22.42
CA TYR B 178 9.53 18.75 23.05
C TYR B 178 9.13 20.11 23.59
N ILE B 179 8.34 20.85 22.81
CA ILE B 179 7.94 22.22 23.17
C ILE B 179 6.42 22.35 23.04
N PRO B 180 5.79 23.27 23.78
CA PRO B 180 4.33 23.47 23.63
C PRO B 180 3.88 23.87 22.23
N GLN B 181 4.80 24.17 21.31
CA GLN B 181 4.44 24.69 19.99
C GLN B 181 4.27 23.61 18.93
N LEU B 182 4.92 22.44 19.09
CA LEU B 182 4.74 21.34 18.17
C LEU B 182 3.83 20.27 18.73
N ALA B 183 3.46 20.37 20.02
CA ALA B 183 2.35 19.61 20.55
C ALA B 183 1.02 20.22 20.12
N LYS B 184 1.04 21.50 19.75
CA LYS B 184 -0.13 22.25 19.31
C LYS B 184 -0.61 21.86 17.90
N PHE B 185 0.11 21.01 17.17
CA PHE B 185 -0.29 20.55 15.85
C PHE B 185 -1.02 19.21 15.92
N SER B 186 -2.05 19.04 15.06
CA SER B 186 -2.93 17.88 15.04
C SER B 186 -2.28 16.71 14.30
N PRO B 187 -2.40 15.49 14.84
CA PRO B 187 -1.81 14.32 14.16
C PRO B 187 -2.45 14.03 12.82
N ASP B 188 -3.62 14.59 12.54
CA ASP B 188 -4.30 14.24 11.30
C ASP B 188 -3.97 15.21 10.18
N LEU B 189 -3.17 16.23 10.44
CA LEU B 189 -2.63 17.06 9.37
C LEU B 189 -1.69 16.23 8.49
N TRP B 190 -1.82 16.39 7.18
CA TRP B 190 -1.03 15.60 6.23
C TRP B 190 -1.15 16.27 4.86
N GLY B 191 -0.05 16.83 4.38
CA GLY B 191 -0.06 17.52 3.10
C GLY B 191 1.19 17.23 2.30
N VAL B 192 1.03 17.16 0.99
CA VAL B 192 2.13 16.95 0.07
C VAL B 192 1.96 17.89 -1.10
N SER B 193 3.03 18.56 -1.51
CA SER B 193 2.98 19.49 -2.62
C SER B 193 4.12 19.20 -3.57
N VAL B 194 3.82 19.33 -4.85
CA VAL B 194 4.72 19.00 -5.94
C VAL B 194 5.00 20.28 -6.71
N CYS B 195 6.27 20.49 -7.05
CA CYS B 195 6.60 21.49 -8.04
C CYS B 195 7.66 20.89 -8.94
N THR B 196 7.37 20.81 -10.23
CA THR B 196 8.27 20.19 -11.18
C THR B 196 9.29 21.20 -11.66
N ALA B 197 10.32 20.71 -12.33
CA ALA B 197 11.35 21.61 -12.81
C ALA B 197 10.81 22.61 -13.85
N ASP B 198 9.56 22.47 -14.30
CA ASP B 198 8.98 23.39 -15.29
C ASP B 198 7.90 24.29 -14.72
N GLY B 199 7.59 24.16 -13.44
CA GLY B 199 6.60 24.96 -12.75
C GLY B 199 5.25 24.30 -12.55
N GLN B 200 5.10 23.05 -12.99
CA GLN B 200 3.82 22.38 -12.80
C GLN B 200 3.61 22.10 -11.33
N ARG B 201 2.39 22.36 -10.85
CA ARG B 201 2.13 22.23 -9.42
C ARG B 201 0.96 21.31 -9.18
N HIS B 202 0.96 20.70 -7.99
CA HIS B 202 -0.19 19.99 -7.49
C HIS B 202 -0.06 19.87 -5.98
N SER B 203 -1.18 19.96 -5.28
CA SER B 203 -1.20 19.75 -3.84
C SER B 203 -2.44 18.95 -3.48
N THR B 204 -2.36 18.31 -2.31
CA THR B 204 -3.43 17.49 -1.75
C THR B 204 -3.28 17.57 -0.24
N GLY B 205 -4.38 17.85 0.45
CA GLY B 205 -4.29 17.94 1.90
C GLY B 205 -3.88 19.30 2.44
N ASP B 206 -3.29 19.29 3.64
CA ASP B 206 -3.09 20.50 4.43
C ASP B 206 -1.84 21.26 3.98
N THR B 207 -1.89 21.68 2.72
CA THR B 207 -0.72 22.18 2.02
C THR B 207 -0.49 23.67 2.22
N LYS B 208 -1.47 24.41 2.75
CA LYS B 208 -1.32 25.84 2.98
C LYS B 208 -1.22 26.15 4.48
N VAL B 209 -0.84 25.17 5.27
CA VAL B 209 -0.72 25.30 6.71
C VAL B 209 0.76 25.58 7.04
N PRO B 210 1.04 26.64 7.77
CA PRO B 210 2.44 26.96 8.07
C PRO B 210 2.99 26.08 9.16
N PHE B 211 4.29 25.79 9.05
CA PHE B 211 5.02 25.02 10.05
C PHE B 211 6.49 25.36 9.87
N CYS B 212 7.30 25.04 10.89
CA CYS B 212 8.69 25.46 10.82
C CYS B 212 9.50 24.39 10.12
N LEU B 213 10.61 24.82 9.53
CA LEU B 213 11.44 23.87 8.82
C LEU B 213 12.13 22.96 9.82
N GLN B 214 12.45 23.51 10.99
CA GLN B 214 13.36 22.89 11.95
C GLN B 214 14.58 22.45 11.15
N SER B 215 14.88 21.17 11.08
CA SER B 215 16.14 20.80 10.42
C SER B 215 15.96 20.46 8.95
N CYS B 216 14.82 20.79 8.35
CA CYS B 216 14.73 20.94 6.90
C CYS B 216 15.51 22.18 6.43
N VAL B 217 15.90 23.06 7.33
CA VAL B 217 16.66 24.22 6.91
C VAL B 217 18.15 23.90 6.78
N LYS B 218 18.61 22.74 7.27
CA LYS B 218 20.04 22.43 7.22
C LYS B 218 20.57 22.31 5.80
N PRO B 219 19.92 21.60 4.86
CA PRO B 219 20.42 21.65 3.48
C PRO B 219 20.37 23.04 2.90
N LEU B 220 19.29 23.78 3.15
CA LEU B 220 19.12 25.10 2.55
C LEU B 220 20.25 26.03 2.98
N LYS B 221 20.59 26.02 4.29
CA LYS B 221 21.68 26.89 4.72
C LYS B 221 23.04 26.34 4.30
N TYR B 222 23.20 25.02 4.23
CA TYR B 222 24.44 24.47 3.67
C TYR B 222 24.65 24.96 2.24
N ALA B 223 23.59 24.93 1.43
CA ALA B 223 23.73 25.36 0.04
C ALA B 223 24.17 26.81 -0.04
N ILE B 224 23.53 27.67 0.76
CA ILE B 224 23.90 29.08 0.81
C ILE B 224 25.36 29.24 1.21
N ALA B 225 25.83 28.49 2.21
CA ALA B 225 27.22 28.57 2.62
C ALA B 225 28.17 28.19 1.48
N VAL B 226 27.87 27.09 0.78
CA VAL B 226 28.68 26.68 -0.37
C VAL B 226 28.58 27.70 -1.50
N ASN B 227 27.38 28.24 -1.72
CA ASN B 227 27.18 29.24 -2.77
C ASN B 227 28.08 30.45 -2.58
N ASP B 228 28.15 30.99 -1.36
CA ASP B 228 28.98 32.18 -1.15
C ASP B 228 30.44 31.85 -0.88
N LEU B 229 30.73 30.69 -0.28
CA LEU B 229 32.07 30.37 0.20
C LEU B 229 32.81 29.30 -0.60
N GLY B 230 32.10 28.38 -1.23
CA GLY B 230 32.77 27.33 -1.97
C GLY B 230 32.93 26.07 -1.15
N THR B 231 33.00 24.92 -1.84
CA THR B 231 33.03 23.64 -1.11
C THR B 231 34.30 23.51 -0.27
N GLU B 232 35.43 23.95 -0.80
CA GLU B 232 36.68 23.71 -0.10
C GLU B 232 36.71 24.43 1.24
N TYR B 233 36.32 25.71 1.26
CA TYR B 233 36.28 26.42 2.53
C TYR B 233 35.29 25.79 3.49
N VAL B 234 34.04 25.62 3.04
CA VAL B 234 33.00 25.11 3.91
C VAL B 234 33.41 23.74 4.49
N HIS B 235 34.10 22.93 3.70
CA HIS B 235 34.50 21.61 4.17
C HIS B 235 35.88 21.59 4.81
N ARG B 236 36.44 22.75 5.09
CA ARG B 236 37.45 22.84 6.13
C ARG B 236 36.84 22.63 7.50
N TYR B 237 35.54 22.89 7.64
CA TYR B 237 34.89 23.01 8.93
C TYR B 237 33.85 21.94 9.21
N VAL B 238 33.43 21.17 8.20
CA VAL B 238 32.41 20.14 8.36
C VAL B 238 32.74 19.01 7.40
N GLY B 239 32.44 17.78 7.81
CA GLY B 239 32.70 16.61 6.99
C GLY B 239 31.71 16.42 5.84
N LYS B 240 31.85 15.26 5.15
CA LYS B 240 30.96 14.95 4.05
C LYS B 240 30.54 13.48 3.99
N GLU B 241 30.44 12.80 5.13
CA GLU B 241 30.04 11.40 5.14
C GLU B 241 29.08 11.19 6.28
N PRO B 242 28.26 10.15 6.23
CA PRO B 242 27.49 9.76 7.41
C PRO B 242 28.37 9.13 8.48
N SER B 243 27.97 9.32 9.74
CA SER B 243 28.85 9.02 10.87
C SER B 243 29.09 7.52 11.04
N GLY B 244 28.07 6.71 10.78
CA GLY B 244 28.07 5.28 11.12
C GLY B 244 26.90 5.21 12.10
N LEU B 245 26.07 4.19 11.92
CA LEU B 245 24.76 4.27 12.57
C LEU B 245 24.73 3.79 14.01
N ARG B 246 25.85 3.93 14.68
CA ARG B 246 25.74 4.00 16.11
C ARG B 246 26.03 5.40 16.59
N PHE B 247 26.81 6.12 15.82
CA PHE B 247 27.32 7.41 16.23
C PHE B 247 26.28 8.50 16.02
N ASN B 248 25.12 8.09 16.52
CA ASN B 248 24.02 8.97 16.78
C ASN B 248 24.36 9.93 17.89
N LYS B 249 25.55 9.75 18.51
CA LYS B 249 25.93 10.47 19.70
C LYS B 249 27.35 11.04 19.76
N LEU B 250 28.15 10.95 18.70
CA LEU B 250 29.41 11.70 18.69
C LEU B 250 29.28 13.00 17.90
N PHE B 251 30.02 14.02 18.33
CA PHE B 251 29.93 15.34 17.71
C PHE B 251 30.92 15.53 16.58
N LEU B 252 32.08 14.91 16.68
CA LEU B 252 33.18 15.13 15.76
C LEU B 252 33.65 13.80 15.19
N ASN B 253 34.11 13.84 13.94
CA ASN B 253 34.80 12.72 13.31
C ASN B 253 36.29 12.82 13.66
N GLU B 254 37.12 11.98 13.03
CA GLU B 254 38.52 11.87 13.42
C GLU B 254 39.33 13.12 13.09
N ASP B 255 38.86 13.98 12.19
CA ASP B 255 39.52 15.24 11.89
C ASP B 255 38.97 16.39 12.70
N ASP B 256 38.21 16.08 13.76
CA ASP B 256 37.66 17.09 14.67
C ASP B 256 36.73 18.06 13.94
N LYS B 257 36.10 17.58 12.89
CA LYS B 257 35.01 18.26 12.22
C LYS B 257 33.73 17.48 12.45
N PRO B 258 32.60 18.16 12.62
CA PRO B 258 31.33 17.42 12.67
C PRO B 258 31.17 16.59 11.41
N HIS B 259 30.45 15.48 11.53
CA HIS B 259 30.47 14.46 10.47
C HIS B 259 29.96 14.99 9.12
N ASN B 260 28.92 15.84 9.12
CA ASN B 260 28.34 16.35 7.87
C ASN B 260 27.33 17.48 8.14
N PRO B 261 26.91 18.25 7.12
CA PRO B 261 26.03 19.40 7.39
C PRO B 261 24.60 19.05 7.82
N MET B 262 24.22 17.78 7.88
CA MET B 262 22.83 17.42 8.16
C MET B 262 22.60 16.99 9.60
N VAL B 263 23.63 17.05 10.45
CA VAL B 263 23.51 16.80 11.87
C VAL B 263 23.69 18.10 12.61
N ASN B 264 23.21 18.11 13.86
CA ASN B 264 23.13 19.37 14.60
C ASN B 264 24.50 20.03 14.71
N ALA B 265 25.53 19.24 15.06
CA ALA B 265 26.86 19.81 15.21
C ALA B 265 27.38 20.38 13.90
N GLY B 266 27.10 19.71 12.78
CA GLY B 266 27.51 20.26 11.51
C GLY B 266 26.70 21.46 11.08
N ALA B 267 25.38 21.39 11.28
CA ALA B 267 24.52 22.52 10.96
C ALA B 267 24.94 23.77 11.72
N ILE B 268 25.14 23.63 13.04
CA ILE B 268 25.62 24.74 13.87
C ILE B 268 26.92 25.31 13.33
N VAL B 269 27.85 24.46 12.89
CA VAL B 269 29.08 24.98 12.32
C VAL B 269 28.82 25.69 11.00
N VAL B 270 27.97 25.10 10.17
CA VAL B 270 27.67 25.76 8.90
C VAL B 270 27.03 27.11 9.16
N THR B 271 26.08 27.18 10.10
CA THR B 271 25.45 28.45 10.48
C THR B 271 26.47 29.49 10.89
N SER B 272 27.62 29.05 11.36
CA SER B 272 28.69 29.93 11.79
C SER B 272 29.49 30.51 10.63
N LEU B 273 29.26 30.04 9.40
CA LEU B 273 30.02 30.49 8.24
C LEU B 273 29.30 31.50 7.36
N ILE B 274 27.97 31.60 7.47
CA ILE B 274 27.16 32.49 6.62
C ILE B 274 27.38 33.94 7.01
N LYS B 275 27.75 34.76 6.03
CA LYS B 275 27.80 36.23 6.14
C LYS B 275 28.50 36.67 7.41
N GLN B 276 29.76 36.29 7.54
CA GLN B 276 30.55 36.65 8.71
C GLN B 276 30.75 38.16 8.79
N GLY B 277 31.10 38.63 9.98
CA GLY B 277 31.37 40.03 10.23
C GLY B 277 30.14 40.89 10.48
N VAL B 278 28.94 40.35 10.36
CA VAL B 278 27.71 41.11 10.52
C VAL B 278 26.90 40.55 11.67
N ASN B 279 26.04 41.38 12.24
CA ASN B 279 25.24 41.01 13.40
C ASN B 279 24.11 40.06 12.99
N ASN B 280 23.48 39.44 14.00
CA ASN B 280 22.46 38.40 13.79
C ASN B 280 21.19 38.91 13.11
N ALA B 281 20.93 40.22 13.12
CA ALA B 281 19.74 40.72 12.43
C ALA B 281 19.92 40.68 10.93
N GLU B 282 21.08 41.11 10.44
CA GLU B 282 21.32 41.12 8.99
C GLU B 282 21.46 39.71 8.44
N LYS B 283 22.19 38.83 9.13
CA LYS B 283 22.36 37.46 8.63
C LYS B 283 21.00 36.78 8.49
N PHE B 284 20.15 36.91 9.50
CA PHE B 284 18.82 36.32 9.36
C PHE B 284 18.13 36.84 8.11
N ASP B 285 18.18 38.15 7.88
CA ASP B 285 17.60 38.69 6.66
C ASP B 285 18.28 38.10 5.43
N TYR B 286 19.60 37.99 5.46
CA TYR B 286 20.32 37.46 4.31
C TYR B 286 19.85 36.04 3.97
N VAL B 287 19.71 35.17 4.98
CA VAL B 287 19.18 33.85 4.69
C VAL B 287 17.71 33.94 4.23
N MET B 288 16.92 34.88 4.77
CA MET B 288 15.53 35.00 4.35
C MET B 288 15.41 35.53 2.93
N GLN B 289 16.26 36.50 2.58
CA GLN B 289 16.29 36.99 1.21
C GLN B 289 16.61 35.84 0.27
N PHE B 290 17.54 34.96 0.70
CA PHE B 290 17.92 33.80 -0.08
C PHE B 290 16.81 32.77 -0.13
N LEU B 291 16.21 32.47 1.02
CA LEU B 291 15.11 31.51 1.03
C LEU B 291 13.90 32.03 0.26
N ASN B 292 13.75 33.35 0.18
CA ASN B 292 12.62 33.92 -0.56
C ASN B 292 12.72 33.59 -2.05
N LYS B 293 13.90 33.78 -2.65
CA LYS B 293 14.04 33.50 -4.06
C LYS B 293 14.00 32.00 -4.37
N MET B 294 14.42 31.15 -3.44
CA MET B 294 14.27 29.73 -3.71
C MET B 294 12.81 29.35 -3.90
N ALA B 295 11.90 30.06 -3.22
CA ALA B 295 10.49 29.73 -3.26
C ALA B 295 9.73 30.58 -4.27
N GLY B 296 10.42 31.29 -5.14
CA GLY B 296 9.76 32.14 -6.12
C GLY B 296 8.83 33.11 -5.45
N ASN B 297 9.24 33.55 -4.26
CA ASN B 297 8.61 34.56 -3.44
C ASN B 297 7.29 34.10 -2.84
N GLU B 298 7.11 32.79 -2.70
CA GLU B 298 5.96 32.28 -1.97
C GLU B 298 6.30 32.33 -0.48
N TYR B 299 5.49 31.70 0.36
CA TYR B 299 5.54 32.00 1.78
C TYR B 299 6.82 31.49 2.43
N VAL B 300 7.61 32.42 2.95
CA VAL B 300 8.70 32.13 3.88
C VAL B 300 8.52 33.05 5.07
N GLY B 301 8.29 32.46 6.24
CA GLY B 301 7.99 33.22 7.42
C GLY B 301 8.91 32.94 8.59
N PHE B 302 8.41 33.20 9.80
CA PHE B 302 9.19 33.01 11.01
C PHE B 302 8.24 32.97 12.19
N SER B 303 8.32 31.91 13.01
CA SER B 303 7.46 31.81 14.18
C SER B 303 8.32 32.06 15.42
N ASN B 304 8.18 33.24 16.02
CA ASN B 304 8.94 33.56 17.21
C ASN B 304 8.56 32.68 18.41
N ALA B 305 7.35 32.10 18.38
CA ALA B 305 6.96 31.16 19.43
C ALA B 305 7.91 29.97 19.50
N THR B 306 8.18 29.32 18.35
CA THR B 306 9.05 28.15 18.34
C THR B 306 10.49 28.53 18.61
N PHE B 307 10.87 29.77 18.32
CA PHE B 307 12.22 30.19 18.65
C PHE B 307 12.43 30.26 20.15
N GLN B 308 11.50 30.91 20.85
CA GLN B 308 11.68 31.09 22.29
C GLN B 308 11.73 29.75 23.04
N SER B 309 11.02 28.73 22.56
CA SER B 309 11.02 27.48 23.30
C SER B 309 12.20 26.58 22.93
N GLU B 310 12.80 26.78 21.77
CA GLU B 310 14.07 26.14 21.45
C GLU B 310 15.20 26.95 22.08
N ARG B 311 14.88 28.15 22.55
CA ARG B 311 15.86 29.01 23.19
C ARG B 311 16.27 28.51 24.57
N GLU B 312 15.38 27.83 25.29
CA GLU B 312 15.80 27.41 26.63
C GLU B 312 15.57 25.93 26.83
N SER B 313 15.56 25.17 25.74
CA SER B 313 15.39 23.73 25.83
C SER B 313 16.37 23.01 24.91
N GLY B 314 17.40 23.74 24.49
CA GLY B 314 18.46 23.23 23.65
C GLY B 314 19.78 23.09 24.38
N ASP B 315 19.79 22.41 25.52
CA ASP B 315 21.05 22.18 26.23
C ASP B 315 22.03 21.35 25.39
N ARG B 316 21.52 20.41 24.59
CA ARG B 316 22.33 19.69 23.61
C ARG B 316 23.07 20.62 22.65
N ASN B 317 22.39 21.61 22.09
CA ASN B 317 23.10 22.50 21.18
C ASN B 317 24.06 23.41 21.96
N PHE B 318 23.70 23.77 23.18
CA PHE B 318 24.69 24.43 24.02
C PHE B 318 25.84 23.48 24.35
N ALA B 319 25.52 22.22 24.64
CA ALA B 319 26.57 21.22 24.76
C ALA B 319 27.44 21.18 23.50
N ILE B 320 26.80 21.03 22.33
CA ILE B 320 27.57 20.99 21.09
C ILE B 320 28.33 22.29 20.89
N GLY B 321 27.65 23.42 21.15
CA GLY B 321 28.28 24.71 20.91
C GLY B 321 29.54 24.86 21.72
N TYR B 322 29.46 24.53 23.01
CA TYR B 322 30.61 24.65 23.90
C TYR B 322 31.71 23.64 23.54
N TYR B 323 31.31 22.39 23.25
CA TYR B 323 32.28 21.40 22.80
C TYR B 323 33.01 21.88 21.56
N LEU B 324 32.28 22.49 20.61
CA LEU B 324 32.93 22.93 19.37
C LEU B 324 33.88 24.09 19.62
N LYS B 325 33.52 25.02 20.52
CA LYS B 325 34.44 26.09 20.87
C LYS B 325 35.74 25.55 21.46
N GLU B 326 35.63 24.57 22.37
CA GLU B 326 36.81 23.96 22.96
C GLU B 326 37.78 23.42 21.91
N LYS B 327 37.26 22.63 20.96
CA LYS B 327 38.11 22.01 19.96
C LYS B 327 38.29 22.87 18.70
N LYS B 328 38.00 24.18 18.79
CA LYS B 328 38.46 25.21 17.84
C LYS B 328 37.91 24.98 16.42
N CYS B 329 36.60 24.67 16.35
CA CYS B 329 35.91 24.24 15.14
C CYS B 329 35.15 25.36 14.42
N PHE B 330 35.11 26.58 14.97
CA PHE B 330 34.51 27.74 14.35
C PHE B 330 35.58 28.62 13.70
N PRO B 331 35.22 29.54 12.82
CA PRO B 331 36.19 30.49 12.28
C PRO B 331 36.54 31.55 13.31
N GLU B 332 37.73 32.13 13.16
CA GLU B 332 38.22 33.03 14.18
C GLU B 332 37.23 34.18 14.36
N GLY B 333 37.07 34.62 15.61
CA GLY B 333 36.18 35.71 15.92
C GLY B 333 34.71 35.36 15.99
N THR B 334 34.39 34.08 16.17
CA THR B 334 33.00 33.65 16.23
C THR B 334 32.43 33.91 17.63
N ASP B 335 31.22 34.47 17.69
CA ASP B 335 30.47 34.55 18.95
C ASP B 335 29.58 33.32 19.00
N MET B 336 30.07 32.28 19.68
CA MET B 336 29.42 30.97 19.67
C MET B 336 27.99 31.06 20.21
N VAL B 337 27.81 31.73 21.35
CA VAL B 337 26.48 31.80 21.94
C VAL B 337 25.52 32.51 20.99
N GLY B 338 26.02 33.52 20.27
CA GLY B 338 25.19 34.19 19.27
C GLY B 338 24.87 33.30 18.08
N ILE B 339 25.84 32.50 17.66
CA ILE B 339 25.61 31.53 16.58
C ILE B 339 24.54 30.54 16.97
N LEU B 340 24.44 30.20 18.27
CA LEU B 340 23.39 29.28 18.68
C LEU B 340 22.01 29.90 18.47
N ASP B 341 21.87 31.19 18.79
CA ASP B 341 20.60 31.90 18.62
C ASP B 341 20.26 32.09 17.14
N PHE B 342 21.23 32.53 16.36
CA PHE B 342 21.02 32.54 14.92
C PHE B 342 20.63 31.13 14.44
N TYR B 343 21.28 30.09 15.00
CA TYR B 343 20.91 28.72 14.67
C TYR B 343 19.48 28.41 15.09
N PHE B 344 19.13 28.75 16.32
CA PHE B 344 17.78 28.48 16.79
C PHE B 344 16.74 29.20 15.93
N GLN B 345 17.06 30.42 15.46
CA GLN B 345 16.13 31.18 14.61
C GLN B 345 15.92 30.48 13.27
N LEU B 346 17.02 30.11 12.60
CA LEU B 346 16.89 29.45 11.30
C LEU B 346 16.03 28.20 11.39
N CYS B 347 15.98 27.56 12.57
CA CYS B 347 15.12 26.40 12.76
C CYS B 347 13.65 26.76 12.93
N SER B 348 13.35 28.00 13.30
CA SER B 348 11.97 28.41 13.54
C SER B 348 11.36 29.10 12.32
N ILE B 349 12.05 29.12 11.19
CA ILE B 349 11.53 29.74 9.98
C ILE B 349 10.33 28.95 9.47
N GLU B 350 9.28 29.65 9.06
CA GLU B 350 8.04 28.98 8.69
C GLU B 350 7.88 28.84 7.19
N VAL B 351 7.24 27.73 6.79
CA VAL B 351 6.82 27.44 5.41
C VAL B 351 5.49 26.69 5.44
N THR B 352 4.90 26.51 4.26
CA THR B 352 3.82 25.57 3.99
C THR B 352 4.34 24.54 3.00
N CYS B 353 3.56 23.49 2.69
CA CYS B 353 4.16 22.51 1.78
C CYS B 353 4.23 23.09 0.37
N GLU B 354 3.33 24.03 0.08
CA GLU B 354 3.37 24.67 -1.22
C GLU B 354 4.57 25.58 -1.33
N SER B 355 4.73 26.51 -0.37
CA SER B 355 5.96 27.27 -0.31
C SER B 355 7.18 26.36 -0.44
N ALA B 356 7.26 25.33 0.41
CA ALA B 356 8.51 24.57 0.48
C ALA B 356 8.79 23.73 -0.76
N SER B 357 7.76 23.19 -1.41
CA SER B 357 7.99 22.35 -2.59
C SER B 357 8.70 23.11 -3.71
N VAL B 358 8.52 24.44 -3.79
CA VAL B 358 9.23 25.22 -4.80
C VAL B 358 10.70 25.38 -4.41
N MET B 359 10.96 25.52 -3.11
CA MET B 359 12.33 25.44 -2.61
C MET B 359 12.99 24.13 -3.04
N ALA B 360 12.28 23.02 -2.85
CA ALA B 360 12.80 21.71 -3.23
C ALA B 360 13.04 21.63 -4.74
N ALA B 361 12.10 22.13 -5.52
CA ALA B 361 12.27 22.06 -6.97
C ALA B 361 13.43 22.92 -7.43
N THR B 362 13.72 24.02 -6.73
CA THR B 362 14.91 24.79 -7.06
C THR B 362 16.17 23.92 -6.97
N LEU B 363 16.23 23.02 -5.98
CA LEU B 363 17.34 22.08 -5.90
C LEU B 363 17.24 21.01 -6.97
N ALA B 364 16.02 20.61 -7.32
CA ALA B 364 15.81 19.67 -8.41
C ALA B 364 16.21 20.26 -9.76
N ASN B 365 16.35 21.58 -9.85
CA ASN B 365 16.54 22.24 -11.13
C ASN B 365 17.86 23.00 -11.17
N GLY B 366 18.91 22.41 -10.60
CA GLY B 366 20.24 22.99 -10.73
C GLY B 366 20.40 24.38 -10.15
N GLY B 367 19.49 24.80 -9.28
CA GLY B 367 19.59 26.09 -8.64
C GLY B 367 18.80 27.19 -9.29
N PHE B 368 17.98 26.88 -10.30
CA PHE B 368 17.09 27.85 -10.93
C PHE B 368 15.68 27.63 -10.38
N CYS B 369 15.08 28.70 -9.83
CA CYS B 369 13.70 28.61 -9.34
C CYS B 369 12.76 28.30 -10.49
N PRO B 370 11.98 27.22 -10.44
CA PRO B 370 11.22 26.83 -11.61
C PRO B 370 10.11 27.82 -11.98
N ILE B 371 9.60 28.58 -11.03
CA ILE B 371 8.47 29.49 -11.30
C ILE B 371 8.94 30.93 -11.45
N THR B 372 10.24 31.17 -11.53
CA THR B 372 10.75 32.51 -11.84
C THR B 372 11.86 32.54 -12.86
N GLY B 373 12.57 31.44 -13.08
CA GLY B 373 13.70 31.45 -13.99
C GLY B 373 14.95 32.09 -13.43
N GLU B 374 14.99 32.41 -12.13
CA GLU B 374 16.12 33.10 -11.49
C GLU B 374 17.19 32.12 -11.01
N ARG B 375 18.47 32.52 -11.13
CA ARG B 375 19.59 31.71 -10.61
C ARG B 375 19.68 31.97 -9.12
N VAL B 376 19.34 30.99 -8.28
CA VAL B 376 19.38 31.20 -6.84
C VAL B 376 20.65 30.59 -6.23
N LEU B 377 21.00 29.37 -6.61
CA LEU B 377 22.16 28.67 -6.05
C LEU B 377 23.09 28.18 -7.15
N SER B 378 24.39 28.22 -6.89
CA SER B 378 25.39 27.70 -7.81
C SER B 378 25.15 26.20 -8.03
N PRO B 379 25.46 25.67 -9.22
CA PRO B 379 25.23 24.25 -9.44
C PRO B 379 26.09 23.39 -8.54
N GLU B 380 27.29 23.89 -8.21
CA GLU B 380 28.14 23.26 -7.21
C GLU B 380 27.43 23.18 -5.85
N ALA B 381 26.75 24.25 -5.45
CA ALA B 381 26.03 24.21 -4.19
C ALA B 381 24.88 23.20 -4.22
N VAL B 382 24.10 23.20 -5.30
CA VAL B 382 22.97 22.29 -5.35
C VAL B 382 23.47 20.85 -5.33
N ARG B 383 24.56 20.59 -6.05
CA ARG B 383 25.08 19.24 -6.16
C ARG B 383 25.50 18.71 -4.80
N ASN B 384 26.31 19.49 -4.07
CA ASN B 384 26.75 19.05 -2.76
C ASN B 384 25.56 18.84 -1.84
N THR B 385 24.59 19.75 -1.89
CA THR B 385 23.47 19.62 -0.98
C THR B 385 22.67 18.38 -1.30
N LEU B 386 22.57 18.01 -2.57
CA LEU B 386 21.75 16.84 -2.87
C LEU B 386 22.49 15.53 -2.58
N SER B 387 23.83 15.52 -2.66
CA SER B 387 24.53 14.31 -2.28
C SER B 387 24.57 14.12 -0.76
N LEU B 388 24.58 15.20 0.03
CA LEU B 388 24.59 15.00 1.48
C LEU B 388 23.19 14.73 2.01
N MET B 389 22.14 15.25 1.34
CA MET B 389 20.79 14.87 1.72
C MET B 389 20.50 13.43 1.37
N HIS B 390 21.15 12.93 0.32
CA HIS B 390 21.01 11.53 -0.05
C HIS B 390 21.43 10.64 1.11
N SER B 391 22.64 10.87 1.63
CA SER B 391 23.28 10.00 2.59
C SER B 391 23.05 10.39 4.06
N CYS B 392 22.83 11.65 4.39
CA CYS B 392 22.73 11.97 5.82
C CYS B 392 21.43 12.71 6.14
N GLY B 393 20.40 12.53 5.33
CA GLY B 393 19.27 13.43 5.43
C GLY B 393 18.15 13.00 6.34
N MET B 394 18.12 11.73 6.70
CA MET B 394 16.96 11.20 7.42
C MET B 394 17.38 10.57 8.74
N TYR B 395 18.30 11.21 9.44
CA TYR B 395 18.71 10.81 10.80
C TYR B 395 19.25 9.38 10.72
N ASP B 396 18.88 8.49 11.64
CA ASP B 396 19.37 7.12 11.55
C ASP B 396 18.76 6.32 10.40
N PHE B 397 17.64 6.74 9.84
CA PHE B 397 17.06 6.00 8.71
C PHE B 397 17.75 6.29 7.40
N SER B 398 18.83 7.08 7.41
CA SER B 398 19.36 7.65 6.18
C SER B 398 19.86 6.56 5.23
N GLY B 399 20.62 5.60 5.76
CA GLY B 399 21.14 4.54 4.93
C GLY B 399 20.04 3.64 4.39
N GLN B 400 19.09 3.29 5.26
CA GLN B 400 17.93 2.53 4.80
C GLN B 400 17.17 3.34 3.77
N PHE B 401 17.10 4.64 3.98
CA PHE B 401 16.43 5.51 3.03
C PHE B 401 17.19 5.57 1.72
N ALA B 402 18.51 5.74 1.79
CA ALA B 402 19.31 5.85 0.56
C ALA B 402 19.28 4.57 -0.26
N PHE B 403 19.09 3.42 0.40
CA PHE B 403 18.96 2.16 -0.30
C PHE B 403 17.58 2.04 -0.93
N HIS B 404 16.53 2.02 -0.10
CA HIS B 404 15.21 1.68 -0.62
C HIS B 404 14.59 2.81 -1.44
N VAL B 405 14.77 4.06 -1.04
CA VAL B 405 14.15 5.18 -1.73
C VAL B 405 15.10 5.84 -2.71
N GLY B 406 16.35 6.04 -2.31
CA GLY B 406 17.31 6.61 -3.22
C GLY B 406 16.97 8.00 -3.73
N LEU B 407 16.32 8.82 -2.91
CA LEU B 407 16.08 10.21 -3.27
C LEU B 407 16.70 11.12 -2.22
N PRO B 408 17.30 12.22 -2.64
CA PRO B 408 17.73 13.21 -1.65
C PRO B 408 16.52 13.70 -0.88
N ALA B 409 16.53 13.48 0.43
CA ALA B 409 15.45 13.99 1.25
C ALA B 409 16.03 14.53 2.54
N LYS B 410 15.24 15.33 3.25
CA LYS B 410 15.63 15.88 4.55
C LYS B 410 14.40 15.98 5.43
N SER B 411 14.51 15.50 6.65
CA SER B 411 13.39 15.51 7.58
C SER B 411 13.59 16.56 8.66
N GLY B 412 12.49 16.91 9.31
CA GLY B 412 12.51 17.85 10.42
C GLY B 412 11.47 17.42 11.44
N VAL B 413 11.69 17.86 12.68
CA VAL B 413 10.87 17.37 13.78
C VAL B 413 9.40 17.86 13.72
N ALA B 414 9.11 18.96 13.02
CA ALA B 414 7.71 19.39 12.86
C ALA B 414 6.90 18.45 11.98
N GLY B 415 7.52 17.52 11.28
CA GLY B 415 6.82 16.63 10.39
C GLY B 415 7.15 16.79 8.92
N GLY B 416 8.19 17.57 8.59
CA GLY B 416 8.50 17.83 7.21
C GLY B 416 9.43 16.78 6.62
N ILE B 417 9.27 16.55 5.32
CA ILE B 417 10.24 15.82 4.53
C ILE B 417 10.41 16.61 3.24
N LEU B 418 11.55 17.25 3.11
CA LEU B 418 11.89 18.01 1.92
C LEU B 418 12.52 17.05 0.93
N LEU B 419 11.78 16.70 -0.11
CA LEU B 419 12.12 15.63 -1.03
C LEU B 419 12.50 16.23 -2.37
N VAL B 420 13.49 15.63 -3.03
CA VAL B 420 13.91 16.12 -4.33
C VAL B 420 14.09 14.92 -5.25
N VAL B 421 13.39 14.92 -6.37
CA VAL B 421 13.63 14.00 -7.47
C VAL B 421 14.39 14.79 -8.53
N PRO B 422 15.72 14.71 -8.54
CA PRO B 422 16.51 15.52 -9.47
C PRO B 422 16.00 15.43 -10.91
N ASN B 423 16.10 16.57 -11.60
CA ASN B 423 15.72 16.79 -12.99
C ASN B 423 14.22 16.65 -13.24
N VAL B 424 13.42 16.41 -12.20
CA VAL B 424 11.98 16.21 -12.40
C VAL B 424 11.20 17.19 -11.54
N MET B 425 11.30 17.07 -10.23
CA MET B 425 10.38 17.78 -9.36
C MET B 425 10.99 17.87 -7.97
N GLY B 426 10.47 18.82 -7.19
CA GLY B 426 10.73 18.95 -5.76
C GLY B 426 9.43 18.76 -5.01
N MET B 427 9.51 18.38 -3.75
CA MET B 427 8.31 18.07 -2.97
C MET B 427 8.55 18.47 -1.53
N MET B 428 7.45 18.58 -0.79
CA MET B 428 7.49 18.72 0.66
C MET B 428 6.31 17.91 1.18
N CYS B 429 6.60 16.91 1.99
CA CYS B 429 5.53 16.19 2.68
C CYS B 429 5.57 16.56 4.16
N TRP B 430 4.38 16.59 4.76
CA TRP B 430 4.28 17.11 6.12
C TRP B 430 3.14 16.42 6.85
N SER B 431 3.50 15.70 7.91
CA SER B 431 2.55 15.22 8.87
C SER B 431 3.33 15.17 10.17
N PRO B 432 2.82 15.76 11.24
CA PRO B 432 3.65 15.97 12.45
C PRO B 432 3.99 14.68 13.22
N PRO B 433 3.14 13.65 13.21
CA PRO B 433 3.53 12.42 13.93
C PRO B 433 4.85 11.87 13.42
N LEU B 434 5.83 11.81 14.33
CA LEU B 434 7.15 11.28 14.03
C LEU B 434 7.20 9.79 14.34
N ASP B 435 8.08 9.07 13.64
CA ASP B 435 8.32 7.70 14.02
C ASP B 435 9.43 7.70 15.06
N LYS B 436 9.90 6.53 15.43
CA LYS B 436 10.79 6.44 16.57
C LYS B 436 12.24 6.78 16.20
N MET B 437 12.52 7.11 14.95
CA MET B 437 13.80 7.67 14.57
C MET B 437 13.75 9.16 14.24
N GLY B 438 12.57 9.80 14.34
CA GLY B 438 12.46 11.23 14.12
C GLY B 438 11.88 11.67 12.79
N ASN B 439 11.40 10.73 11.96
CA ASN B 439 10.90 11.04 10.62
C ASN B 439 9.38 10.87 10.57
N SER B 440 8.68 11.87 10.00
CA SER B 440 7.23 11.82 9.76
C SER B 440 6.80 10.46 9.22
N VAL B 441 5.85 9.83 9.89
CA VAL B 441 5.43 8.48 9.48
C VAL B 441 4.86 8.50 8.08
N LYS B 442 3.88 9.37 7.82
CA LYS B 442 3.24 9.38 6.51
C LYS B 442 4.22 9.80 5.42
N GLY B 443 5.16 10.68 5.73
CA GLY B 443 6.18 11.02 4.77
C GLY B 443 7.01 9.83 4.38
N ILE B 444 7.47 9.08 5.38
CA ILE B 444 8.30 7.91 5.09
C ILE B 444 7.50 6.91 4.27
N HIS B 445 6.25 6.66 4.67
CA HIS B 445 5.40 5.75 3.93
C HIS B 445 5.15 6.26 2.51
N PHE B 446 4.83 7.56 2.39
CA PHE B 446 4.58 8.15 1.08
C PHE B 446 5.81 8.04 0.18
N CYS B 447 7.00 8.33 0.72
CA CYS B 447 8.16 8.33 -0.16
C CYS B 447 8.56 6.93 -0.57
N HIS B 448 8.20 5.92 0.24
CA HIS B 448 8.36 4.54 -0.18
C HIS B 448 7.41 4.20 -1.32
N ASP B 449 6.14 4.59 -1.19
CA ASP B 449 5.16 4.22 -2.20
C ASP B 449 5.43 4.96 -3.49
N LEU B 450 6.00 6.16 -3.40
CA LEU B 450 6.36 6.94 -4.58
C LEU B 450 7.39 6.20 -5.42
N VAL B 451 8.45 5.69 -4.78
CA VAL B 451 9.49 5.05 -5.55
C VAL B 451 9.07 3.65 -5.97
N SER B 452 8.22 3.01 -5.17
CA SER B 452 7.69 1.73 -5.56
C SER B 452 6.83 1.85 -6.81
N LEU B 453 6.37 3.06 -7.14
CA LEU B 453 5.48 3.25 -8.28
C LEU B 453 6.13 3.86 -9.51
N CYS B 454 7.17 4.69 -9.35
CA CYS B 454 7.81 5.31 -10.50
C CYS B 454 9.32 5.13 -10.44
N ASN B 455 9.95 5.25 -11.62
CA ASN B 455 11.37 4.95 -11.75
C ASN B 455 12.23 6.16 -11.37
N PHE B 456 11.90 6.78 -10.23
CA PHE B 456 12.59 7.99 -9.76
C PHE B 456 13.79 7.70 -8.88
N HIS B 457 13.93 6.47 -8.39
CA HIS B 457 15.06 6.07 -7.56
C HIS B 457 16.36 6.48 -8.24
N ASN B 458 17.34 6.87 -7.43
CA ASN B 458 18.61 7.36 -7.95
C ASN B 458 19.25 6.35 -8.90
N TYR B 459 18.98 5.06 -8.71
CA TYR B 459 19.62 4.00 -9.48
C TYR B 459 18.58 3.11 -10.13
N ASP B 460 17.40 3.66 -10.42
CA ASP B 460 16.55 3.06 -11.43
C ASP B 460 17.15 3.34 -12.81
N ASN B 461 16.74 2.55 -13.78
CA ASN B 461 17.17 2.74 -15.16
C ASN B 461 16.08 3.47 -15.92
N LEU B 462 16.47 4.37 -16.82
CA LEU B 462 15.53 5.17 -17.59
C LEU B 462 14.99 4.46 -18.82
N ARG B 463 15.50 3.27 -19.12
CA ARG B 463 15.08 2.49 -20.28
C ARG B 463 14.42 1.17 -19.91
N HIS B 464 14.98 0.42 -18.96
CA HIS B 464 14.41 -0.85 -18.51
C HIS B 464 14.11 -0.72 -17.02
N PHE B 465 12.81 -0.62 -16.67
CA PHE B 465 12.44 -0.37 -15.29
C PHE B 465 11.26 -1.23 -14.85
N ALA B 466 11.16 -2.42 -15.45
CA ALA B 466 10.25 -3.48 -15.02
C ALA B 466 8.85 -2.90 -15.17
N LYS B 467 7.98 -2.99 -14.17
CA LYS B 467 6.63 -2.51 -14.32
C LYS B 467 6.36 -1.25 -13.49
N LYS B 468 7.41 -0.48 -13.23
CA LYS B 468 7.25 0.86 -12.69
C LYS B 468 6.72 1.80 -13.77
N LEU B 469 6.28 2.99 -13.34
CA LEU B 469 5.82 4.05 -14.23
C LEU B 469 6.95 5.02 -14.51
N ASP B 470 6.86 5.70 -15.66
CA ASP B 470 7.79 6.78 -15.97
C ASP B 470 6.99 8.01 -16.34
N PRO B 471 6.66 8.85 -15.37
CA PRO B 471 5.86 10.05 -15.67
C PRO B 471 6.51 10.97 -16.69
N ARG B 472 7.80 10.76 -17.01
CA ARG B 472 8.49 11.57 -18.00
C ARG B 472 8.14 11.24 -19.43
N ARG B 473 7.36 10.18 -19.69
CA ARG B 473 7.16 9.63 -21.03
C ARG B 473 5.68 9.56 -21.38
N GLU B 474 5.41 9.31 -22.67
CA GLU B 474 4.10 9.41 -23.29
C GLU B 474 3.26 8.14 -23.13
N GLY B 475 3.34 7.23 -24.09
CA GLY B 475 2.55 6.01 -24.07
C GLY B 475 3.34 4.72 -24.11
N PRO C 66 8.62 4.11 -49.55
CA PRO C 66 9.82 4.22 -48.71
C PRO C 66 10.09 2.94 -47.92
N SER C 67 11.34 2.74 -47.49
CA SER C 67 11.69 1.61 -46.62
C SER C 67 13.07 1.87 -46.02
N LEU C 68 13.22 1.48 -44.75
CA LEU C 68 14.36 1.92 -43.93
C LEU C 68 15.70 1.44 -44.48
N GLU C 69 15.72 0.28 -45.15
CA GLU C 69 16.97 -0.26 -45.68
C GLU C 69 17.55 0.62 -46.77
N ASP C 70 16.70 1.14 -47.66
CA ASP C 70 17.16 2.00 -48.75
C ASP C 70 17.37 3.41 -48.28
N LEU C 71 16.56 3.86 -47.31
CA LEU C 71 16.82 5.16 -46.70
C LEU C 71 18.24 5.19 -46.16
N LEU C 72 18.62 4.14 -45.43
CA LEU C 72 20.00 4.03 -44.95
C LEU C 72 20.97 3.92 -46.12
N PHE C 73 20.57 3.25 -47.20
CA PHE C 73 21.45 3.17 -48.35
C PHE C 73 21.76 4.56 -48.89
N TYR C 74 20.74 5.44 -49.00
CA TYR C 74 20.93 6.75 -49.64
C TYR C 74 21.69 7.74 -48.76
N THR C 75 21.59 7.61 -47.43
CA THR C 75 22.41 8.41 -46.51
C THR C 75 23.88 8.03 -46.52
N ILE C 76 24.22 6.77 -46.81
CA ILE C 76 25.64 6.47 -46.96
C ILE C 76 26.13 6.72 -48.38
N ALA C 77 25.26 6.52 -49.38
CA ALA C 77 25.63 6.44 -50.80
C ALA C 77 26.18 7.75 -51.39
N GLU C 78 25.76 8.89 -50.83
CA GLU C 78 26.19 10.25 -51.13
C GLU C 78 25.46 10.76 -52.37
N GLY C 79 24.31 10.17 -52.69
CA GLY C 79 23.82 10.43 -54.00
C GLY C 79 24.57 9.64 -55.04
N GLN C 80 25.66 8.97 -54.66
CA GLN C 80 26.42 8.14 -55.59
C GLN C 80 25.67 6.83 -55.79
N GLU C 81 26.22 5.93 -56.59
CA GLU C 81 25.34 4.93 -57.15
C GLU C 81 25.49 3.59 -56.45
N LYS C 82 26.65 3.34 -55.85
CA LYS C 82 26.89 2.27 -54.90
C LYS C 82 27.88 2.73 -53.84
N ILE C 83 27.94 1.94 -52.77
CA ILE C 83 28.74 2.15 -51.56
C ILE C 83 29.90 1.15 -51.58
N PRO C 84 31.14 1.61 -51.61
CA PRO C 84 32.25 0.70 -51.31
C PRO C 84 32.05 0.06 -49.94
N VAL C 85 32.47 -1.20 -49.81
CA VAL C 85 32.19 -1.89 -48.55
C VAL C 85 33.05 -1.31 -47.44
N HIS C 86 34.25 -0.82 -47.79
CA HIS C 86 35.12 -0.23 -46.78
C HIS C 86 34.53 1.05 -46.20
N LYS C 87 33.86 1.86 -47.04
CA LYS C 87 33.25 3.08 -46.52
C LYS C 87 32.03 2.78 -45.64
N PHE C 88 31.32 1.68 -45.89
CA PHE C 88 30.25 1.32 -44.98
C PHE C 88 30.81 0.97 -43.62
N ILE C 89 31.97 0.29 -43.58
CA ILE C 89 32.48 -0.17 -42.29
C ILE C 89 33.16 0.98 -41.52
N THR C 90 33.84 1.91 -42.21
CA THR C 90 34.38 3.06 -41.47
C THR C 90 33.28 4.00 -41.01
N ALA C 91 32.23 4.18 -41.84
CA ALA C 91 31.02 4.83 -41.35
C ALA C 91 30.45 4.11 -40.13
N LEU C 92 30.52 2.78 -40.13
CA LEU C 92 30.03 2.01 -38.99
C LEU C 92 30.91 2.23 -37.77
N LYS C 93 32.23 2.07 -37.93
CA LYS C 93 33.15 2.22 -36.82
C LYS C 93 33.10 3.65 -36.26
N SER C 94 32.74 4.63 -37.08
CA SER C 94 32.62 6.02 -36.62
C SER C 94 31.55 6.19 -35.57
N THR C 95 30.49 5.37 -35.62
CA THR C 95 29.47 5.45 -34.57
C THR C 95 29.95 4.89 -33.24
N GLY C 96 31.14 4.27 -33.22
CA GLY C 96 31.70 3.68 -32.03
C GLY C 96 31.49 2.19 -31.92
N LEU C 97 30.57 1.64 -32.70
CA LEU C 97 30.40 0.21 -32.72
C LEU C 97 31.66 -0.43 -33.31
N ARG C 98 31.86 -1.70 -32.99
CA ARG C 98 32.89 -2.51 -33.62
C ARG C 98 32.23 -3.58 -34.48
N THR C 99 32.88 -3.93 -35.59
CA THR C 99 32.29 -4.87 -36.53
C THR C 99 32.05 -6.25 -35.91
N SER C 100 32.78 -6.58 -34.84
CA SER C 100 32.54 -7.82 -34.13
C SER C 100 31.26 -7.80 -33.29
N ASP C 101 30.51 -6.69 -33.24
CA ASP C 101 29.33 -6.60 -32.39
C ASP C 101 28.41 -7.82 -32.63
N PRO C 102 28.01 -8.53 -31.57
CA PRO C 102 27.16 -9.71 -31.75
C PRO C 102 25.81 -9.43 -32.37
N ARG C 103 25.21 -8.26 -32.11
CA ARG C 103 23.94 -7.94 -32.73
C ARG C 103 24.09 -7.49 -34.18
N LEU C 104 25.31 -7.54 -34.70
CA LEU C 104 25.61 -7.22 -36.07
C LEU C 104 26.03 -8.47 -36.83
N LYS C 105 25.83 -9.66 -36.21
CA LYS C 105 26.47 -10.84 -36.77
C LYS C 105 25.94 -11.25 -38.12
N GLU C 106 24.62 -11.17 -38.29
CA GLU C 106 24.04 -11.54 -39.54
C GLU C 106 24.51 -10.65 -40.65
N CYS C 107 24.68 -9.35 -40.37
CA CYS C 107 25.06 -8.40 -41.41
C CYS C 107 26.52 -8.55 -41.78
N MET C 108 27.38 -8.86 -40.82
CA MET C 108 28.78 -9.05 -41.19
C MET C 108 28.96 -10.42 -41.86
N ASP C 109 28.09 -11.36 -41.51
CA ASP C 109 28.07 -12.64 -42.22
C ASP C 109 27.81 -12.44 -43.69
N MET C 110 26.83 -11.59 -44.03
CA MET C 110 26.42 -11.39 -45.40
C MET C 110 27.38 -10.51 -46.18
N LEU C 111 28.27 -9.79 -45.49
CA LEU C 111 29.39 -9.11 -46.13
C LEU C 111 30.50 -10.10 -46.49
N ARG C 112 30.85 -11.00 -45.56
CA ARG C 112 31.86 -12.02 -45.82
C ARG C 112 31.40 -12.98 -46.91
N LEU C 113 30.09 -13.18 -47.03
CA LEU C 113 29.56 -13.95 -48.14
C LEU C 113 29.75 -13.24 -49.48
N THR C 114 29.39 -11.95 -49.55
CA THR C 114 29.47 -11.23 -50.82
C THR C 114 30.85 -10.68 -51.13
N LEU C 115 31.77 -10.65 -50.16
CA LEU C 115 33.17 -10.36 -50.47
C LEU C 115 33.91 -11.62 -50.88
N GLN C 116 33.17 -12.72 -51.03
CA GLN C 116 33.59 -13.95 -51.70
C GLN C 116 33.10 -14.02 -53.15
N THR C 117 31.84 -13.65 -53.38
CA THR C 117 31.23 -13.58 -54.71
C THR C 117 32.05 -12.82 -55.74
N THR C 118 32.40 -11.59 -55.42
CA THR C 118 33.01 -10.70 -56.38
C THR C 118 34.30 -10.18 -55.75
N SER C 119 35.40 -10.84 -56.12
CA SER C 119 36.63 -10.53 -55.43
C SER C 119 37.31 -9.30 -56.08
N ASP C 120 36.50 -8.51 -56.83
CA ASP C 120 36.74 -7.10 -57.20
C ASP C 120 35.53 -6.50 -57.92
N GLY C 121 35.07 -5.35 -57.41
CA GLY C 121 33.77 -4.79 -57.70
C GLY C 121 33.12 -4.81 -56.34
N VAL C 122 33.93 -4.40 -55.36
CA VAL C 122 33.64 -4.50 -53.94
C VAL C 122 32.62 -3.45 -53.56
N MET C 123 31.90 -2.95 -54.56
CA MET C 123 30.93 -1.88 -54.36
C MET C 123 29.54 -2.51 -54.37
N LEU C 124 28.61 -1.88 -53.66
CA LEU C 124 27.34 -2.47 -53.24
C LEU C 124 26.12 -1.69 -53.68
N ASP C 125 25.27 -2.42 -54.38
CA ASP C 125 24.00 -1.99 -54.92
C ASP C 125 23.07 -1.53 -53.80
N LYS C 126 21.94 -0.93 -54.15
CA LYS C 126 20.93 -0.52 -53.17
C LYS C 126 20.28 -1.72 -52.51
N ASP C 127 20.06 -2.71 -53.36
CA ASP C 127 19.44 -4.02 -53.29
C ASP C 127 20.31 -5.04 -52.56
N LEU C 128 21.64 -5.08 -52.88
CA LEU C 128 22.63 -5.92 -52.20
C LEU C 128 23.10 -5.29 -50.90
N PHE C 129 23.12 -3.95 -50.81
CA PHE C 129 23.26 -3.32 -49.50
C PHE C 129 22.09 -3.71 -48.64
N LYS C 130 20.91 -3.78 -49.25
CA LYS C 130 19.72 -4.18 -48.53
C LYS C 130 19.80 -5.66 -48.20
N LYS C 131 20.52 -6.41 -49.04
CA LYS C 131 20.69 -7.84 -48.83
C LYS C 131 21.41 -8.12 -47.52
N CYS C 132 22.38 -7.29 -47.15
CA CYS C 132 23.19 -7.58 -45.97
C CYS C 132 22.66 -6.93 -44.71
N VAL C 133 22.15 -5.70 -44.84
CA VAL C 133 21.78 -4.92 -43.66
C VAL C 133 20.34 -5.15 -43.27
N GLN C 134 19.60 -5.98 -44.02
CA GLN C 134 18.16 -5.97 -43.83
C GLN C 134 17.84 -6.44 -42.41
N SER C 135 18.59 -7.43 -41.91
CA SER C 135 18.21 -8.16 -40.71
C SER C 135 18.75 -7.51 -39.44
N ASN C 136 19.67 -6.57 -39.55
CA ASN C 136 20.11 -5.76 -38.41
C ASN C 136 19.81 -4.28 -38.66
N ILE C 137 18.79 -3.99 -39.47
CA ILE C 137 18.61 -2.62 -39.97
C ILE C 137 18.21 -1.69 -38.83
N VAL C 138 17.53 -2.23 -37.82
CA VAL C 138 16.98 -1.37 -36.78
C VAL C 138 18.10 -0.67 -36.02
N LEU C 139 19.06 -1.44 -35.49
CA LEU C 139 20.13 -0.79 -34.74
C LEU C 139 21.21 -0.19 -35.64
N LEU C 140 21.20 -0.49 -36.94
CA LEU C 140 22.11 0.23 -37.82
C LEU C 140 21.57 1.61 -38.16
N THR C 141 20.24 1.79 -38.18
CA THR C 141 19.71 3.12 -38.50
C THR C 141 19.87 4.07 -37.34
N GLN C 142 19.44 3.68 -36.16
CA GLN C 142 19.64 4.57 -35.04
C GLN C 142 21.14 4.75 -34.76
N ALA C 143 22.01 3.82 -35.21
CA ALA C 143 23.43 4.14 -35.16
C ALA C 143 23.76 5.30 -36.09
N PHE C 144 23.19 5.30 -37.29
CA PHE C 144 23.56 6.29 -38.29
C PHE C 144 22.75 7.58 -38.19
N ARG C 145 21.58 7.54 -37.58
CA ARG C 145 20.77 8.69 -37.21
C ARG C 145 21.15 9.35 -35.90
N ARG C 146 22.38 9.21 -35.42
CA ARG C 146 22.81 9.84 -34.16
C ARG C 146 21.82 9.60 -33.00
N LYS C 147 21.38 8.36 -32.82
CA LYS C 147 20.42 8.08 -31.75
C LYS C 147 21.03 7.25 -30.64
N PHE C 148 22.36 7.11 -30.60
CA PHE C 148 22.98 6.44 -29.46
C PHE C 148 23.20 7.42 -28.32
N VAL C 149 23.37 6.86 -27.12
CA VAL C 149 23.35 7.69 -25.92
C VAL C 149 24.43 8.77 -25.96
N ILE C 150 25.55 8.50 -26.62
CA ILE C 150 26.54 9.53 -26.91
C ILE C 150 26.55 9.67 -28.43
N PRO C 151 25.94 10.71 -29.00
CA PRO C 151 25.81 10.74 -30.46
C PRO C 151 27.13 11.03 -31.17
N ASP C 152 27.92 11.98 -30.68
CA ASP C 152 29.24 12.25 -31.27
C ASP C 152 30.28 11.42 -30.51
N PHE C 153 30.35 10.14 -30.86
CA PHE C 153 31.20 9.23 -30.09
C PHE C 153 32.69 9.45 -30.33
N MET C 154 33.07 10.11 -31.44
CA MET C 154 34.47 10.26 -31.83
C MET C 154 35.17 11.30 -30.99
N SER C 155 34.47 12.39 -30.68
CA SER C 155 35.02 13.40 -29.79
C SER C 155 35.08 12.90 -28.36
N PHE C 156 34.02 12.23 -27.90
CA PHE C 156 34.00 11.73 -26.53
C PHE C 156 35.20 10.85 -26.25
N THR C 157 35.57 9.97 -27.20
CA THR C 157 36.75 9.14 -26.95
C THR C 157 38.03 9.95 -26.97
N SER C 158 38.10 10.99 -27.81
CA SER C 158 39.22 11.93 -27.71
C SER C 158 39.34 12.50 -26.30
N HIS C 159 38.21 12.87 -25.71
CA HIS C 159 38.20 13.34 -24.33
C HIS C 159 38.59 12.23 -23.35
N ILE C 160 38.05 11.02 -23.55
CA ILE C 160 38.56 9.87 -22.80
C ILE C 160 40.06 9.74 -22.99
N ASP C 161 40.54 10.07 -24.19
CA ASP C 161 41.97 9.92 -24.46
C ASP C 161 42.79 10.90 -23.64
N GLU C 162 42.36 12.17 -23.53
CA GLU C 162 43.16 13.09 -22.72
C GLU C 162 43.06 12.75 -21.25
N LEU C 163 41.87 12.34 -20.80
CA LEU C 163 41.73 11.90 -19.43
C LEU C 163 42.64 10.73 -19.14
N TYR C 164 42.70 9.76 -20.06
CA TYR C 164 43.61 8.65 -19.84
C TYR C 164 45.05 9.14 -19.80
N GLU C 165 45.43 10.08 -20.67
CA GLU C 165 46.85 10.32 -20.73
C GLU C 165 47.33 11.36 -19.73
N SER C 166 46.41 12.15 -19.18
CA SER C 166 46.76 13.02 -18.07
C SER C 166 46.75 12.25 -16.75
N ALA C 167 45.94 11.20 -16.62
CA ALA C 167 46.08 10.33 -15.46
C ALA C 167 47.34 9.49 -15.53
N LYS C 168 47.83 9.21 -16.75
CA LYS C 168 48.99 8.34 -16.94
C LYS C 168 50.26 8.87 -16.29
N LYS C 169 50.33 10.18 -15.99
CA LYS C 169 51.55 10.74 -15.43
C LYS C 169 51.57 10.74 -13.90
N GLN C 170 50.67 10.02 -13.24
CA GLN C 170 50.70 9.90 -11.77
C GLN C 170 51.67 8.79 -11.38
N SER C 171 52.93 9.18 -11.21
CA SER C 171 53.99 8.42 -10.55
C SER C 171 53.50 7.46 -9.47
N GLY C 172 52.81 8.01 -8.48
CA GLY C 172 52.72 7.39 -7.19
C GLY C 172 52.00 6.06 -7.20
N GLY C 173 51.87 5.51 -6.00
CA GLY C 173 51.18 4.27 -5.71
C GLY C 173 52.15 3.14 -5.41
N LYS C 174 51.61 2.09 -4.80
CA LYS C 174 52.34 0.89 -4.43
C LYS C 174 51.62 -0.32 -5.02
N VAL C 175 52.37 -1.14 -5.77
CA VAL C 175 51.78 -2.35 -6.31
C VAL C 175 51.57 -3.32 -5.16
N ALA C 176 50.44 -4.01 -5.15
CA ALA C 176 50.20 -4.97 -4.08
C ALA C 176 51.27 -6.04 -4.08
N ASP C 177 51.92 -6.22 -2.93
CA ASP C 177 52.92 -7.28 -2.79
C ASP C 177 52.47 -8.28 -1.75
N TYR C 178 51.20 -8.22 -1.35
CA TYR C 178 50.62 -9.22 -0.48
C TYR C 178 50.94 -10.62 -0.98
N ILE C 179 50.89 -10.80 -2.30
CA ILE C 179 51.09 -12.10 -2.91
C ILE C 179 52.20 -11.98 -3.96
N PRO C 180 52.91 -13.06 -4.27
CA PRO C 180 53.86 -13.03 -5.41
C PRO C 180 53.19 -12.80 -6.77
N GLN C 181 51.85 -12.89 -6.88
CA GLN C 181 51.16 -12.79 -8.16
C GLN C 181 50.62 -11.39 -8.47
N LEU C 182 50.37 -10.54 -7.45
CA LEU C 182 49.90 -9.20 -7.78
C LEU C 182 51.05 -8.22 -7.66
N ALA C 183 52.19 -8.67 -7.11
CA ALA C 183 53.45 -7.94 -7.18
C ALA C 183 54.20 -8.18 -8.47
N LYS C 184 53.94 -9.32 -9.12
CA LYS C 184 54.59 -9.68 -10.36
C LYS C 184 54.08 -8.84 -11.54
N PHE C 185 53.10 -7.96 -11.29
CA PHE C 185 52.52 -7.10 -12.32
C PHE C 185 53.27 -5.76 -12.35
N SER C 186 53.42 -5.18 -13.57
CA SER C 186 54.23 -3.99 -13.78
C SER C 186 53.49 -2.73 -13.31
N PRO C 187 54.20 -1.81 -12.67
CA PRO C 187 53.57 -0.55 -12.24
C PRO C 187 53.16 0.37 -13.37
N ASP C 188 53.65 0.16 -14.60
CA ASP C 188 53.37 1.10 -15.67
C ASP C 188 52.17 0.71 -16.50
N LEU C 189 51.59 -0.46 -16.28
CA LEU C 189 50.35 -0.83 -16.94
C LEU C 189 49.23 0.10 -16.50
N TRP C 190 48.37 0.44 -17.45
CA TRP C 190 47.29 1.40 -17.27
C TRP C 190 46.36 1.26 -18.48
N GLY C 191 45.13 0.81 -18.24
CA GLY C 191 44.20 0.64 -19.34
C GLY C 191 42.85 1.16 -18.95
N VAL C 192 42.12 1.74 -19.90
CA VAL C 192 40.78 2.25 -19.67
C VAL C 192 39.91 1.77 -20.82
N SER C 193 38.71 1.30 -20.50
CA SER C 193 37.78 0.81 -21.51
C SER C 193 36.37 1.33 -21.27
N VAL C 194 35.71 1.69 -22.36
CA VAL C 194 34.38 2.29 -22.35
C VAL C 194 33.46 1.34 -23.10
N CYS C 195 32.26 1.16 -22.56
CA CYS C 195 31.16 0.55 -23.30
C CYS C 195 29.89 1.30 -22.93
N THR C 196 29.23 1.88 -23.93
CA THR C 196 28.03 2.67 -23.65
C THR C 196 26.81 1.75 -23.57
N ALA C 197 25.71 2.29 -23.04
CA ALA C 197 24.52 1.43 -22.95
C ALA C 197 24.01 1.01 -24.35
N ASP C 198 24.57 1.57 -25.43
CA ASP C 198 24.15 1.21 -26.78
C ASP C 198 25.19 0.37 -27.50
N GLY C 199 26.29 0.07 -26.84
CA GLY C 199 27.31 -0.78 -27.40
C GLY C 199 28.50 -0.07 -27.99
N GLN C 200 28.56 1.25 -27.94
CA GLN C 200 29.72 1.94 -28.50
C GLN C 200 30.93 1.68 -27.61
N ARG C 201 32.06 1.38 -28.23
CA ARG C 201 33.24 0.98 -27.47
C ARG C 201 34.43 1.83 -27.87
N HIS C 202 35.34 1.95 -26.91
CA HIS C 202 36.64 2.59 -27.12
C HIS C 202 37.56 2.11 -26.01
N SER C 203 38.82 1.93 -26.34
CA SER C 203 39.82 1.56 -25.36
C SER C 203 41.07 2.36 -25.63
N THR C 204 41.90 2.49 -24.59
CA THR C 204 43.18 3.17 -24.68
C THR C 204 44.09 2.53 -23.65
N GLY C 205 45.30 2.18 -24.07
CA GLY C 205 46.27 1.57 -23.19
C GLY C 205 46.09 0.08 -23.03
N ASP C 206 46.56 -0.48 -21.91
CA ASP C 206 46.70 -1.92 -21.73
C ASP C 206 45.35 -2.55 -21.38
N THR C 207 44.43 -2.48 -22.36
CA THR C 207 43.04 -2.82 -22.16
C THR C 207 42.75 -4.30 -22.36
N LYS C 208 43.65 -5.02 -23.04
CA LYS C 208 43.51 -6.46 -23.31
C LYS C 208 44.41 -7.38 -22.52
N VAL C 209 45.05 -6.95 -21.43
CA VAL C 209 45.88 -7.84 -20.62
C VAL C 209 45.07 -8.28 -19.41
N PRO C 210 44.96 -9.59 -19.16
CA PRO C 210 44.08 -10.02 -18.07
C PRO C 210 44.63 -9.74 -16.67
N PHE C 211 43.69 -9.59 -15.73
CA PHE C 211 43.98 -9.39 -14.32
C PHE C 211 42.77 -9.85 -13.53
N CYS C 212 42.93 -10.03 -12.22
CA CYS C 212 41.79 -10.59 -11.51
C CYS C 212 40.92 -9.45 -11.02
N LEU C 213 39.64 -9.77 -10.82
CA LEU C 213 38.75 -8.75 -10.32
C LEU C 213 39.12 -8.46 -8.88
N GLN C 214 39.59 -9.50 -8.18
CA GLN C 214 39.66 -9.52 -6.73
C GLN C 214 38.29 -9.11 -6.25
N SER C 215 38.16 -7.99 -5.54
CA SER C 215 36.89 -7.61 -4.96
C SER C 215 36.11 -6.59 -5.81
N CYS C 216 36.50 -6.41 -7.08
CA CYS C 216 35.57 -5.91 -8.10
C CYS C 216 34.48 -6.93 -8.39
N VAL C 217 34.64 -8.18 -7.97
CA VAL C 217 33.64 -9.23 -8.18
C VAL C 217 32.54 -9.17 -7.12
N LYS C 218 32.74 -8.40 -6.06
CA LYS C 218 31.77 -8.32 -4.98
C LYS C 218 30.43 -7.74 -5.41
N PRO C 219 30.33 -6.64 -6.19
CA PRO C 219 29.00 -6.24 -6.67
C PRO C 219 28.40 -7.28 -7.58
N LEU C 220 29.23 -7.89 -8.44
CA LEU C 220 28.73 -8.87 -9.41
C LEU C 220 28.10 -10.07 -8.71
N LYS C 221 28.77 -10.61 -7.69
CA LYS C 221 28.15 -11.76 -7.06
C LYS C 221 26.97 -11.35 -6.20
N TYR C 222 27.00 -10.13 -5.66
CA TYR C 222 25.82 -9.60 -5.00
C TYR C 222 24.65 -9.54 -5.97
N ALA C 223 24.88 -9.00 -7.17
CA ALA C 223 23.78 -8.89 -8.14
C ALA C 223 23.20 -10.25 -8.45
N ILE C 224 24.06 -11.24 -8.70
CA ILE C 224 23.61 -12.60 -8.97
C ILE C 224 22.76 -13.10 -7.81
N ALA C 225 23.23 -12.87 -6.58
CA ALA C 225 22.52 -13.35 -5.40
C ALA C 225 21.13 -12.75 -5.32
N VAL C 226 21.03 -11.43 -5.51
CA VAL C 226 19.75 -10.75 -5.46
C VAL C 226 18.88 -11.22 -6.61
N ASN C 227 19.50 -11.43 -7.77
CA ASN C 227 18.76 -11.87 -8.95
C ASN C 227 18.03 -13.17 -8.68
N ASP C 228 18.71 -14.13 -8.07
CA ASP C 228 18.12 -15.44 -7.85
C ASP C 228 17.28 -15.51 -6.58
N LEU C 229 17.61 -14.73 -5.56
CA LEU C 229 16.98 -14.86 -4.25
C LEU C 229 16.06 -13.72 -3.88
N GLY C 230 16.33 -12.51 -4.35
CA GLY C 230 15.49 -11.40 -3.97
C GLY C 230 16.11 -10.58 -2.85
N THR C 231 15.75 -9.30 -2.82
CA THR C 231 16.36 -8.37 -1.88
C THR C 231 16.07 -8.74 -0.44
N GLU C 232 14.84 -9.16 -0.16
CA GLU C 232 14.50 -9.42 1.22
C GLU C 232 15.28 -10.62 1.77
N TYR C 233 15.38 -11.71 0.99
CA TYR C 233 16.16 -12.86 1.46
C TYR C 233 17.62 -12.50 1.63
N VAL C 234 18.24 -11.93 0.59
CA VAL C 234 19.66 -11.60 0.67
C VAL C 234 19.96 -10.69 1.86
N HIS C 235 19.05 -9.78 2.18
CA HIS C 235 19.36 -8.88 3.28
C HIS C 235 18.83 -9.37 4.61
N ARG C 236 18.45 -10.66 4.71
CA ARG C 236 18.42 -11.32 6.01
C ARG C 236 19.82 -11.57 6.55
N TYR C 237 20.81 -11.60 5.65
CA TYR C 237 22.15 -12.06 5.99
C TYR C 237 23.24 -10.99 5.90
N VAL C 238 22.99 -9.86 5.25
CA VAL C 238 23.97 -8.79 5.08
C VAL C 238 23.23 -7.47 5.08
N GLY C 239 23.85 -6.44 5.64
CA GLY C 239 23.25 -5.13 5.73
C GLY C 239 23.25 -4.38 4.41
N LYS C 240 22.82 -3.11 4.48
CA LYS C 240 22.74 -2.29 3.27
C LYS C 240 23.18 -0.85 3.51
N GLU C 241 24.12 -0.62 4.43
CA GLU C 241 24.64 0.70 4.75
C GLU C 241 26.15 0.62 4.84
N PRO C 242 26.83 1.74 4.69
CA PRO C 242 28.27 1.74 4.98
C PRO C 242 28.52 1.72 6.47
N SER C 243 29.65 1.10 6.85
CA SER C 243 29.92 0.86 8.26
C SER C 243 30.21 2.16 9.00
N GLY C 244 30.92 3.06 8.35
CA GLY C 244 31.38 4.26 9.01
C GLY C 244 32.88 4.22 9.19
N LEU C 245 33.55 5.36 8.95
CA LEU C 245 35.01 5.39 9.00
C LEU C 245 35.48 5.43 10.43
N ARG C 246 34.61 4.89 11.29
CA ARG C 246 34.86 4.43 12.64
C ARG C 246 34.80 2.92 12.80
N PHE C 247 33.84 2.28 12.13
CA PHE C 247 33.59 0.85 12.27
C PHE C 247 34.10 0.12 11.03
N ASN C 248 35.20 0.60 10.45
CA ASN C 248 35.86 -0.08 9.33
C ASN C 248 36.61 -1.35 9.74
N LYS C 249 36.59 -1.69 11.02
CA LYS C 249 37.41 -2.76 11.58
C LYS C 249 36.57 -3.76 12.36
N LEU C 250 35.26 -3.59 12.39
CA LEU C 250 34.34 -4.58 12.93
C LEU C 250 33.72 -5.41 11.82
N PHE C 251 33.39 -6.65 12.16
CA PHE C 251 32.91 -7.62 11.18
C PHE C 251 31.40 -7.54 11.00
N LEU C 252 30.68 -7.19 12.05
CA LEU C 252 29.24 -7.25 12.05
C LEU C 252 28.68 -5.90 12.48
N ASN C 253 27.51 -5.59 11.95
CA ASN C 253 26.77 -4.43 12.41
C ASN C 253 26.02 -4.84 13.68
N GLU C 254 25.14 -3.97 14.18
CA GLU C 254 24.53 -4.21 15.48
C GLU C 254 23.51 -5.32 15.46
N ASP C 255 23.04 -5.70 14.27
CA ASP C 255 22.10 -6.80 14.08
C ASP C 255 22.82 -8.10 13.76
N ASP C 256 24.13 -8.14 14.02
CA ASP C 256 24.98 -9.31 13.80
C ASP C 256 25.02 -9.74 12.33
N LYS C 257 24.79 -8.80 11.41
CA LYS C 257 24.99 -8.95 9.98
C LYS C 257 26.17 -8.11 9.54
N PRO C 258 26.98 -8.57 8.58
CA PRO C 258 28.03 -7.69 8.03
C PRO C 258 27.40 -6.46 7.40
N HIS C 259 28.15 -5.36 7.44
CA HIS C 259 27.57 -4.03 7.18
C HIS C 259 26.94 -3.93 5.79
N ASN C 260 27.56 -4.53 4.78
CA ASN C 260 27.11 -4.37 3.40
C ASN C 260 27.83 -5.39 2.52
N PRO C 261 27.32 -5.67 1.32
CA PRO C 261 27.91 -6.71 0.48
C PRO C 261 29.27 -6.36 -0.10
N MET C 262 29.81 -5.16 0.12
CA MET C 262 31.06 -4.78 -0.54
C MET C 262 32.27 -4.88 0.39
N VAL C 263 32.09 -5.32 1.64
CA VAL C 263 33.20 -5.59 2.54
C VAL C 263 33.34 -7.09 2.73
N ASN C 264 34.56 -7.54 3.10
CA ASN C 264 34.86 -8.98 3.03
C ASN C 264 33.86 -9.80 3.84
N ALA C 265 33.49 -9.33 5.03
CA ALA C 265 32.56 -10.10 5.85
C ALA C 265 31.21 -10.30 5.16
N GLY C 266 30.70 -9.26 4.49
CA GLY C 266 29.44 -9.40 3.78
C GLY C 266 29.56 -10.19 2.48
N ALA C 267 30.64 -9.94 1.73
CA ALA C 267 30.89 -10.68 0.50
C ALA C 267 30.95 -12.17 0.77
N ILE C 268 31.72 -12.58 1.79
CA ILE C 268 31.81 -13.98 2.20
C ILE C 268 30.42 -14.53 2.49
N VAL C 269 29.59 -13.75 3.18
CA VAL C 269 28.22 -14.20 3.41
C VAL C 269 27.43 -14.22 2.11
N VAL C 270 27.60 -13.21 1.24
CA VAL C 270 26.91 -13.27 -0.04
C VAL C 270 27.30 -14.53 -0.80
N THR C 271 28.60 -14.83 -0.81
CA THR C 271 29.12 -16.02 -1.48
C THR C 271 28.48 -17.31 -0.96
N SER C 272 28.03 -17.30 0.29
CA SER C 272 27.41 -18.49 0.87
C SER C 272 25.95 -18.64 0.46
N LEU C 273 25.36 -17.66 -0.23
CA LEU C 273 23.95 -17.76 -0.60
C LEU C 273 23.73 -18.17 -2.05
N ILE C 274 24.75 -18.01 -2.89
CA ILE C 274 24.61 -18.28 -4.31
C ILE C 274 24.49 -19.78 -4.51
N LYS C 275 23.39 -20.18 -5.15
CA LYS C 275 23.20 -21.54 -5.67
C LYS C 275 23.55 -22.60 -4.64
N GLN C 276 22.85 -22.53 -3.51
CA GLN C 276 23.04 -23.47 -2.42
C GLN C 276 22.57 -24.87 -2.82
N GLY C 277 23.01 -25.86 -2.03
CA GLY C 277 22.64 -27.23 -2.21
C GLY C 277 23.44 -28.02 -3.22
N VAL C 278 24.30 -27.36 -4.02
CA VAL C 278 25.14 -28.05 -4.98
C VAL C 278 26.61 -27.72 -4.68
N ASN C 279 27.52 -28.60 -5.13
CA ASN C 279 28.91 -28.53 -4.69
C ASN C 279 29.65 -27.33 -5.30
N ASN C 280 30.85 -27.03 -4.76
CA ASN C 280 31.57 -25.81 -5.13
C ASN C 280 32.03 -25.81 -6.59
N ALA C 281 32.16 -26.96 -7.23
CA ALA C 281 32.55 -26.97 -8.64
C ALA C 281 31.42 -26.49 -9.54
N GLU C 282 30.18 -26.93 -9.25
CA GLU C 282 29.02 -26.45 -10.00
C GLU C 282 28.75 -24.97 -9.71
N LYS C 283 28.90 -24.56 -8.46
CA LYS C 283 28.67 -23.18 -8.07
C LYS C 283 29.56 -22.23 -8.87
N PHE C 284 30.86 -22.53 -8.91
CA PHE C 284 31.77 -21.70 -9.69
C PHE C 284 31.37 -21.65 -11.16
N ASP C 285 30.98 -22.80 -11.73
CA ASP C 285 30.55 -22.82 -13.13
C ASP C 285 29.41 -21.85 -13.35
N TYR C 286 28.41 -21.89 -12.47
CA TYR C 286 27.24 -21.04 -12.56
C TYR C 286 27.59 -19.56 -12.48
N VAL C 287 28.45 -19.16 -11.53
CA VAL C 287 28.86 -17.76 -11.49
C VAL C 287 29.63 -17.41 -12.76
N MET C 288 30.40 -18.37 -13.28
CA MET C 288 31.14 -18.10 -14.50
C MET C 288 30.21 -17.99 -15.71
N GLN C 289 29.15 -18.81 -15.78
CA GLN C 289 28.16 -18.62 -16.84
C GLN C 289 27.51 -17.24 -16.72
N PHE C 290 27.23 -16.81 -15.49
CA PHE C 290 26.61 -15.50 -15.28
C PHE C 290 27.59 -14.39 -15.66
N LEU C 291 28.85 -14.51 -15.25
CA LEU C 291 29.83 -13.50 -15.64
C LEU C 291 30.03 -13.50 -17.14
N ASN C 292 29.81 -14.64 -17.80
CA ASN C 292 29.90 -14.70 -19.24
C ASN C 292 28.83 -13.85 -19.91
N LYS C 293 27.58 -13.94 -19.42
CA LYS C 293 26.51 -13.15 -20.01
C LYS C 293 26.69 -11.67 -19.74
N MET C 294 27.18 -11.32 -18.54
CA MET C 294 27.40 -9.91 -18.23
C MET C 294 28.43 -9.27 -19.17
N ALA C 295 29.40 -10.05 -19.65
CA ALA C 295 30.42 -9.50 -20.51
C ALA C 295 30.10 -9.72 -21.98
N GLY C 296 28.87 -10.14 -22.30
CA GLY C 296 28.55 -10.43 -23.68
C GLY C 296 29.48 -11.44 -24.29
N ASN C 297 29.93 -12.40 -23.48
CA ASN C 297 30.76 -13.54 -23.88
C ASN C 297 32.16 -13.11 -24.29
N GLU C 298 32.61 -11.96 -23.79
CA GLU C 298 33.99 -11.55 -23.92
C GLU C 298 34.82 -12.22 -22.83
N TYR C 299 36.08 -11.80 -22.67
CA TYR C 299 37.05 -12.59 -21.91
C TYR C 299 36.78 -12.58 -20.42
N VAL C 300 36.46 -13.74 -19.85
CA VAL C 300 36.53 -13.89 -18.42
C VAL C 300 37.19 -15.22 -18.09
N GLY C 301 38.32 -15.18 -17.38
CA GLY C 301 39.11 -16.35 -17.07
C GLY C 301 39.33 -16.57 -15.58
N PHE C 302 40.41 -17.29 -15.24
CA PHE C 302 40.67 -17.70 -13.86
C PHE C 302 42.15 -17.98 -13.70
N SER C 303 42.74 -17.39 -12.66
CA SER C 303 44.16 -17.57 -12.37
C SER C 303 44.29 -18.48 -11.15
N ASN C 304 44.70 -19.73 -11.39
CA ASN C 304 44.88 -20.68 -10.30
C ASN C 304 46.02 -20.25 -9.39
N ALA C 305 46.99 -19.49 -9.94
CA ALA C 305 48.09 -18.97 -9.13
C ALA C 305 47.59 -18.04 -8.03
N THR C 306 46.81 -17.00 -8.38
CA THR C 306 46.36 -16.14 -7.30
C THR C 306 45.36 -16.85 -6.43
N PHE C 307 44.69 -17.89 -6.93
CA PHE C 307 43.82 -18.65 -6.05
C PHE C 307 44.63 -19.33 -4.95
N GLN C 308 45.74 -19.97 -5.32
CA GLN C 308 46.58 -20.63 -4.33
C GLN C 308 47.23 -19.64 -3.37
N SER C 309 47.55 -18.43 -3.85
CA SER C 309 48.21 -17.48 -2.96
C SER C 309 47.22 -16.72 -2.08
N GLU C 310 45.94 -16.68 -2.47
CA GLU C 310 44.91 -16.13 -1.59
C GLU C 310 44.37 -17.17 -0.62
N ARG C 311 44.54 -18.46 -0.91
CA ARG C 311 44.28 -19.49 0.10
C ARG C 311 45.43 -19.55 1.12
N GLU C 312 46.62 -19.11 0.72
CA GLU C 312 47.81 -19.20 1.55
C GLU C 312 48.02 -17.99 2.46
N SER C 313 47.20 -16.94 2.32
CA SER C 313 47.46 -15.70 3.04
C SER C 313 46.18 -15.07 3.60
N GLY C 314 45.10 -15.81 3.70
CA GLY C 314 43.87 -15.19 4.13
C GLY C 314 43.41 -15.50 5.53
N ASP C 315 44.33 -15.37 6.50
CA ASP C 315 43.95 -15.54 7.90
C ASP C 315 42.88 -14.50 8.27
N ARG C 316 42.95 -13.34 7.62
CA ARG C 316 41.90 -12.33 7.62
C ARG C 316 40.52 -12.91 7.30
N ASN C 317 40.40 -13.67 6.22
CA ASN C 317 39.10 -14.25 5.87
C ASN C 317 38.79 -15.48 6.70
N PHE C 318 39.80 -16.24 7.11
CA PHE C 318 39.54 -17.33 8.04
C PHE C 318 39.03 -16.80 9.37
N ALA C 319 39.65 -15.74 9.88
CA ALA C 319 39.10 -15.11 11.08
C ALA C 319 37.65 -14.71 10.86
N ILE C 320 37.38 -13.94 9.80
CA ILE C 320 36.02 -13.48 9.54
C ILE C 320 35.10 -14.67 9.43
N GLY C 321 35.51 -15.66 8.64
CA GLY C 321 34.66 -16.82 8.43
C GLY C 321 34.36 -17.53 9.73
N TYR C 322 35.38 -17.75 10.56
CA TYR C 322 35.14 -18.46 11.80
C TYR C 322 34.20 -17.66 12.69
N TYR C 323 34.44 -16.34 12.79
CA TYR C 323 33.53 -15.45 13.52
C TYR C 323 32.10 -15.50 12.96
N LEU C 324 31.95 -15.46 11.62
CA LEU C 324 30.61 -15.50 11.03
C LEU C 324 30.00 -16.89 11.20
N LYS C 325 30.80 -17.95 11.01
CA LYS C 325 30.28 -19.30 11.21
C LYS C 325 29.90 -19.54 12.69
N GLU C 326 30.79 -19.33 13.69
CA GLU C 326 30.30 -19.45 15.08
C GLU C 326 29.07 -18.52 15.36
N LYS C 327 29.07 -17.29 14.81
CA LYS C 327 28.01 -16.40 15.24
C LYS C 327 26.76 -16.62 14.44
N LYS C 328 26.47 -17.74 13.70
CA LYS C 328 25.10 -18.03 13.15
C LYS C 328 24.64 -17.08 12.01
N CYS C 329 25.61 -16.65 11.21
CA CYS C 329 25.39 -15.66 10.16
C CYS C 329 25.32 -16.24 8.76
N PHE C 330 25.56 -17.53 8.59
CA PHE C 330 25.39 -18.21 7.33
C PHE C 330 24.03 -18.88 7.29
N PRO C 331 23.54 -19.29 6.13
CA PRO C 331 22.32 -20.11 6.12
C PRO C 331 22.65 -21.53 6.57
N GLU C 332 21.65 -22.19 7.14
CA GLU C 332 21.90 -23.49 7.76
C GLU C 332 22.44 -24.45 6.70
N GLY C 333 23.34 -25.31 7.12
CA GLY C 333 23.95 -26.24 6.20
C GLY C 333 25.12 -25.69 5.42
N THR C 334 25.69 -24.59 5.87
CA THR C 334 26.85 -24.04 5.19
C THR C 334 28.11 -24.78 5.62
N ASP C 335 28.95 -25.17 4.65
CA ASP C 335 30.31 -25.64 4.93
C ASP C 335 31.18 -24.40 4.83
N MET C 336 31.38 -23.74 5.98
CA MET C 336 32.04 -22.45 5.95
C MET C 336 33.42 -22.54 5.32
N VAL C 337 34.22 -23.52 5.75
CA VAL C 337 35.59 -23.59 5.24
C VAL C 337 35.61 -23.79 3.73
N GLY C 338 34.60 -24.48 3.19
CA GLY C 338 34.50 -24.59 1.75
C GLY C 338 34.13 -23.28 1.10
N ILE C 339 33.18 -22.55 1.71
CA ILE C 339 32.75 -21.25 1.20
C ILE C 339 33.92 -20.29 1.11
N LEU C 340 34.87 -20.40 2.03
CA LEU C 340 36.04 -19.55 1.92
C LEU C 340 36.80 -19.85 0.62
N ASP C 341 36.88 -21.13 0.25
CA ASP C 341 37.55 -21.49 -0.99
C ASP C 341 36.79 -20.95 -2.20
N PHE C 342 35.48 -21.16 -2.21
CA PHE C 342 34.65 -20.54 -3.22
C PHE C 342 34.83 -19.03 -3.23
N TYR C 343 34.92 -18.42 -2.04
CA TYR C 343 35.18 -17.00 -1.97
C TYR C 343 36.53 -16.66 -2.60
N PHE C 344 37.58 -17.39 -2.20
CA PHE C 344 38.89 -17.15 -2.78
C PHE C 344 38.88 -17.42 -4.28
N GLN C 345 38.10 -18.42 -4.72
CA GLN C 345 38.04 -18.71 -6.15
C GLN C 345 37.46 -17.52 -6.91
N LEU C 346 36.30 -17.01 -6.45
CA LEU C 346 35.64 -15.89 -7.12
C LEU C 346 36.51 -14.65 -7.18
N CYS C 347 37.40 -14.44 -6.22
CA CYS C 347 38.26 -13.27 -6.29
C CYS C 347 39.39 -13.46 -7.27
N SER C 348 39.67 -14.69 -7.68
CA SER C 348 40.78 -14.97 -8.58
C SER C 348 40.38 -15.05 -10.04
N ILE C 349 39.11 -14.74 -10.35
CA ILE C 349 38.58 -14.75 -11.70
C ILE C 349 39.22 -13.64 -12.54
N GLU C 350 39.57 -13.96 -13.78
CA GLU C 350 40.30 -13.03 -14.61
C GLU C 350 39.38 -12.33 -15.59
N VAL C 351 39.72 -11.06 -15.90
CA VAL C 351 39.06 -10.23 -16.91
C VAL C 351 40.10 -9.33 -17.56
N THR C 352 39.68 -8.61 -18.60
CA THR C 352 40.44 -7.48 -19.14
C THR C 352 39.60 -6.21 -18.95
N CYS C 353 40.13 -5.06 -19.32
CA CYS C 353 39.31 -3.87 -19.04
C CYS C 353 38.16 -3.82 -20.00
N GLU C 354 38.37 -4.38 -21.19
CA GLU C 354 37.34 -4.41 -22.20
C GLU C 354 36.24 -5.37 -21.79
N SER C 355 36.59 -6.62 -21.50
CA SER C 355 35.59 -7.52 -20.92
C SER C 355 34.86 -6.83 -19.77
N ALA C 356 35.60 -6.24 -18.82
CA ALA C 356 34.93 -5.78 -17.61
C ALA C 356 34.05 -4.57 -17.85
N SER C 357 34.45 -3.68 -18.78
CA SER C 357 33.62 -2.53 -19.11
C SER C 357 32.26 -2.95 -19.65
N VAL C 358 32.20 -4.09 -20.35
CA VAL C 358 30.92 -4.61 -20.82
C VAL C 358 30.11 -5.13 -19.64
N MET C 359 30.78 -5.79 -18.69
CA MET C 359 30.15 -6.13 -17.43
C MET C 359 29.58 -4.88 -16.77
N ALA C 360 30.38 -3.81 -16.73
CA ALA C 360 29.94 -2.55 -16.13
C ALA C 360 28.77 -1.96 -16.90
N ALA C 361 28.83 -1.97 -18.22
CA ALA C 361 27.74 -1.37 -18.99
C ALA C 361 26.46 -2.16 -18.82
N THR C 362 26.55 -3.48 -18.62
CA THR C 362 25.38 -4.27 -18.26
C THR C 362 24.68 -3.70 -17.04
N LEU C 363 25.45 -3.25 -16.04
CA LEU C 363 24.85 -2.59 -14.90
C LEU C 363 24.36 -1.19 -15.23
N ALA C 364 25.08 -0.49 -16.12
CA ALA C 364 24.60 0.81 -16.55
C ALA C 364 23.28 0.72 -17.30
N ASN C 365 22.92 -0.46 -17.80
CA ASN C 365 21.83 -0.61 -18.73
C ASN C 365 20.69 -1.43 -18.13
N GLY C 366 20.43 -1.24 -16.84
CA GLY C 366 19.27 -1.90 -16.26
C GLY C 366 19.32 -3.42 -16.30
N GLY C 367 20.49 -4.02 -16.54
CA GLY C 367 20.60 -5.46 -16.54
C GLY C 367 20.54 -6.12 -17.89
N PHE C 368 20.55 -5.35 -18.97
CA PHE C 368 20.61 -5.90 -20.32
C PHE C 368 22.02 -5.74 -20.86
N CYS C 369 22.60 -6.83 -21.33
CA CYS C 369 23.92 -6.71 -21.92
C CYS C 369 23.86 -5.85 -23.18
N PRO C 370 24.61 -4.75 -23.24
CA PRO C 370 24.48 -3.83 -24.37
C PRO C 370 24.89 -4.41 -25.72
N ILE C 371 25.77 -5.41 -25.75
CA ILE C 371 26.26 -5.92 -27.03
C ILE C 371 25.58 -7.22 -27.42
N THR C 372 24.58 -7.67 -26.65
CA THR C 372 23.76 -8.81 -27.03
C THR C 372 22.27 -8.57 -26.84
N GLY C 373 21.87 -7.62 -26.01
CA GLY C 373 20.48 -7.36 -25.77
C GLY C 373 19.80 -8.35 -24.86
N GLU C 374 20.56 -9.26 -24.26
CA GLU C 374 19.93 -10.24 -23.39
C GLU C 374 19.75 -9.65 -22.00
N ARG C 375 18.63 -10.01 -21.38
CA ARG C 375 18.35 -9.61 -20.01
C ARG C 375 19.14 -10.57 -19.13
N VAL C 376 20.16 -10.03 -18.45
CA VAL C 376 21.08 -10.82 -17.63
C VAL C 376 20.69 -10.75 -16.16
N LEU C 377 20.43 -9.55 -15.64
CA LEU C 377 20.11 -9.33 -14.24
C LEU C 377 18.79 -8.59 -14.15
N SER C 378 17.99 -8.94 -13.13
CA SER C 378 16.74 -8.23 -12.87
C SER C 378 17.03 -6.76 -12.53
N PRO C 379 16.09 -5.87 -12.82
CA PRO C 379 16.33 -4.46 -12.47
C PRO C 379 16.45 -4.28 -10.98
N GLU C 380 15.78 -5.12 -10.19
CA GLU C 380 15.94 -5.08 -8.75
C GLU C 380 17.39 -5.34 -8.34
N ALA C 381 18.05 -6.32 -8.96
CA ALA C 381 19.43 -6.62 -8.58
C ALA C 381 20.38 -5.51 -9.02
N VAL C 382 20.22 -4.99 -10.23
CA VAL C 382 21.12 -3.94 -10.70
C VAL C 382 20.90 -2.65 -9.90
N ARG C 383 19.65 -2.33 -9.53
CA ARG C 383 19.41 -1.13 -8.73
C ARG C 383 20.09 -1.24 -7.38
N ASN C 384 19.88 -2.36 -6.69
CA ASN C 384 20.53 -2.55 -5.40
C ASN C 384 22.04 -2.50 -5.57
N THR C 385 22.56 -3.12 -6.62
CA THR C 385 24.01 -3.21 -6.70
C THR C 385 24.65 -1.86 -6.95
N LEU C 386 24.00 -0.98 -7.72
CA LEU C 386 24.71 0.29 -7.84
C LEU C 386 24.40 1.18 -6.65
N SER C 387 23.36 0.85 -5.88
CA SER C 387 23.11 1.64 -4.70
C SER C 387 24.17 1.36 -3.62
N LEU C 388 24.61 0.11 -3.49
CA LEU C 388 25.64 -0.23 -2.50
C LEU C 388 27.03 0.08 -3.02
N MET C 389 27.24 0.03 -4.34
CA MET C 389 28.52 0.50 -4.86
C MET C 389 28.69 1.99 -4.64
N HIS C 390 27.60 2.76 -4.65
CA HIS C 390 27.73 4.19 -4.42
C HIS C 390 28.16 4.49 -2.97
N SER C 391 27.57 3.82 -1.99
CA SER C 391 27.86 4.18 -0.60
C SER C 391 29.02 3.39 0.00
N CYS C 392 29.31 2.17 -0.48
CA CYS C 392 30.32 1.32 0.15
C CYS C 392 31.37 0.79 -0.83
N GLY C 393 31.60 1.44 -1.96
CA GLY C 393 32.36 0.77 -3.01
C GLY C 393 33.87 0.96 -3.05
N MET C 394 34.40 1.97 -2.37
CA MET C 394 35.82 2.32 -2.51
C MET C 394 36.52 2.30 -1.15
N TYR C 395 36.20 1.31 -0.33
CA TYR C 395 36.83 1.07 0.98
C TYR C 395 36.58 2.30 1.85
N ASP C 396 37.58 2.75 2.61
CA ASP C 396 37.41 3.93 3.46
C ASP C 396 37.25 5.20 2.62
N PHE C 397 37.62 5.16 1.34
CA PHE C 397 37.44 6.31 0.47
C PHE C 397 36.03 6.45 -0.08
N SER C 398 35.09 5.61 0.38
CA SER C 398 33.78 5.57 -0.24
C SER C 398 33.03 6.91 -0.09
N GLY C 399 33.04 7.48 1.12
CA GLY C 399 32.31 8.73 1.34
C GLY C 399 32.89 9.89 0.58
N GLN C 400 34.22 10.03 0.58
CA GLN C 400 34.84 11.06 -0.23
C GLN C 400 34.53 10.82 -1.68
N PHE C 401 34.53 9.55 -2.09
CA PHE C 401 34.26 9.20 -3.48
C PHE C 401 32.82 9.50 -3.88
N ALA C 402 31.86 9.13 -3.03
CA ALA C 402 30.46 9.38 -3.35
C ALA C 402 30.17 10.87 -3.44
N PHE C 403 30.91 11.67 -2.68
CA PHE C 403 30.72 13.12 -2.70
C PHE C 403 31.27 13.73 -3.97
N HIS C 404 32.58 13.54 -4.22
CA HIS C 404 33.24 14.25 -5.31
C HIS C 404 32.93 13.65 -6.68
N VAL C 405 32.83 12.34 -6.77
CA VAL C 405 32.63 11.66 -8.05
C VAL C 405 31.18 11.34 -8.28
N GLY C 406 30.50 10.80 -7.27
CA GLY C 406 29.09 10.48 -7.41
C GLY C 406 28.78 9.40 -8.44
N LEU C 407 29.67 8.43 -8.61
CA LEU C 407 29.35 7.32 -9.49
C LEU C 407 29.44 6.01 -8.73
N PRO C 408 28.54 5.05 -8.99
CA PRO C 408 28.76 3.70 -8.44
C PRO C 408 30.05 3.15 -9.01
N ALA C 409 30.99 2.84 -8.14
CA ALA C 409 32.25 2.24 -8.57
C ALA C 409 32.60 1.13 -7.61
N LYS C 410 33.55 0.28 -8.00
CA LYS C 410 34.02 -0.77 -7.11
C LYS C 410 35.48 -1.03 -7.41
N SER C 411 36.31 -1.00 -6.37
CA SER C 411 37.75 -1.18 -6.56
C SER C 411 38.23 -2.56 -6.12
N GLY C 412 39.39 -2.91 -6.63
CA GLY C 412 40.03 -4.17 -6.29
C GLY C 412 41.53 -3.99 -6.26
N VAL C 413 42.18 -4.84 -5.47
CA VAL C 413 43.60 -4.66 -5.16
C VAL C 413 44.51 -4.89 -6.37
N ALA C 414 44.03 -5.60 -7.40
CA ALA C 414 44.82 -5.74 -8.62
C ALA C 414 45.00 -4.43 -9.36
N GLY C 415 44.27 -3.39 -8.99
CA GLY C 415 44.33 -2.09 -9.67
C GLY C 415 43.07 -1.74 -10.42
N GLY C 416 41.99 -2.52 -10.25
CA GLY C 416 40.77 -2.31 -10.99
C GLY C 416 39.80 -1.38 -10.31
N ILE C 417 39.03 -0.65 -11.12
CA ILE C 417 37.87 0.10 -10.67
C ILE C 417 36.76 -0.14 -11.68
N LEU C 418 35.74 -0.90 -11.28
CA LEU C 418 34.58 -1.14 -12.12
C LEU C 418 33.61 0.03 -11.96
N LEU C 419 33.50 0.86 -12.98
CA LEU C 419 32.81 2.14 -12.90
C LEU C 419 31.53 2.11 -13.70
N VAL C 420 30.49 2.79 -13.21
CA VAL C 420 29.21 2.82 -13.89
C VAL C 420 28.70 4.25 -13.95
N VAL C 421 28.42 4.74 -15.15
CA VAL C 421 27.63 5.94 -15.29
C VAL C 421 26.24 5.49 -15.71
N PRO C 422 25.30 5.37 -14.78
CA PRO C 422 23.97 4.83 -15.12
C PRO C 422 23.35 5.57 -16.29
N ASN C 423 22.68 4.80 -17.16
CA ASN C 423 21.99 5.24 -18.38
C ASN C 423 22.92 5.77 -19.47
N VAL C 424 24.24 5.70 -19.28
CA VAL C 424 25.19 6.26 -20.24
C VAL C 424 26.15 5.18 -20.72
N MET C 425 26.97 4.68 -19.79
CA MET C 425 28.10 3.84 -20.16
C MET C 425 28.59 3.08 -18.94
N GLY C 426 29.33 1.99 -19.21
CA GLY C 426 30.04 1.24 -18.20
C GLY C 426 31.52 1.33 -18.48
N MET C 427 32.36 1.14 -17.46
CA MET C 427 33.79 1.34 -17.62
C MET C 427 34.55 0.36 -16.72
N MET C 428 35.82 0.18 -17.05
CA MET C 428 36.79 -0.50 -16.19
C MET C 428 38.13 0.19 -16.38
N CYS C 429 38.70 0.72 -15.31
CA CYS C 429 40.07 1.22 -15.34
C CYS C 429 40.95 0.28 -14.54
N TRP C 430 42.22 0.23 -14.92
CA TRP C 430 43.12 -0.76 -14.34
C TRP C 430 44.53 -0.21 -14.34
N SER C 431 45.10 0.01 -13.15
CA SER C 431 46.55 0.14 -13.08
C SER C 431 46.95 -0.28 -11.67
N PRO C 432 47.92 -1.18 -11.52
CA PRO C 432 48.11 -1.88 -10.22
C PRO C 432 48.60 -1.00 -9.08
N PRO C 433 49.33 0.10 -9.34
CA PRO C 433 49.70 0.98 -8.22
C PRO C 433 48.48 1.51 -7.47
N LEU C 434 48.35 1.09 -6.21
CA LEU C 434 47.30 1.52 -5.28
C LEU C 434 47.78 2.65 -4.38
N ASP C 435 46.85 3.45 -3.88
CA ASP C 435 47.19 4.37 -2.81
C ASP C 435 46.99 3.65 -1.46
N LYS C 436 47.15 4.38 -0.35
CA LYS C 436 47.16 3.74 0.96
C LYS C 436 45.73 3.51 1.48
N MET C 437 44.72 3.77 0.65
CA MET C 437 43.41 3.24 0.99
C MET C 437 43.03 2.04 0.15
N GLY C 438 43.90 1.61 -0.76
CA GLY C 438 43.66 0.38 -1.50
C GLY C 438 43.11 0.58 -2.89
N ASN C 439 43.02 1.83 -3.35
CA ASN C 439 42.44 2.17 -4.63
C ASN C 439 43.53 2.55 -5.62
N SER C 440 43.43 1.98 -6.83
CA SER C 440 44.31 2.35 -7.93
C SER C 440 44.46 3.86 -7.99
N VAL C 441 45.72 4.32 -8.01
CA VAL C 441 45.99 5.76 -8.05
C VAL C 441 45.48 6.37 -9.35
N LYS C 442 45.89 5.80 -10.49
CA LYS C 442 45.45 6.39 -11.75
C LYS C 442 43.96 6.24 -11.94
N GLY C 443 43.37 5.13 -11.45
CA GLY C 443 41.94 5.00 -11.53
C GLY C 443 41.22 6.12 -10.83
N ILE C 444 41.61 6.40 -9.57
CA ILE C 444 40.96 7.44 -8.78
C ILE C 444 41.14 8.81 -9.44
N HIS C 445 42.35 9.10 -9.91
CA HIS C 445 42.63 10.35 -10.60
C HIS C 445 41.75 10.48 -11.85
N PHE C 446 41.66 9.40 -12.63
CA PHE C 446 40.85 9.41 -13.85
C PHE C 446 39.38 9.72 -13.55
N CYS C 447 38.79 9.06 -12.54
CA CYS C 447 37.36 9.28 -12.31
C CYS C 447 37.09 10.65 -11.72
N HIS C 448 38.07 11.23 -11.03
CA HIS C 448 37.91 12.61 -10.62
C HIS C 448 37.87 13.52 -11.85
N ASP C 449 38.78 13.29 -12.80
CA ASP C 449 38.84 14.16 -13.95
C ASP C 449 37.65 13.95 -14.86
N LEU C 450 37.10 12.74 -14.91
CA LEU C 450 35.94 12.47 -15.74
C LEU C 450 34.74 13.28 -15.27
N VAL C 451 34.47 13.27 -13.95
CA VAL C 451 33.32 14.01 -13.46
C VAL C 451 33.61 15.51 -13.45
N SER C 452 34.86 15.88 -13.27
CA SER C 452 35.20 17.28 -13.35
C SER C 452 35.00 17.80 -14.76
N LEU C 453 34.87 16.90 -15.73
CA LEU C 453 34.67 17.30 -17.12
C LEU C 453 33.25 17.09 -17.62
N CYS C 454 32.53 16.07 -17.14
CA CYS C 454 31.19 15.85 -17.66
C CYS C 454 30.19 15.72 -16.54
N ASN C 455 28.92 15.96 -16.90
CA ASN C 455 27.86 16.09 -15.91
C ASN C 455 27.35 14.70 -15.56
N PHE C 456 28.29 13.80 -15.31
CA PHE C 456 27.99 12.42 -15.00
C PHE C 456 27.78 12.19 -13.51
N HIS C 457 28.20 13.14 -12.66
CA HIS C 457 27.98 13.02 -11.21
C HIS C 457 26.51 12.78 -10.94
N ASN C 458 26.25 11.96 -9.93
CA ASN C 458 24.90 11.51 -9.65
C ASN C 458 23.93 12.68 -9.43
N TYR C 459 24.42 13.82 -8.96
CA TYR C 459 23.55 14.92 -8.63
C TYR C 459 23.97 16.20 -9.34
N ASP C 460 24.62 16.05 -10.49
CA ASP C 460 24.63 17.13 -11.46
C ASP C 460 23.24 17.27 -12.05
N ASN C 461 22.93 18.45 -12.58
CA ASN C 461 21.65 18.69 -13.22
C ASN C 461 21.85 18.53 -14.73
N LEU C 462 20.87 17.93 -15.41
CA LEU C 462 20.98 17.68 -16.84
C LEU C 462 20.62 18.90 -17.69
N ARG C 463 20.19 19.99 -17.08
CA ARG C 463 19.78 21.19 -17.79
C ARG C 463 20.67 22.39 -17.53
N HIS C 464 21.06 22.62 -16.27
CA HIS C 464 21.94 23.72 -15.90
C HIS C 464 23.16 23.11 -15.24
N PHE C 465 24.29 23.10 -15.94
CA PHE C 465 25.45 22.37 -15.42
C PHE C 465 26.76 23.10 -15.63
N ALA C 466 26.73 24.42 -15.56
CA ALA C 466 27.94 25.24 -15.39
C ALA C 466 28.87 25.06 -16.59
N LYS C 467 30.16 24.80 -16.39
CA LYS C 467 31.10 24.74 -17.49
C LYS C 467 31.40 23.32 -17.87
N LYS C 468 30.59 22.39 -17.38
CA LYS C 468 30.74 21.00 -17.75
C LYS C 468 30.17 20.73 -19.13
N LEU C 469 30.60 19.60 -19.69
CA LEU C 469 30.19 19.07 -20.97
C LEU C 469 29.20 17.93 -20.78
N ASP C 470 28.32 17.74 -21.76
CA ASP C 470 27.31 16.68 -21.72
C ASP C 470 27.44 15.86 -23.00
N PRO C 471 28.18 14.75 -22.96
CA PRO C 471 28.35 13.95 -24.18
C PRO C 471 27.05 13.42 -24.77
N ARG C 472 25.93 13.54 -24.05
CA ARG C 472 24.66 13.05 -24.56
C ARG C 472 24.04 13.93 -25.65
N ARG C 473 24.59 15.11 -25.91
CA ARG C 473 23.95 16.06 -26.82
C ARG C 473 24.93 16.54 -27.88
N GLU C 474 24.37 17.17 -28.92
CA GLU C 474 25.05 17.51 -30.17
C GLU C 474 25.80 18.84 -30.18
N GLY C 475 25.08 19.93 -30.47
CA GLY C 475 25.67 21.25 -30.55
C GLY C 475 25.01 22.26 -29.61
N PRO D 66 -34.58 -14.54 -31.73
CA PRO D 66 -33.61 -14.46 -30.64
C PRO D 66 -33.13 -15.85 -30.23
N SER D 67 -31.92 -15.92 -29.66
CA SER D 67 -31.42 -17.16 -29.11
C SER D 67 -30.22 -16.86 -28.24
N LEU D 68 -30.14 -17.56 -27.10
CA LEU D 68 -29.17 -17.20 -26.09
C LEU D 68 -27.75 -17.48 -26.56
N GLU D 69 -27.59 -18.51 -27.41
CA GLU D 69 -26.32 -18.87 -28.04
C GLU D 69 -25.93 -17.89 -29.14
N ASP D 70 -26.90 -17.43 -29.96
CA ASP D 70 -26.57 -16.49 -31.02
C ASP D 70 -26.25 -15.14 -30.43
N LEU D 71 -26.98 -14.78 -29.38
CA LEU D 71 -26.70 -13.54 -28.67
C LEU D 71 -25.26 -13.52 -28.17
N LEU D 72 -24.81 -14.61 -27.54
CA LEU D 72 -23.42 -14.70 -27.13
C LEU D 72 -22.48 -14.71 -28.32
N PHE D 73 -22.86 -15.39 -29.41
CA PHE D 73 -21.97 -15.47 -30.57
C PHE D 73 -21.61 -14.08 -31.08
N TYR D 74 -22.63 -13.23 -31.30
CA TYR D 74 -22.35 -11.93 -31.88
C TYR D 74 -21.68 -11.00 -30.87
N THR D 75 -21.90 -11.20 -29.57
CA THR D 75 -21.28 -10.29 -28.62
C THR D 75 -19.76 -10.46 -28.61
N ILE D 76 -19.28 -11.69 -28.85
CA ILE D 76 -17.86 -11.97 -28.94
C ILE D 76 -17.34 -11.88 -30.38
N ALA D 77 -18.19 -12.18 -31.36
CA ALA D 77 -17.72 -12.23 -32.75
C ALA D 77 -17.18 -10.88 -33.21
N GLU D 78 -17.73 -9.78 -32.68
CA GLU D 78 -17.35 -8.39 -32.99
C GLU D 78 -17.83 -7.99 -34.40
N GLY D 79 -18.91 -8.64 -34.86
CA GLY D 79 -19.45 -8.46 -36.20
C GLY D 79 -18.69 -9.20 -37.29
N GLN D 80 -17.57 -9.81 -36.96
CA GLN D 80 -16.65 -10.41 -37.89
C GLN D 80 -17.14 -11.76 -38.37
N GLU D 81 -16.33 -12.37 -39.25
CA GLU D 81 -16.55 -13.70 -39.82
C GLU D 81 -17.25 -14.64 -38.87
N LYS D 82 -16.38 -15.39 -38.17
CA LYS D 82 -16.53 -16.34 -37.08
C LYS D 82 -15.36 -16.12 -36.10
N ILE D 83 -15.42 -16.83 -34.98
CA ILE D 83 -14.53 -16.60 -33.83
C ILE D 83 -13.42 -17.61 -33.84
N PRO D 84 -12.15 -17.19 -33.93
CA PRO D 84 -11.05 -18.10 -33.61
C PRO D 84 -11.27 -18.71 -32.23
N VAL D 85 -10.89 -19.98 -32.08
CA VAL D 85 -11.22 -20.65 -30.82
C VAL D 85 -10.40 -20.04 -29.68
N HIS D 86 -9.19 -19.56 -29.96
CA HIS D 86 -8.38 -18.93 -28.92
C HIS D 86 -9.00 -17.60 -28.46
N LYS D 87 -9.65 -16.87 -29.37
CA LYS D 87 -10.24 -15.60 -28.99
C LYS D 87 -11.38 -15.80 -28.01
N PHE D 88 -12.14 -16.88 -28.19
CA PHE D 88 -13.17 -17.24 -27.22
C PHE D 88 -12.55 -17.67 -25.90
N ILE D 89 -11.40 -18.34 -25.96
CA ILE D 89 -10.81 -18.88 -24.74
C ILE D 89 -10.17 -17.77 -23.91
N THR D 90 -9.52 -16.80 -24.57
CA THR D 90 -8.97 -15.68 -23.82
C THR D 90 -10.09 -14.75 -23.34
N ALA D 91 -11.14 -14.57 -24.15
CA ALA D 91 -12.34 -13.91 -23.66
C ALA D 91 -12.91 -14.61 -22.43
N LEU D 92 -12.90 -15.94 -22.42
CA LEU D 92 -13.43 -16.70 -21.30
C LEU D 92 -12.57 -16.50 -20.05
N LYS D 93 -11.26 -16.68 -20.17
CA LYS D 93 -10.38 -16.53 -19.02
C LYS D 93 -10.42 -15.12 -18.46
N SER D 94 -10.73 -14.13 -19.31
CA SER D 94 -10.84 -12.76 -18.84
C SER D 94 -11.96 -12.61 -17.81
N THR D 95 -13.01 -13.43 -17.91
CA THR D 95 -14.02 -13.36 -16.85
C THR D 95 -13.52 -14.00 -15.56
N GLY D 96 -12.35 -14.63 -15.58
CA GLY D 96 -11.78 -15.24 -14.41
C GLY D 96 -12.05 -16.73 -14.26
N LEU D 97 -13.01 -17.27 -15.01
CA LEU D 97 -13.17 -18.71 -14.96
C LEU D 97 -11.94 -19.37 -15.56
N ARG D 98 -11.74 -20.64 -15.20
CA ARG D 98 -10.68 -21.43 -15.79
C ARG D 98 -11.32 -22.44 -16.72
N THR D 99 -10.63 -22.75 -17.81
CA THR D 99 -11.19 -23.73 -18.75
C THR D 99 -11.37 -25.09 -18.07
N SER D 100 -10.69 -25.30 -16.94
CA SER D 100 -10.86 -26.48 -16.12
C SER D 100 -12.20 -26.53 -15.38
N ASP D 101 -12.98 -25.44 -15.37
CA ASP D 101 -14.19 -25.41 -14.56
C ASP D 101 -15.05 -26.65 -14.84
N PRO D 102 -15.48 -27.37 -13.80
CA PRO D 102 -16.32 -28.55 -14.03
C PRO D 102 -17.66 -28.25 -14.67
N ARG D 103 -18.27 -27.10 -14.40
CA ARG D 103 -19.54 -26.76 -15.07
C ARG D 103 -19.35 -26.23 -16.48
N LEU D 104 -18.13 -26.27 -16.99
CA LEU D 104 -17.85 -25.87 -18.37
C LEU D 104 -17.40 -27.06 -19.19
N LYS D 105 -17.53 -28.28 -18.65
CA LYS D 105 -16.70 -29.30 -19.24
C LYS D 105 -17.31 -29.85 -20.54
N GLU D 106 -18.63 -29.86 -20.66
CA GLU D 106 -19.26 -30.24 -21.93
C GLU D 106 -18.81 -29.31 -23.06
N CYS D 107 -18.64 -28.02 -22.75
CA CYS D 107 -18.25 -27.05 -23.76
C CYS D 107 -16.79 -27.21 -24.14
N MET D 108 -15.94 -27.56 -23.20
CA MET D 108 -14.56 -27.80 -23.56
C MET D 108 -14.39 -29.17 -24.22
N ASP D 109 -15.23 -30.15 -23.88
CA ASP D 109 -15.15 -31.44 -24.55
C ASP D 109 -15.38 -31.26 -26.03
N MET D 110 -16.41 -30.52 -26.39
CA MET D 110 -16.77 -30.30 -27.77
C MET D 110 -15.91 -29.22 -28.42
N LEU D 111 -15.08 -28.52 -27.65
CA LEU D 111 -14.10 -27.65 -28.28
C LEU D 111 -12.97 -28.47 -28.87
N ARG D 112 -12.30 -29.28 -28.05
CA ARG D 112 -11.25 -30.14 -28.58
C ARG D 112 -11.81 -31.24 -29.45
N LEU D 113 -13.06 -31.62 -29.24
CA LEU D 113 -13.68 -32.55 -30.16
C LEU D 113 -13.71 -31.95 -31.56
N THR D 114 -14.09 -30.68 -31.70
CA THR D 114 -14.12 -30.05 -33.01
C THR D 114 -12.76 -29.47 -33.43
N LEU D 115 -11.77 -29.38 -32.54
CA LEU D 115 -10.42 -29.04 -32.99
C LEU D 115 -9.63 -30.28 -33.39
N GLN D 116 -10.29 -31.43 -33.42
CA GLN D 116 -9.87 -32.59 -34.20
C GLN D 116 -10.62 -32.69 -35.52
N THR D 117 -11.83 -32.11 -35.59
CA THR D 117 -12.70 -32.09 -36.77
C THR D 117 -11.96 -31.66 -38.03
N THR D 118 -11.45 -30.45 -38.01
CA THR D 118 -10.67 -29.83 -39.09
C THR D 118 -9.46 -29.32 -38.33
N SER D 119 -8.35 -30.04 -38.43
CA SER D 119 -7.18 -29.58 -37.70
C SER D 119 -6.81 -28.13 -37.98
N ASP D 120 -7.40 -27.47 -38.97
CA ASP D 120 -7.21 -26.02 -39.05
C ASP D 120 -8.36 -25.26 -39.70
N GLY D 121 -8.77 -24.20 -39.00
CA GLY D 121 -9.90 -23.34 -39.22
C GLY D 121 -9.40 -21.99 -38.72
N VAL D 122 -9.22 -21.84 -37.40
CA VAL D 122 -9.78 -22.70 -36.35
C VAL D 122 -11.05 -22.00 -35.89
N MET D 123 -11.78 -21.48 -36.88
CA MET D 123 -12.81 -20.47 -36.72
C MET D 123 -14.18 -21.13 -36.77
N LEU D 124 -15.15 -20.51 -36.10
CA LEU D 124 -16.31 -21.23 -35.58
C LEU D 124 -17.63 -20.54 -35.91
N ASP D 125 -18.54 -21.24 -36.61
CA ASP D 125 -19.71 -20.66 -37.29
C ASP D 125 -20.77 -20.21 -36.28
N LYS D 126 -21.94 -19.73 -36.70
CA LYS D 126 -23.00 -19.56 -35.71
C LYS D 126 -23.37 -20.91 -35.13
N ASP D 127 -23.38 -21.95 -35.97
CA ASP D 127 -24.08 -23.12 -35.51
C ASP D 127 -23.07 -24.10 -34.86
N LEU D 128 -21.76 -23.95 -35.19
CA LEU D 128 -20.66 -24.64 -34.49
C LEU D 128 -20.24 -23.97 -33.17
N PHE D 129 -20.32 -22.64 -33.08
CA PHE D 129 -20.25 -22.01 -31.76
C PHE D 129 -21.42 -22.48 -30.91
N LYS D 130 -22.59 -22.57 -31.52
CA LYS D 130 -23.78 -23.01 -30.80
C LYS D 130 -23.65 -24.47 -30.45
N LYS D 131 -22.86 -25.19 -31.26
CA LYS D 131 -22.60 -26.61 -31.06
C LYS D 131 -21.93 -26.87 -29.72
N CYS D 132 -21.02 -25.99 -29.29
CA CYS D 132 -20.24 -26.27 -28.09
C CYS D 132 -20.80 -25.66 -26.82
N VAL D 133 -21.33 -24.43 -26.90
CA VAL D 133 -21.72 -23.70 -25.71
C VAL D 133 -23.17 -23.92 -25.34
N GLN D 134 -23.93 -24.67 -26.15
CA GLN D 134 -25.36 -24.79 -25.89
C GLN D 134 -25.65 -25.31 -24.51
N SER D 135 -24.83 -26.24 -24.04
CA SER D 135 -25.20 -26.98 -22.84
C SER D 135 -24.71 -26.33 -21.58
N ASN D 136 -23.84 -25.31 -21.68
CA ASN D 136 -23.47 -24.49 -20.53
C ASN D 136 -23.83 -23.02 -20.75
N ILE D 137 -24.80 -22.74 -21.61
CA ILE D 137 -24.97 -21.37 -22.12
C ILE D 137 -25.40 -20.44 -21.00
N VAL D 138 -26.15 -20.95 -20.03
CA VAL D 138 -26.62 -20.08 -18.95
C VAL D 138 -25.43 -19.52 -18.18
N LEU D 139 -24.45 -20.39 -17.82
CA LEU D 139 -23.30 -19.93 -17.06
C LEU D 139 -22.30 -19.14 -17.91
N LEU D 140 -22.29 -19.32 -19.23
CA LEU D 140 -21.35 -18.53 -20.03
C LEU D 140 -21.89 -17.14 -20.36
N THR D 141 -23.20 -16.97 -20.51
CA THR D 141 -23.71 -15.64 -20.82
C THR D 141 -23.53 -14.71 -19.64
N GLN D 142 -23.87 -15.19 -18.43
CA GLN D 142 -23.70 -14.35 -17.26
C GLN D 142 -22.24 -14.01 -17.03
N ALA D 143 -21.33 -14.92 -17.44
CA ALA D 143 -19.92 -14.58 -17.37
C ALA D 143 -19.57 -13.46 -18.34
N PHE D 144 -20.14 -13.52 -19.55
CA PHE D 144 -19.82 -12.57 -20.61
C PHE D 144 -20.69 -11.31 -20.57
N ARG D 145 -21.88 -11.38 -19.96
CA ARG D 145 -22.66 -10.20 -19.61
C ARG D 145 -22.22 -9.50 -18.29
N ARG D 146 -20.98 -9.72 -17.82
CA ARG D 146 -20.42 -9.08 -16.63
C ARG D 146 -21.39 -9.10 -15.45
N LYS D 147 -21.96 -10.27 -15.17
CA LYS D 147 -22.93 -10.44 -14.09
C LYS D 147 -22.43 -11.32 -12.94
N PHE D 148 -21.12 -11.57 -12.86
CA PHE D 148 -20.57 -12.28 -11.71
C PHE D 148 -20.32 -11.33 -10.54
N VAL D 149 -20.12 -11.90 -9.34
CA VAL D 149 -20.11 -11.07 -8.14
C VAL D 149 -19.05 -9.98 -8.25
N ILE D 150 -17.94 -10.27 -8.91
CA ILE D 150 -16.90 -9.30 -9.22
C ILE D 150 -16.83 -9.17 -10.75
N PRO D 151 -17.42 -8.11 -11.32
CA PRO D 151 -17.54 -8.04 -12.79
C PRO D 151 -16.23 -7.77 -13.51
N ASP D 152 -15.44 -6.80 -13.02
CA ASP D 152 -14.13 -6.53 -13.57
C ASP D 152 -13.10 -7.30 -12.73
N PHE D 153 -13.03 -8.60 -13.01
CA PHE D 153 -12.16 -9.49 -12.25
C PHE D 153 -10.68 -9.21 -12.51
N MET D 154 -10.34 -8.51 -13.60
CA MET D 154 -8.94 -8.48 -13.97
C MET D 154 -8.18 -7.38 -13.25
N SER D 155 -8.80 -6.24 -12.97
CA SER D 155 -8.16 -5.31 -12.04
C SER D 155 -8.17 -5.87 -10.63
N PHE D 156 -9.27 -6.51 -10.21
CA PHE D 156 -9.36 -7.02 -8.85
C PHE D 156 -8.18 -7.94 -8.54
N THR D 157 -7.82 -8.81 -9.48
CA THR D 157 -6.65 -9.66 -9.25
C THR D 157 -5.37 -8.84 -9.31
N SER D 158 -5.32 -7.83 -10.17
CA SER D 158 -4.21 -6.88 -10.15
C SER D 158 -4.03 -6.31 -8.74
N HIS D 159 -5.15 -5.93 -8.11
CA HIS D 159 -5.14 -5.43 -6.73
C HIS D 159 -4.72 -6.51 -5.73
N ILE D 160 -5.29 -7.72 -5.87
CA ILE D 160 -4.81 -8.84 -5.06
C ILE D 160 -3.31 -8.99 -5.26
N ASP D 161 -2.82 -8.71 -6.47
CA ASP D 161 -1.40 -8.88 -6.73
C ASP D 161 -0.57 -7.87 -5.95
N GLU D 162 -1.02 -6.61 -5.87
CA GLU D 162 -0.25 -5.66 -5.06
C GLU D 162 -0.36 -6.01 -3.60
N LEU D 163 -1.53 -6.49 -3.16
CA LEU D 163 -1.68 -6.93 -1.79
C LEU D 163 -0.73 -8.08 -1.47
N TYR D 164 -0.61 -9.05 -2.37
CA TYR D 164 0.34 -10.15 -2.18
C TYR D 164 1.78 -9.64 -2.12
N GLU D 165 2.13 -8.67 -2.97
CA GLU D 165 3.53 -8.27 -3.11
C GLU D 165 3.98 -7.28 -2.03
N SER D 166 3.05 -6.58 -1.38
CA SER D 166 3.45 -5.75 -0.24
C SER D 166 3.52 -6.56 1.05
N ALA D 167 2.70 -7.60 1.20
CA ALA D 167 2.86 -8.51 2.34
C ALA D 167 4.10 -9.37 2.20
N LYS D 168 4.54 -9.63 0.97
CA LYS D 168 5.70 -10.47 0.75
C LYS D 168 6.96 -9.91 1.40
N LYS D 169 6.98 -8.61 1.71
CA LYS D 169 8.12 -7.95 2.35
C LYS D 169 8.01 -7.94 3.87
N GLN D 170 7.09 -8.71 4.46
CA GLN D 170 7.02 -8.80 5.91
C GLN D 170 7.99 -9.89 6.38
N SER D 171 9.21 -9.45 6.64
CA SER D 171 10.33 -10.12 7.30
C SER D 171 9.91 -11.20 8.29
N GLY D 172 9.17 -10.79 9.31
CA GLY D 172 9.09 -11.51 10.58
C GLY D 172 8.49 -12.90 10.60
N GLY D 173 8.34 -13.42 11.81
CA GLY D 173 7.70 -14.68 12.07
C GLY D 173 8.69 -15.79 12.36
N LYS D 174 8.18 -16.85 12.99
CA LYS D 174 8.93 -18.03 13.33
C LYS D 174 8.20 -19.23 12.74
N VAL D 175 8.94 -20.05 12.00
CA VAL D 175 8.36 -21.27 11.45
C VAL D 175 8.17 -22.26 12.59
N ALA D 176 7.03 -22.95 12.61
CA ALA D 176 6.78 -23.93 13.65
C ALA D 176 7.82 -25.04 13.61
N ASP D 177 8.49 -25.26 14.74
CA ASP D 177 9.48 -26.33 14.85
C ASP D 177 9.11 -27.33 15.92
N TYR D 178 7.88 -27.26 16.45
CA TYR D 178 7.39 -28.29 17.35
C TYR D 178 7.62 -29.67 16.78
N ILE D 179 7.45 -29.80 15.46
CA ILE D 179 7.55 -31.07 14.78
C ILE D 179 8.64 -30.98 13.72
N PRO D 180 9.31 -32.09 13.40
CA PRO D 180 10.21 -32.09 12.24
C PRO D 180 9.50 -31.83 10.91
N GLN D 181 8.17 -31.80 10.86
CA GLN D 181 7.42 -31.71 9.61
C GLN D 181 7.04 -30.28 9.22
N LEU D 182 6.94 -29.37 10.19
CA LEU D 182 6.69 -27.97 9.91
C LEU D 182 7.94 -27.12 10.05
N ALA D 183 9.02 -27.69 10.58
CA ALA D 183 10.32 -27.04 10.49
C ALA D 183 10.93 -27.21 9.10
N LYS D 184 10.52 -28.25 8.37
CA LYS D 184 11.03 -28.51 7.03
C LYS D 184 10.54 -27.51 5.99
N PHE D 185 9.66 -26.60 6.38
CA PHE D 185 9.10 -25.67 5.43
C PHE D 185 9.92 -24.39 5.39
N SER D 186 10.03 -23.79 4.20
CA SER D 186 10.86 -22.62 3.97
C SER D 186 10.14 -21.38 4.50
N PRO D 187 10.89 -20.45 5.12
CA PRO D 187 10.26 -19.23 5.65
C PRO D 187 9.70 -18.30 4.59
N ASP D 188 10.11 -18.44 3.32
CA ASP D 188 9.68 -17.53 2.28
C ASP D 188 8.55 -18.06 1.40
N LEU D 189 8.11 -19.29 1.61
CA LEU D 189 6.91 -19.76 0.94
C LEU D 189 5.74 -18.87 1.32
N TRP D 190 4.95 -18.51 0.33
CA TRP D 190 3.87 -17.54 0.52
C TRP D 190 2.92 -17.62 -0.67
N GLY D 191 1.67 -17.95 -0.41
CA GLY D 191 0.69 -18.06 -1.47
C GLY D 191 -0.63 -17.45 -1.05
N VAL D 192 -1.32 -16.88 -2.03
CA VAL D 192 -2.69 -16.38 -1.85
C VAL D 192 -3.49 -16.79 -3.06
N SER D 193 -4.68 -17.32 -2.83
CA SER D 193 -5.53 -17.67 -3.95
C SER D 193 -6.99 -17.40 -3.61
N VAL D 194 -7.72 -16.98 -4.64
CA VAL D 194 -9.08 -16.48 -4.55
C VAL D 194 -9.99 -17.38 -5.36
N CYS D 195 -11.19 -17.62 -4.84
CA CYS D 195 -12.28 -18.20 -5.61
C CYS D 195 -13.56 -17.47 -5.21
N THR D 196 -14.25 -16.88 -6.17
CA THR D 196 -15.46 -16.13 -5.86
C THR D 196 -16.67 -17.06 -5.81
N ALA D 197 -17.79 -16.53 -5.30
CA ALA D 197 -19.00 -17.34 -5.22
C ALA D 197 -19.51 -17.79 -6.59
N ASP D 198 -18.91 -17.28 -7.67
CA ASP D 198 -19.30 -17.64 -9.01
C ASP D 198 -18.24 -18.47 -9.71
N GLY D 199 -17.13 -18.74 -9.05
CA GLY D 199 -16.11 -19.61 -9.60
C GLY D 199 -14.95 -18.90 -10.23
N GLN D 200 -14.90 -17.58 -10.21
CA GLN D 200 -13.73 -16.90 -10.76
C GLN D 200 -12.54 -17.13 -9.84
N ARG D 201 -11.40 -17.45 -10.42
CA ARG D 201 -10.22 -17.84 -9.66
C ARG D 201 -9.03 -16.97 -10.01
N HIS D 202 -8.12 -16.84 -9.05
CA HIS D 202 -6.86 -16.17 -9.24
C HIS D 202 -5.88 -16.66 -8.20
N SER D 203 -4.60 -16.76 -8.57
CA SER D 203 -3.57 -17.20 -7.66
C SER D 203 -2.33 -16.33 -7.83
N THR D 204 -1.51 -16.31 -6.77
CA THR D 204 -0.25 -15.58 -6.75
C THR D 204 0.65 -16.32 -5.79
N GLY D 205 1.88 -16.60 -6.21
CA GLY D 205 2.83 -17.25 -5.32
C GLY D 205 2.67 -18.75 -5.24
N ASP D 206 3.10 -19.30 -4.10
CA ASP D 206 3.26 -20.74 -3.91
C ASP D 206 1.91 -21.39 -3.58
N THR D 207 0.99 -21.31 -4.54
CA THR D 207 -0.40 -21.67 -4.31
C THR D 207 -0.69 -23.15 -4.54
N LYS D 208 0.22 -23.89 -5.19
CA LYS D 208 0.04 -25.30 -5.50
C LYS D 208 0.91 -26.21 -4.64
N VAL D 209 1.43 -25.72 -3.52
CA VAL D 209 2.30 -26.49 -2.64
C VAL D 209 1.43 -27.04 -1.49
N PRO D 210 1.37 -28.35 -1.29
CA PRO D 210 0.51 -28.87 -0.22
C PRO D 210 1.11 -28.61 1.15
N PHE D 211 0.22 -28.43 2.12
CA PHE D 211 0.52 -28.23 3.54
C PHE D 211 -0.71 -28.68 4.32
N CYS D 212 -0.56 -28.88 5.63
CA CYS D 212 -1.68 -29.44 6.35
C CYS D 212 -2.57 -28.32 6.88
N LEU D 213 -3.85 -28.64 7.04
CA LEU D 213 -4.76 -27.62 7.53
C LEU D 213 -4.44 -27.33 8.98
N GLN D 214 -4.00 -28.37 9.69
CA GLN D 214 -3.95 -28.34 11.14
C GLN D 214 -5.32 -27.88 11.63
N SER D 215 -5.40 -26.79 12.36
CA SER D 215 -6.67 -26.42 12.96
C SER D 215 -7.45 -25.43 12.10
N CYS D 216 -7.06 -25.26 10.83
CA CYS D 216 -7.99 -24.78 9.82
C CYS D 216 -9.07 -25.81 9.55
N VAL D 217 -8.88 -27.06 9.99
CA VAL D 217 -9.90 -28.06 9.76
C VAL D 217 -11.02 -27.99 10.79
N LYS D 218 -10.83 -27.21 11.87
CA LYS D 218 -11.87 -27.14 12.90
C LYS D 218 -13.18 -26.56 12.39
N PRO D 219 -13.19 -25.45 11.62
CA PRO D 219 -14.48 -25.00 11.08
C PRO D 219 -15.10 -26.03 10.16
N LEU D 220 -14.27 -26.70 9.35
CA LEU D 220 -14.78 -27.66 8.38
C LEU D 220 -15.45 -28.84 9.06
N LYS D 221 -14.79 -29.44 10.08
CA LYS D 221 -15.42 -30.60 10.71
C LYS D 221 -16.58 -30.19 11.58
N TYR D 222 -16.49 -29.00 12.19
CA TYR D 222 -17.66 -28.43 12.84
C TYR D 222 -18.81 -28.33 11.86
N ALA D 223 -18.53 -27.81 10.65
CA ALA D 223 -19.57 -27.66 9.65
C ALA D 223 -20.15 -29.02 9.30
N ILE D 224 -19.27 -30.03 9.13
CA ILE D 224 -19.74 -31.38 8.84
C ILE D 224 -20.64 -31.86 9.97
N ALA D 225 -20.23 -31.62 11.21
CA ALA D 225 -21.02 -32.10 12.34
C ALA D 225 -22.41 -31.48 12.35
N VAL D 226 -22.50 -30.16 12.19
CA VAL D 226 -23.81 -29.51 12.24
C VAL D 226 -24.65 -29.93 11.06
N ASN D 227 -24.02 -30.12 9.90
CA ASN D 227 -24.74 -30.55 8.71
C ASN D 227 -25.47 -31.88 8.96
N ASP D 228 -24.80 -32.85 9.60
CA ASP D 228 -25.34 -34.18 9.85
C ASP D 228 -26.23 -34.26 11.09
N LEU D 229 -25.97 -33.44 12.12
CA LEU D 229 -26.69 -33.54 13.39
C LEU D 229 -27.58 -32.36 13.68
N GLY D 230 -27.23 -31.16 13.25
CA GLY D 230 -28.06 -30.02 13.59
C GLY D 230 -27.51 -29.22 14.75
N THR D 231 -27.87 -27.93 14.80
CA THR D 231 -27.28 -27.03 15.78
C THR D 231 -27.61 -27.43 17.21
N GLU D 232 -28.84 -27.86 17.46
CA GLU D 232 -29.19 -28.13 18.85
C GLU D 232 -28.41 -29.30 19.40
N TYR D 233 -28.30 -30.41 18.64
CA TYR D 233 -27.52 -31.55 19.12
C TYR D 233 -26.06 -31.20 19.32
N VAL D 234 -25.43 -30.61 18.30
CA VAL D 234 -24.00 -30.28 18.37
C VAL D 234 -23.69 -29.37 19.56
N HIS D 235 -24.59 -28.45 19.90
CA HIS D 235 -24.24 -27.54 20.99
C HIS D 235 -24.72 -28.04 22.34
N ARG D 236 -25.10 -29.32 22.43
CA ARG D 236 -25.11 -30.03 23.70
C ARG D 236 -23.69 -30.32 24.19
N TYR D 237 -22.70 -30.32 23.30
CA TYR D 237 -21.37 -30.77 23.64
C TYR D 237 -20.32 -29.67 23.57
N VAL D 238 -20.62 -28.51 22.97
CA VAL D 238 -19.64 -27.45 22.80
C VAL D 238 -20.34 -26.10 22.87
N GLY D 239 -19.63 -25.12 23.40
CA GLY D 239 -20.19 -23.78 23.52
C GLY D 239 -20.21 -23.05 22.20
N LYS D 240 -20.58 -21.77 22.27
CA LYS D 240 -20.67 -20.94 21.09
C LYS D 240 -20.21 -19.50 21.32
N GLU D 241 -19.22 -19.29 22.18
CA GLU D 241 -18.72 -17.95 22.47
C GLU D 241 -17.21 -17.96 22.55
N PRO D 242 -16.57 -16.81 22.41
CA PRO D 242 -15.15 -16.73 22.73
C PRO D 242 -14.97 -16.83 24.23
N SER D 243 -13.89 -17.48 24.63
CA SER D 243 -13.71 -17.80 26.04
C SER D 243 -13.45 -16.53 26.83
N GLY D 244 -12.71 -15.61 26.24
CA GLY D 244 -12.26 -14.44 26.94
C GLY D 244 -10.76 -14.50 27.15
N LEU D 245 -10.11 -13.35 27.02
CA LEU D 245 -8.66 -13.36 27.11
C LEU D 245 -8.16 -13.36 28.57
N ARG D 246 -8.88 -14.01 29.52
CA ARG D 246 -8.31 -14.67 30.71
C ARG D 246 -8.37 -16.18 30.52
N PHE D 247 -9.38 -16.68 29.81
CA PHE D 247 -9.64 -18.12 29.77
C PHE D 247 -9.20 -18.73 28.46
N ASN D 248 -8.07 -18.28 27.95
CA ASN D 248 -7.43 -18.93 26.82
C ASN D 248 -6.79 -20.26 27.21
N LYS D 249 -6.82 -20.60 28.49
CA LYS D 249 -6.09 -21.74 29.03
C LYS D 249 -6.95 -22.65 29.88
N LEU D 250 -8.24 -22.42 29.98
CA LEU D 250 -9.16 -23.36 30.60
C LEU D 250 -9.79 -24.23 29.53
N PHE D 251 -10.18 -25.44 29.92
CA PHE D 251 -10.69 -26.38 28.96
C PHE D 251 -12.19 -26.28 28.79
N LEU D 252 -12.91 -25.98 29.86
CA LEU D 252 -14.37 -26.01 29.83
C LEU D 252 -14.94 -24.68 30.31
N ASN D 253 -16.09 -24.32 29.76
CA ASN D 253 -16.80 -23.14 30.22
C ASN D 253 -17.58 -23.51 31.49
N GLU D 254 -18.46 -22.61 31.95
CA GLU D 254 -19.08 -22.82 33.26
C GLU D 254 -20.11 -23.94 33.23
N ASP D 255 -20.58 -24.32 32.05
CA ASP D 255 -21.52 -25.43 31.86
C ASP D 255 -20.82 -26.74 31.56
N ASP D 256 -19.52 -26.83 31.84
CA ASP D 256 -18.74 -28.04 31.63
C ASP D 256 -18.72 -28.47 30.17
N LYS D 257 -18.90 -27.52 29.24
CA LYS D 257 -18.71 -27.69 27.80
C LYS D 257 -17.48 -26.90 27.35
N PRO D 258 -16.70 -27.39 26.38
CA PRO D 258 -15.65 -26.55 25.82
C PRO D 258 -16.23 -25.31 25.17
N HIS D 259 -15.46 -24.22 25.21
CA HIS D 259 -16.03 -22.89 24.95
C HIS D 259 -16.64 -22.79 23.56
N ASN D 260 -15.99 -23.40 22.58
CA ASN D 260 -16.45 -23.27 21.22
C ASN D 260 -15.68 -24.26 20.34
N PRO D 261 -16.15 -24.55 19.14
CA PRO D 261 -15.51 -25.56 18.30
C PRO D 261 -14.16 -25.18 17.73
N MET D 262 -13.66 -23.98 18.00
CA MET D 262 -12.44 -23.54 17.34
C MET D 262 -11.22 -23.64 18.24
N VAL D 263 -11.41 -24.08 19.47
CA VAL D 263 -10.33 -24.34 20.38
C VAL D 263 -10.21 -25.85 20.55
N ASN D 264 -9.02 -26.29 20.98
CA ASN D 264 -8.70 -27.71 20.88
C ASN D 264 -9.70 -28.57 21.63
N ALA D 265 -10.08 -28.15 22.85
CA ALA D 265 -11.02 -28.98 23.59
C ALA D 265 -12.35 -29.10 22.84
N GLY D 266 -12.80 -28.03 22.20
CA GLY D 266 -14.05 -28.09 21.47
C GLY D 266 -13.92 -28.87 20.17
N ALA D 267 -12.83 -28.66 19.44
CA ALA D 267 -12.58 -29.46 18.24
C ALA D 267 -12.52 -30.94 18.59
N ILE D 268 -11.76 -31.30 19.65
CA ILE D 268 -11.68 -32.68 20.09
C ILE D 268 -13.09 -33.22 20.38
N VAL D 269 -13.93 -32.41 21.02
CA VAL D 269 -15.30 -32.87 21.25
C VAL D 269 -16.05 -32.97 19.93
N VAL D 270 -15.88 -31.98 19.03
CA VAL D 270 -16.56 -32.05 17.74
C VAL D 270 -16.16 -33.34 17.01
N THR D 271 -14.86 -33.64 16.99
CA THR D 271 -14.39 -34.87 16.35
C THR D 271 -15.09 -36.11 16.92
N SER D 272 -15.60 -36.03 18.14
CA SER D 272 -16.27 -37.16 18.74
C SER D 272 -17.73 -37.33 18.29
N LEU D 273 -18.34 -36.38 17.57
CA LEU D 273 -19.74 -36.56 17.16
C LEU D 273 -19.95 -36.94 15.71
N ILE D 274 -18.93 -36.75 14.85
CA ILE D 274 -19.08 -37.04 13.44
C ILE D 274 -19.16 -38.55 13.25
N LYS D 275 -20.25 -39.01 12.64
CA LYS D 275 -20.40 -40.41 12.23
C LYS D 275 -20.05 -41.38 13.35
N GLN D 276 -20.78 -41.26 14.46
CA GLN D 276 -20.63 -42.17 15.59
C GLN D 276 -21.09 -43.56 15.18
N GLY D 277 -20.68 -44.56 15.95
CA GLY D 277 -21.09 -45.93 15.69
C GLY D 277 -20.30 -46.63 14.62
N VAL D 278 -19.39 -45.93 13.94
CA VAL D 278 -18.58 -46.51 12.90
C VAL D 278 -17.11 -46.36 13.26
N ASN D 279 -16.27 -47.24 12.72
CA ASN D 279 -14.88 -47.27 13.12
C ASN D 279 -14.13 -46.07 12.51
N ASN D 280 -12.91 -45.83 13.02
CA ASN D 280 -12.16 -44.64 12.63
C ASN D 280 -11.67 -44.68 11.18
N ALA D 281 -11.57 -45.85 10.54
CA ALA D 281 -11.16 -45.86 9.14
C ALA D 281 -12.27 -45.33 8.24
N GLU D 282 -13.52 -45.76 8.48
CA GLU D 282 -14.64 -45.24 7.71
C GLU D 282 -14.89 -43.77 8.03
N LYS D 283 -14.75 -43.39 9.32
CA LYS D 283 -14.97 -42.01 9.73
C LYS D 283 -14.08 -41.08 8.93
N PHE D 284 -12.79 -41.39 8.85
CA PHE D 284 -11.88 -40.58 8.04
C PHE D 284 -12.32 -40.53 6.57
N ASP D 285 -12.77 -41.67 6.02
CA ASP D 285 -13.24 -41.66 4.63
C ASP D 285 -14.39 -40.67 4.45
N TYR D 286 -15.37 -40.71 5.36
CA TYR D 286 -16.53 -39.82 5.28
C TYR D 286 -16.12 -38.36 5.34
N VAL D 287 -15.21 -38.00 6.25
CA VAL D 287 -14.77 -36.61 6.24
C VAL D 287 -14.02 -36.29 4.95
N MET D 288 -13.28 -37.25 4.38
CA MET D 288 -12.59 -36.96 3.14
C MET D 288 -13.55 -36.79 1.98
N GLN D 289 -14.58 -37.65 1.90
CA GLN D 289 -15.61 -37.48 0.89
C GLN D 289 -16.28 -36.11 1.03
N PHE D 290 -16.49 -35.66 2.27
CA PHE D 290 -17.09 -34.36 2.51
C PHE D 290 -16.15 -33.25 2.08
N LEU D 291 -14.88 -33.34 2.46
CA LEU D 291 -13.93 -32.31 2.04
C LEU D 291 -13.73 -32.32 0.54
N ASN D 292 -13.92 -33.48 -0.10
CA ASN D 292 -13.81 -33.51 -1.56
C ASN D 292 -14.91 -32.66 -2.17
N LYS D 293 -16.13 -32.82 -1.68
CA LYS D 293 -17.20 -32.03 -2.24
C LYS D 293 -17.01 -30.55 -1.96
N MET D 294 -16.50 -30.21 -0.76
CA MET D 294 -16.26 -28.81 -0.42
C MET D 294 -15.23 -28.16 -1.31
N ALA D 295 -14.30 -28.93 -1.86
CA ALA D 295 -13.28 -28.36 -2.73
C ALA D 295 -13.59 -28.57 -4.21
N GLY D 296 -14.79 -29.04 -4.54
CA GLY D 296 -15.08 -29.36 -5.93
C GLY D 296 -14.09 -30.34 -6.53
N ASN D 297 -13.60 -31.27 -5.73
CA ASN D 297 -12.73 -32.38 -6.13
C ASN D 297 -11.33 -31.91 -6.54
N GLU D 298 -10.89 -30.76 -6.02
CA GLU D 298 -9.51 -30.33 -6.16
C GLU D 298 -8.66 -30.98 -5.05
N TYR D 299 -7.41 -30.54 -4.88
CA TYR D 299 -6.43 -31.35 -4.15
C TYR D 299 -6.74 -31.41 -2.66
N VAL D 300 -7.01 -32.61 -2.16
CA VAL D 300 -7.03 -32.83 -0.73
C VAL D 300 -6.23 -34.09 -0.42
N GLY D 301 -5.17 -33.94 0.35
CA GLY D 301 -4.30 -35.07 0.65
C GLY D 301 -4.18 -35.37 2.13
N PHE D 302 -3.07 -36.00 2.51
CA PHE D 302 -2.85 -36.45 3.88
C PHE D 302 -1.36 -36.67 4.07
N SER D 303 -0.82 -36.11 5.16
CA SER D 303 0.59 -36.28 5.51
C SER D 303 0.66 -37.22 6.70
N ASN D 304 1.06 -38.46 6.44
CA ASN D 304 1.23 -39.43 7.52
C ASN D 304 2.43 -39.07 8.37
N ALA D 305 3.40 -38.34 7.83
CA ALA D 305 4.52 -37.88 8.66
C ALA D 305 4.02 -36.95 9.77
N THR D 306 3.29 -35.88 9.42
CA THR D 306 2.85 -35.00 10.48
C THR D 306 1.81 -35.67 11.35
N PHE D 307 1.11 -36.67 10.82
CA PHE D 307 0.20 -37.41 11.69
C PHE D 307 0.98 -38.16 12.75
N GLN D 308 2.02 -38.90 12.34
CA GLN D 308 2.80 -39.65 13.32
C GLN D 308 3.52 -38.70 14.28
N SER D 309 3.89 -37.54 13.81
CA SER D 309 4.65 -36.62 14.64
C SER D 309 3.76 -35.76 15.55
N GLU D 310 2.47 -35.65 15.26
CA GLU D 310 1.54 -34.94 16.13
C GLU D 310 0.91 -35.82 17.21
N ARG D 311 0.79 -37.11 16.95
CA ARG D 311 0.41 -38.12 17.94
C ARG D 311 1.52 -38.43 18.94
N GLU D 312 2.78 -38.20 18.59
CA GLU D 312 3.82 -38.48 19.58
C GLU D 312 4.14 -37.25 20.42
N SER D 313 3.52 -36.10 20.13
CA SER D 313 3.91 -34.88 20.83
C SER D 313 2.73 -34.06 21.32
N GLY D 314 1.54 -34.66 21.40
CA GLY D 314 0.38 -33.89 21.80
C GLY D 314 -0.09 -34.19 23.20
N ASP D 315 0.84 -34.14 24.17
CA ASP D 315 0.45 -34.37 25.55
C ASP D 315 -0.60 -33.37 25.98
N ARG D 316 -0.54 -32.17 25.41
CA ARG D 316 -1.60 -31.18 25.64
C ARG D 316 -2.96 -31.76 25.28
N ASN D 317 -3.05 -32.40 24.12
CA ASN D 317 -4.33 -32.94 23.67
C ASN D 317 -4.73 -34.15 24.48
N PHE D 318 -3.77 -34.95 24.92
CA PHE D 318 -4.09 -36.05 25.82
C PHE D 318 -4.60 -35.54 27.15
N ALA D 319 -3.93 -34.52 27.69
CA ALA D 319 -4.43 -33.88 28.89
C ALA D 319 -5.88 -33.45 28.67
N ILE D 320 -6.11 -32.75 27.56
CA ILE D 320 -7.46 -32.30 27.25
C ILE D 320 -8.40 -33.48 27.17
N GLY D 321 -8.00 -34.52 26.43
CA GLY D 321 -8.87 -35.66 26.24
C GLY D 321 -9.21 -36.33 27.56
N TYR D 322 -8.20 -36.51 28.41
CA TYR D 322 -8.47 -37.17 29.67
C TYR D 322 -9.43 -36.32 30.50
N TYR D 323 -9.17 -35.01 30.58
CA TYR D 323 -10.06 -34.12 31.33
C TYR D 323 -11.49 -34.15 30.78
N LEU D 324 -11.66 -34.15 29.45
CA LEU D 324 -13.03 -34.17 28.92
C LEU D 324 -13.69 -35.50 29.17
N LYS D 325 -12.90 -36.60 29.10
CA LYS D 325 -13.42 -37.93 29.44
C LYS D 325 -13.88 -37.96 30.88
N GLU D 326 -13.03 -37.47 31.78
CA GLU D 326 -13.40 -37.39 33.19
C GLU D 326 -14.70 -36.64 33.38
N LYS D 327 -14.81 -35.44 32.80
CA LYS D 327 -16.00 -34.64 33.06
C LYS D 327 -17.16 -34.99 32.16
N LYS D 328 -17.11 -36.13 31.45
CA LYS D 328 -18.28 -36.70 30.78
C LYS D 328 -18.80 -35.79 29.66
N CYS D 329 -17.87 -35.24 28.85
CA CYS D 329 -18.21 -34.26 27.82
C CYS D 329 -18.39 -34.86 26.44
N PHE D 330 -18.17 -36.16 26.29
CA PHE D 330 -18.36 -36.93 25.07
C PHE D 330 -19.73 -37.60 25.05
N PRO D 331 -20.20 -38.04 23.88
CA PRO D 331 -21.42 -38.86 23.84
C PRO D 331 -21.10 -40.28 24.26
N GLU D 332 -22.13 -40.95 24.77
CA GLU D 332 -21.91 -42.26 25.40
C GLU D 332 -21.31 -43.24 24.40
N GLY D 333 -20.43 -44.10 24.90
CA GLY D 333 -19.79 -45.07 24.03
C GLY D 333 -18.60 -44.56 23.27
N THR D 334 -18.01 -43.45 23.70
CA THR D 334 -16.86 -42.90 23.02
C THR D 334 -15.58 -43.62 23.45
N ASP D 335 -14.75 -43.97 22.47
CA ASP D 335 -13.39 -44.43 22.76
C ASP D 335 -12.54 -43.17 22.68
N MET D 336 -12.34 -42.54 23.82
CA MET D 336 -11.68 -41.23 23.82
C MET D 336 -10.31 -41.31 23.16
N VAL D 337 -9.50 -42.31 23.53
CA VAL D 337 -8.16 -42.39 22.96
C VAL D 337 -8.24 -42.57 21.44
N GLY D 338 -9.30 -43.21 20.95
CA GLY D 338 -9.47 -43.31 19.51
C GLY D 338 -9.81 -41.97 18.87
N ILE D 339 -10.71 -41.21 19.51
CA ILE D 339 -11.09 -39.91 18.99
C ILE D 339 -9.87 -38.99 18.90
N LEU D 340 -8.95 -39.11 19.86
CA LEU D 340 -7.74 -38.31 19.77
C LEU D 340 -6.95 -38.66 18.52
N ASP D 341 -6.91 -39.95 18.18
CA ASP D 341 -6.22 -40.39 16.99
C ASP D 341 -6.90 -39.84 15.75
N PHE D 342 -8.22 -40.00 15.68
CA PHE D 342 -9.01 -39.39 14.61
C PHE D 342 -8.81 -37.88 14.55
N TYR D 343 -8.78 -37.21 15.72
CA TYR D 343 -8.55 -35.77 15.77
C TYR D 343 -7.19 -35.43 15.18
N PHE D 344 -6.16 -36.17 15.60
CA PHE D 344 -4.84 -35.94 15.04
C PHE D 344 -4.83 -36.16 13.53
N GLN D 345 -5.57 -37.17 13.04
CA GLN D 345 -5.58 -37.43 11.61
C GLN D 345 -6.16 -36.24 10.85
N LEU D 346 -7.34 -35.77 11.27
CA LEU D 346 -7.97 -34.64 10.61
C LEU D 346 -7.06 -33.41 10.60
N CYS D 347 -6.20 -33.25 11.60
CA CYS D 347 -5.30 -32.11 11.57
C CYS D 347 -4.16 -32.26 10.59
N SER D 348 -3.89 -33.48 10.12
CA SER D 348 -2.80 -33.74 9.19
C SER D 348 -3.24 -33.81 7.74
N ILE D 349 -4.52 -33.47 7.46
CA ILE D 349 -5.06 -33.44 6.10
C ILE D 349 -4.40 -32.35 5.29
N GLU D 350 -4.04 -32.66 4.05
CA GLU D 350 -3.29 -31.72 3.22
C GLU D 350 -4.23 -31.08 2.20
N VAL D 351 -3.93 -29.80 1.90
CA VAL D 351 -4.59 -29.00 0.88
C VAL D 351 -3.51 -28.14 0.23
N THR D 352 -3.87 -27.42 -0.82
CA THR D 352 -3.05 -26.32 -1.31
C THR D 352 -3.87 -25.06 -1.15
N CYS D 353 -3.29 -23.92 -1.52
CA CYS D 353 -4.06 -22.72 -1.30
C CYS D 353 -5.21 -22.65 -2.28
N GLU D 354 -5.04 -23.25 -3.45
CA GLU D 354 -6.12 -23.24 -4.44
C GLU D 354 -7.27 -24.16 -4.04
N SER D 355 -6.97 -25.43 -3.78
CA SER D 355 -7.95 -26.33 -3.18
C SER D 355 -8.65 -25.70 -1.98
N ALA D 356 -7.87 -25.20 -1.01
CA ALA D 356 -8.48 -24.77 0.25
C ALA D 356 -9.32 -23.53 0.05
N SER D 357 -8.92 -22.64 -0.89
CA SER D 357 -9.71 -21.46 -1.20
C SER D 357 -11.08 -21.81 -1.77
N VAL D 358 -11.20 -22.97 -2.46
CA VAL D 358 -12.50 -23.41 -2.94
C VAL D 358 -13.36 -23.91 -1.79
N MET D 359 -12.72 -24.60 -0.83
CA MET D 359 -13.39 -24.96 0.42
C MET D 359 -13.95 -23.72 1.08
N ALA D 360 -13.14 -22.66 1.15
CA ALA D 360 -13.58 -21.40 1.72
C ALA D 360 -14.75 -20.83 0.92
N ALA D 361 -14.65 -20.89 -0.40
CA ALA D 361 -15.68 -20.32 -1.26
C ALA D 361 -17.02 -21.05 -1.12
N THR D 362 -16.99 -22.35 -0.83
CA THR D 362 -18.22 -23.04 -0.46
C THR D 362 -18.90 -22.39 0.75
N LEU D 363 -18.10 -21.97 1.73
CA LEU D 363 -18.66 -21.30 2.91
C LEU D 363 -19.13 -19.89 2.58
N ALA D 364 -18.44 -19.21 1.67
CA ALA D 364 -18.92 -17.91 1.23
C ALA D 364 -20.25 -18.01 0.48
N ASN D 365 -20.60 -19.21 -0.01
CA ASN D 365 -21.67 -19.38 -0.97
C ASN D 365 -22.85 -20.20 -0.42
N GLY D 366 -23.18 -20.06 0.86
CA GLY D 366 -24.35 -20.72 1.43
C GLY D 366 -24.31 -22.23 1.43
N GLY D 367 -23.12 -22.82 1.26
CA GLY D 367 -22.98 -24.26 1.28
C GLY D 367 -23.03 -24.90 -0.09
N PHE D 368 -23.04 -24.12 -1.16
CA PHE D 368 -22.98 -24.64 -2.51
C PHE D 368 -21.55 -24.45 -3.04
N CYS D 369 -20.96 -25.52 -3.56
CA CYS D 369 -19.65 -25.43 -4.16
C CYS D 369 -19.66 -24.54 -5.39
N PRO D 370 -18.87 -23.46 -5.42
CA PRO D 370 -18.98 -22.51 -6.55
C PRO D 370 -18.60 -23.09 -7.90
N ILE D 371 -17.71 -24.10 -7.96
CA ILE D 371 -17.22 -24.63 -9.23
C ILE D 371 -17.89 -25.94 -9.62
N THR D 372 -18.90 -26.39 -8.86
CA THR D 372 -19.69 -27.54 -9.27
C THR D 372 -21.20 -27.34 -9.14
N GLY D 373 -21.69 -26.36 -8.37
CA GLY D 373 -23.12 -26.10 -8.18
C GLY D 373 -23.80 -27.06 -7.24
N GLU D 374 -23.00 -27.89 -6.62
CA GLU D 374 -23.40 -28.90 -5.68
C GLU D 374 -23.60 -28.34 -4.27
N ARG D 375 -24.71 -28.75 -3.65
CA ARG D 375 -25.05 -28.40 -2.27
C ARG D 375 -24.29 -29.36 -1.34
N VAL D 376 -23.33 -28.81 -0.60
CA VAL D 376 -22.44 -29.59 0.26
C VAL D 376 -22.83 -29.50 1.72
N LEU D 377 -23.07 -28.29 2.22
CA LEU D 377 -23.37 -28.02 3.61
C LEU D 377 -24.70 -27.29 3.67
N SER D 378 -25.53 -27.64 4.65
CA SER D 378 -26.79 -26.95 4.87
C SER D 378 -26.51 -25.50 5.26
N PRO D 379 -27.41 -24.57 4.90
CA PRO D 379 -27.19 -23.16 5.30
C PRO D 379 -27.11 -22.97 6.81
N GLU D 380 -27.80 -23.81 7.58
CA GLU D 380 -27.65 -23.77 9.03
C GLU D 380 -26.19 -23.99 9.45
N ALA D 381 -25.51 -24.95 8.80
CA ALA D 381 -24.11 -25.19 9.14
C ALA D 381 -23.23 -24.04 8.70
N VAL D 382 -23.47 -23.50 7.52
CA VAL D 382 -22.63 -22.43 7.02
C VAL D 382 -22.76 -21.19 7.90
N ARG D 383 -23.98 -20.86 8.34
CA ARG D 383 -24.12 -19.67 9.17
C ARG D 383 -23.33 -19.83 10.45
N ASN D 384 -23.56 -20.93 11.16
CA ASN D 384 -22.90 -21.15 12.43
C ASN D 384 -21.38 -21.20 12.27
N THR D 385 -20.88 -21.87 11.24
CA THR D 385 -19.43 -21.98 11.14
C THR D 385 -18.79 -20.64 10.84
N LEU D 386 -19.45 -19.74 10.09
CA LEU D 386 -18.82 -18.44 9.89
C LEU D 386 -19.08 -17.51 11.05
N SER D 387 -20.14 -17.81 11.80
CA SER D 387 -20.41 -17.05 13.01
C SER D 387 -19.37 -17.37 14.08
N LEU D 388 -18.91 -18.61 14.15
CA LEU D 388 -17.89 -18.98 15.12
C LEU D 388 -16.50 -18.63 14.64
N MET D 389 -16.26 -18.64 13.32
CA MET D 389 -14.98 -18.19 12.78
C MET D 389 -14.81 -16.69 12.96
N HIS D 390 -15.92 -15.96 12.96
CA HIS D 390 -15.85 -14.52 13.21
C HIS D 390 -15.25 -14.23 14.57
N SER D 391 -15.81 -14.86 15.61
CA SER D 391 -15.51 -14.52 16.99
C SER D 391 -14.40 -15.31 17.65
N CYS D 392 -14.10 -16.53 17.19
CA CYS D 392 -13.12 -17.39 17.87
C CYS D 392 -12.06 -17.95 16.93
N GLY D 393 -11.79 -17.29 15.81
CA GLY D 393 -11.03 -17.96 14.78
C GLY D 393 -9.52 -17.78 14.75
N MET D 394 -8.99 -16.77 15.42
CA MET D 394 -7.58 -16.45 15.28
C MET D 394 -6.89 -16.53 16.63
N TYR D 395 -7.27 -17.53 17.40
CA TYR D 395 -6.66 -17.82 18.71
C TYR D 395 -6.88 -16.57 19.57
N ASP D 396 -5.85 -16.13 20.29
CA ASP D 396 -5.98 -14.96 21.15
C ASP D 396 -6.14 -13.68 20.35
N PHE D 397 -5.82 -13.69 19.06
CA PHE D 397 -6.01 -12.52 18.22
C PHE D 397 -7.44 -12.40 17.70
N SER D 398 -8.37 -13.25 18.13
CA SER D 398 -9.69 -13.25 17.50
C SER D 398 -10.44 -11.93 17.70
N GLY D 399 -10.46 -11.39 18.91
CA GLY D 399 -11.19 -10.15 19.14
C GLY D 399 -10.60 -8.97 18.40
N GLN D 400 -9.26 -8.84 18.42
CA GLN D 400 -8.63 -7.79 17.63
C GLN D 400 -8.90 -7.98 16.15
N PHE D 401 -8.86 -9.24 15.67
CA PHE D 401 -9.12 -9.53 14.27
C PHE D 401 -10.57 -9.24 13.90
N ALA D 402 -11.51 -9.63 14.76
CA ALA D 402 -12.90 -9.36 14.45
C ALA D 402 -13.17 -7.88 14.36
N PHE D 403 -12.45 -7.10 15.17
CA PHE D 403 -12.65 -5.66 15.19
C PHE D 403 -12.15 -5.01 13.90
N HIS D 404 -10.87 -5.19 13.61
CA HIS D 404 -10.24 -4.48 12.49
C HIS D 404 -10.56 -5.13 11.16
N VAL D 405 -10.61 -6.44 11.10
CA VAL D 405 -10.79 -7.09 9.80
C VAL D 405 -12.26 -7.36 9.53
N GLY D 406 -13.00 -7.83 10.53
CA GLY D 406 -14.41 -8.13 10.33
C GLY D 406 -14.67 -9.21 9.30
N LEU D 407 -13.77 -10.19 9.19
CA LEU D 407 -14.05 -11.31 8.31
C LEU D 407 -13.93 -12.63 9.06
N PRO D 408 -14.83 -13.58 8.80
CA PRO D 408 -14.66 -14.94 9.35
C PRO D 408 -13.38 -15.56 8.79
N ALA D 409 -12.45 -15.86 9.68
CA ALA D 409 -11.21 -16.48 9.25
C ALA D 409 -10.86 -17.59 10.21
N LYS D 410 -9.93 -18.45 9.79
CA LYS D 410 -9.44 -19.51 10.67
C LYS D 410 -7.98 -19.75 10.38
N SER D 411 -7.16 -19.66 11.40
CA SER D 411 -5.72 -19.82 11.20
C SER D 411 -5.27 -21.19 11.67
N GLY D 412 -4.12 -21.59 11.14
CA GLY D 412 -3.54 -22.86 11.48
C GLY D 412 -2.03 -22.72 11.52
N VAL D 413 -1.42 -23.65 12.26
CA VAL D 413 0.00 -23.64 12.53
C VAL D 413 0.90 -23.81 11.30
N ALA D 414 0.41 -24.44 10.23
CA ALA D 414 1.23 -24.54 9.04
C ALA D 414 1.43 -23.20 8.35
N GLY D 415 0.65 -22.21 8.73
CA GLY D 415 0.69 -20.91 8.11
C GLY D 415 -0.55 -20.56 7.33
N GLY D 416 -1.60 -21.39 7.41
CA GLY D 416 -2.78 -21.15 6.64
C GLY D 416 -3.73 -20.22 7.37
N ILE D 417 -4.46 -19.43 6.58
CA ILE D 417 -5.60 -18.69 7.06
C ILE D 417 -6.68 -18.92 6.01
N LEU D 418 -7.66 -19.74 6.36
CA LEU D 418 -8.82 -19.96 5.53
C LEU D 418 -9.80 -18.83 5.83
N LEU D 419 -9.89 -17.88 4.91
CA LEU D 419 -10.63 -16.64 5.08
C LEU D 419 -11.83 -16.64 4.15
N VAL D 420 -12.92 -16.02 4.58
CA VAL D 420 -14.15 -15.98 3.81
C VAL D 420 -14.74 -14.58 3.78
N VAL D 421 -14.98 -14.06 2.59
CA VAL D 421 -15.81 -12.86 2.47
C VAL D 421 -17.20 -13.31 2.06
N PRO D 422 -18.13 -13.43 3.00
CA PRO D 422 -19.47 -13.94 2.67
C PRO D 422 -20.08 -13.18 1.51
N ASN D 423 -20.79 -13.91 0.66
CA ASN D 423 -21.51 -13.48 -0.54
C ASN D 423 -20.59 -12.98 -1.66
N VAL D 424 -19.28 -13.07 -1.51
CA VAL D 424 -18.36 -12.60 -2.54
C VAL D 424 -17.41 -13.70 -2.98
N MET D 425 -16.55 -14.14 -2.07
CA MET D 425 -15.41 -14.95 -2.45
C MET D 425 -14.86 -15.70 -1.24
N GLY D 426 -14.07 -16.73 -1.55
CA GLY D 426 -13.29 -17.48 -0.59
C GLY D 426 -11.81 -17.32 -0.87
N MET D 427 -10.98 -17.56 0.13
CA MET D 427 -9.54 -17.36 0.00
C MET D 427 -8.81 -18.34 0.90
N MET D 428 -7.54 -18.56 0.60
CA MET D 428 -6.63 -19.25 1.52
C MET D 428 -5.24 -18.64 1.33
N CYS D 429 -4.71 -18.05 2.39
CA CYS D 429 -3.32 -17.61 2.39
C CYS D 429 -2.48 -18.56 3.22
N TRP D 430 -1.21 -18.66 2.85
CA TRP D 430 -0.30 -19.64 3.42
C TRP D 430 1.11 -19.06 3.39
N SER D 431 1.69 -18.86 4.57
CA SER D 431 3.09 -18.62 4.73
C SER D 431 3.44 -19.14 6.10
N PRO D 432 4.45 -20.01 6.21
CA PRO D 432 4.68 -20.77 7.45
C PRO D 432 5.13 -19.92 8.63
N PRO D 433 5.77 -18.76 8.44
CA PRO D 433 6.12 -17.94 9.62
C PRO D 433 4.92 -17.48 10.43
N LEU D 434 4.87 -17.92 11.69
CA LEU D 434 3.81 -17.53 12.61
C LEU D 434 4.25 -16.32 13.44
N ASP D 435 3.29 -15.53 13.92
CA ASP D 435 3.63 -14.55 14.95
C ASP D 435 3.39 -15.19 16.32
N LYS D 436 3.58 -14.41 17.37
CA LYS D 436 3.62 -15.06 18.67
C LYS D 436 2.24 -15.21 19.30
N MET D 437 1.18 -15.05 18.50
CA MET D 437 -0.12 -15.61 18.85
C MET D 437 -0.48 -16.81 17.98
N GLY D 438 0.39 -17.17 17.03
CA GLY D 438 0.24 -18.40 16.27
C GLY D 438 -0.29 -18.28 14.86
N ASN D 439 -0.49 -17.06 14.35
CA ASN D 439 -1.07 -16.82 13.04
C ASN D 439 -0.01 -16.35 12.05
N SER D 440 -0.06 -16.88 10.83
CA SER D 440 0.84 -16.45 9.76
C SER D 440 0.97 -14.92 9.72
N VAL D 441 2.20 -14.44 9.75
CA VAL D 441 2.44 -13.00 9.72
C VAL D 441 1.95 -12.42 8.41
N LYS D 442 2.42 -12.96 7.28
CA LYS D 442 2.00 -12.39 6.01
C LYS D 442 0.53 -12.62 5.78
N GLY D 443 -0.01 -13.74 6.26
CA GLY D 443 -1.44 -13.97 6.18
C GLY D 443 -2.20 -12.84 6.87
N ILE D 444 -1.80 -12.52 8.10
CA ILE D 444 -2.47 -11.46 8.86
C ILE D 444 -2.31 -10.13 8.17
N HIS D 445 -1.10 -9.80 7.72
CA HIS D 445 -0.88 -8.52 7.05
C HIS D 445 -1.79 -8.39 5.84
N PHE D 446 -1.89 -9.45 5.02
CA PHE D 446 -2.73 -9.45 3.82
C PHE D 446 -4.19 -9.16 4.16
N CYS D 447 -4.72 -9.81 5.21
CA CYS D 447 -6.13 -9.60 5.51
C CYS D 447 -6.36 -8.23 6.07
N HIS D 448 -5.35 -7.63 6.68
CA HIS D 448 -5.47 -6.24 7.07
C HIS D 448 -5.52 -5.34 5.84
N ASP D 449 -4.62 -5.56 4.88
CA ASP D 449 -4.61 -4.68 3.72
C ASP D 449 -5.80 -4.92 2.82
N LEU D 450 -6.30 -6.16 2.76
CA LEU D 450 -7.46 -6.43 1.92
C LEU D 450 -8.66 -5.62 2.37
N VAL D 451 -8.91 -5.61 3.69
CA VAL D 451 -10.04 -4.84 4.20
C VAL D 451 -9.72 -3.35 4.24
N SER D 452 -8.45 -3.00 4.40
CA SER D 452 -8.08 -1.60 4.34
C SER D 452 -8.32 -1.05 2.95
N LEU D 453 -8.48 -1.93 1.95
CA LEU D 453 -8.69 -1.53 0.56
C LEU D 453 -10.12 -1.68 0.06
N CYS D 454 -10.89 -2.67 0.54
CA CYS D 454 -12.24 -2.85 0.02
C CYS D 454 -13.26 -2.96 1.15
N ASN D 455 -14.53 -2.72 0.78
CA ASN D 455 -15.58 -2.56 1.78
C ASN D 455 -16.11 -3.92 2.20
N PHE D 456 -15.17 -4.82 2.46
CA PHE D 456 -15.50 -6.20 2.79
C PHE D 456 -15.68 -6.43 4.28
N HIS D 457 -15.21 -5.50 5.14
CA HIS D 457 -15.39 -5.64 6.58
C HIS D 457 -16.85 -5.92 6.89
N ASN D 458 -17.08 -6.73 7.92
CA ASN D 458 -18.43 -7.22 8.18
C ASN D 458 -19.43 -6.09 8.35
N TYR D 459 -19.00 -4.93 8.85
CA TYR D 459 -19.91 -3.85 9.17
C TYR D 459 -19.52 -2.57 8.42
N ASP D 460 -18.87 -2.74 7.27
CA ASP D 460 -18.80 -1.70 6.25
C ASP D 460 -20.18 -1.52 5.64
N ASN D 461 -20.42 -0.34 5.06
CA ASN D 461 -21.69 -0.06 4.40
C ASN D 461 -21.55 -0.25 2.90
N LEU D 462 -22.56 -0.82 2.29
CA LEU D 462 -22.46 -1.09 0.86
C LEU D 462 -22.79 0.12 0.00
N ARG D 463 -23.21 1.21 0.62
CA ARG D 463 -23.62 2.43 -0.09
C ARG D 463 -22.70 3.61 0.21
N HIS D 464 -22.39 3.85 1.49
CA HIS D 464 -21.51 4.95 1.87
C HIS D 464 -20.29 4.35 2.56
N PHE D 465 -19.16 4.31 1.86
CA PHE D 465 -18.00 3.63 2.40
C PHE D 465 -16.72 4.41 2.12
N ALA D 466 -16.82 5.73 2.09
CA ALA D 466 -15.66 6.63 2.08
C ALA D 466 -14.88 6.37 0.79
N LYS D 467 -13.55 6.18 0.85
CA LYS D 467 -12.75 5.97 -0.35
C LYS D 467 -12.27 4.53 -0.46
N LYS D 468 -12.98 3.62 0.21
CA LYS D 468 -12.69 2.21 -0.01
C LYS D 468 -13.22 1.80 -1.38
N LEU D 469 -12.70 0.70 -1.89
CA LEU D 469 -13.13 0.19 -3.18
C LEU D 469 -14.09 -0.97 -2.98
N ASP D 470 -14.98 -1.14 -3.95
CA ASP D 470 -15.99 -2.21 -3.93
C ASP D 470 -15.90 -3.00 -5.23
N PRO D 471 -15.17 -4.12 -5.23
CA PRO D 471 -15.04 -4.92 -6.46
C PRO D 471 -16.35 -5.43 -7.02
N ARG D 472 -17.44 -5.32 -6.26
CA ARG D 472 -18.74 -5.80 -6.71
C ARG D 472 -19.39 -4.89 -7.74
N ARG D 473 -18.82 -3.73 -8.03
CA ARG D 473 -19.55 -2.75 -8.80
C ARG D 473 -18.73 -2.32 -10.02
N GLU D 474 -19.42 -1.68 -10.98
CA GLU D 474 -18.87 -1.49 -12.33
C GLU D 474 -17.97 -0.25 -12.45
N GLY D 475 -18.54 0.93 -12.26
CA GLY D 475 -17.78 2.16 -12.43
C GLY D 475 -17.89 3.13 -11.27
N1 QAJ E . -14.97 -6.18 41.88
N3 QAJ E . -11.18 -5.21 38.10
C4 QAJ E . -13.27 -6.01 40.09
C5 QAJ E . -12.31 -5.03 40.80
C6 QAJ E . -10.50 -5.45 39.24
C7 QAJ E . -9.28 -5.91 37.04
C8 QAJ E . -7.15 -6.87 36.13
C10 QAJ E . -6.37 -8.53 34.67
C13 QAJ E . -6.61 -11.21 34.02
C15 QAJ E . -15.00 -7.54 42.39
C17 QAJ E . -17.16 -11.85 43.19
C20 QAJ E . -16.53 -14.94 41.61
C21 QAJ E . -15.49 -15.79 41.23
C22 QAJ E . -14.38 -15.94 42.08
C1 QAJ E . -12.61 -5.39 42.21
C11 QAJ E . -7.48 -8.98 33.94
C12 QAJ E . -7.60 -10.32 33.60
C14 QAJ E . -5.44 -9.49 35.07
C16 QAJ E . -15.36 -10.06 43.02
C18 QAJ E . -17.58 -13.32 43.23
C19 QAJ E . -16.47 -14.25 42.81
C2 QAJ E . -14.11 -5.21 42.57
C23 QAJ E . -15.31 -14.46 43.61
C3 QAJ E . -14.75 -5.85 40.49
C9 QAJ E . -6.21 -7.15 35.04
N10 QAJ E . -14.30 -15.27 43.26
N2 QAJ E . -10.94 -5.29 40.50
N4 QAJ E . -10.53 -5.44 36.95
N5 QAJ E . -8.39 -6.18 35.96
N6 QAJ E . -5.53 -10.80 34.75
N7 QAJ E . -14.44 -8.01 43.51
N8 QAJ E . -14.61 -9.30 43.86
N9 QAJ E . -15.75 -11.42 43.07
O1 QAJ E . -6.86 -7.29 37.20
O2 QAJ E . -18.05 -11.01 43.25
S1 QAJ E . -8.86 -6.03 38.82
S2 QAJ E . -15.90 -8.94 41.66
N1 QAJ F . -5.29 -25.75 32.95
N3 QAJ F . -10.68 -26.38 32.90
C4 QAJ F . -7.60 -25.57 33.67
C5 QAJ F . -7.93 -27.05 33.76
C6 QAJ F . -10.23 -26.58 34.15
C7 QAJ F . -12.36 -25.20 33.87
C8 QAJ F . -14.51 -24.49 35.02
C10 QAJ F . -16.14 -22.77 36.32
C13 QAJ F . -16.24 -21.15 38.48
C15 QAJ F . -4.57 -24.97 33.81
C17 QAJ F . -1.81 -21.04 35.08
C20 QAJ F . -1.41 -17.88 34.45
C21 QAJ F . -2.45 -16.87 34.25
C22 QAJ F . -3.83 -16.86 34.93
C1 QAJ F . -6.64 -27.51 34.35
C11 QAJ F . -17.08 -21.73 36.37
C12 QAJ F . -17.14 -20.91 37.47
C14 QAJ F . -15.34 -22.88 37.41
C16 QAJ F . -3.08 -23.32 35.17
C18 QAJ F . -0.91 -19.90 35.62
C19 QAJ F . -1.69 -18.86 35.33
C2 QAJ F . -5.46 -27.21 33.35
C23 QAJ F . -2.95 -18.91 35.92
C3 QAJ F . -6.60 -25.33 32.57
C9 QAJ F . -15.95 -23.77 35.16
N10 QAJ F . -4.02 -17.97 35.85
N2 QAJ F . -9.10 -27.24 34.55
N4 QAJ F . -11.78 -25.70 32.77
N5 QAJ F . -13.60 -24.45 33.90
N6 QAJ F . -15.35 -22.08 38.42
N7 QAJ F . -4.42 -25.19 35.10
N8 QAJ F . -3.66 -24.35 35.81
N9 QAJ F . -2.24 -22.28 35.72
O1 QAJ F . -14.14 -25.15 35.95
O2 QAJ F . -2.21 -20.91 33.98
S1 QAJ F . -11.35 -25.74 35.29
S2 QAJ F . -3.63 -23.47 33.39
#